data_4KZG
#
_entry.id   4KZG
#
_cell.length_a   156.665
_cell.length_b   156.665
_cell.length_c   221.251
_cell.angle_alpha   90.00
_cell.angle_beta   90.00
_cell.angle_gamma   120.00
#
_symmetry.space_group_name_H-M   'P 32 2 1'
#
loop_
_entity.id
_entity.type
_entity.pdbx_description
1 polymer Zgc:86716
2 water water
#
_entity_poly.entity_id   1
_entity_poly.type   'polypeptide(L)'
_entity_poly.pdbx_seq_one_letter_code
;GAMAPADIVKNLKDNMTILEKQDISDKKAEKASEEVSKSLLSMKEILYGTNEKEPQTEAVAQLAQELYNSGLLSTLVADL
QLIDFEGKKDVAQIFNDILRRQIGTRTPTVEYLCTQQNILFMLLKGYESPDIALNCGIMLRECIRHEPLAKITLCSEQFY
DFFRYVEMSTFDIASDAFATFKDLLTRHKVLSAEFLEQHYDRFFSEYEKLLHSENYVTKRQSLKLLGELLLDRHNFTIMT
KYISKPENLKLMMNLLRDKSRNIQFEAFHVFKVFVANPNKTPPILDILLKNQTKLIEFLSKFQNDRAEDEQFSDEKTYLI
KQIRDLK
;
_entity_poly.pdbx_strand_id   A,B,C,D,E,F,G,H
#
# COMPACT_ATOMS: atom_id res chain seq x y z
N ALA A 2 11.91 -38.33 13.42
CA ALA A 2 11.30 -38.20 12.10
C ALA A 2 11.86 -37.00 11.32
N MET A 3 13.01 -37.11 10.62
CA MET A 3 13.94 -38.24 10.45
C MET A 3 13.39 -39.44 9.65
N ALA A 4 14.05 -39.72 8.53
CA ALA A 4 13.72 -40.81 7.60
C ALA A 4 12.44 -40.51 6.82
N PRO A 5 12.46 -40.78 5.50
CA PRO A 5 11.40 -40.43 4.55
C PRO A 5 10.00 -40.91 4.91
N ALA A 6 9.86 -42.15 5.35
CA ALA A 6 8.54 -42.70 5.67
C ALA A 6 7.81 -41.91 6.76
N ASP A 7 8.56 -41.46 7.77
CA ASP A 7 7.97 -40.69 8.86
C ASP A 7 7.60 -39.27 8.45
N ILE A 8 8.43 -38.66 7.60
CA ILE A 8 8.17 -37.30 7.12
C ILE A 8 6.91 -37.26 6.27
N VAL A 9 6.76 -38.25 5.40
CA VAL A 9 5.61 -38.36 4.54
C VAL A 9 4.33 -38.54 5.35
N LYS A 10 4.38 -39.38 6.38
CA LYS A 10 3.20 -39.64 7.21
C LYS A 10 2.83 -38.40 8.00
N ASN A 11 3.84 -37.67 8.47
CA ASN A 11 3.57 -36.44 9.21
C ASN A 11 2.96 -35.37 8.31
N LEU A 12 3.39 -35.35 7.06
CA LEU A 12 2.82 -34.44 6.07
C LEU A 12 1.42 -34.88 5.68
N LYS A 13 1.24 -36.17 5.47
CA LYS A 13 -0.07 -36.74 5.15
C LYS A 13 -1.10 -36.42 6.22
N ASP A 14 -0.76 -36.71 7.47
CA ASP A 14 -1.67 -36.55 8.59
C ASP A 14 -2.11 -35.10 8.82
N ASN A 15 -1.19 -34.16 8.60
CA ASN A 15 -1.48 -32.75 8.84
C ASN A 15 -2.29 -32.13 7.71
N MET A 16 -2.08 -32.61 6.49
CA MET A 16 -2.86 -32.13 5.37
C MET A 16 -4.32 -32.53 5.59
N THR A 17 -4.53 -33.72 6.13
CA THR A 17 -5.87 -34.20 6.48
C THR A 17 -6.56 -33.25 7.44
N ILE A 18 -5.84 -32.87 8.49
CA ILE A 18 -6.34 -31.94 9.50
C ILE A 18 -6.77 -30.64 8.83
N LEU A 19 -6.02 -30.23 7.83
CA LEU A 19 -6.30 -29.00 7.09
C LEU A 19 -7.52 -29.14 6.19
N GLU A 20 -7.88 -30.37 5.83
CA GLU A 20 -9.02 -30.60 4.94
C GLU A 20 -10.36 -30.41 5.65
N LYS A 21 -10.33 -30.51 6.97
CA LYS A 21 -11.51 -30.27 7.82
C LYS A 21 -12.37 -29.10 7.35
N ASP A 26 -10.76 -22.45 12.47
CA ASP A 26 -10.26 -23.02 13.70
C ASP A 26 -9.02 -22.25 14.20
N LYS A 27 -8.21 -22.94 14.99
CA LYS A 27 -6.96 -22.40 15.53
C LYS A 27 -5.90 -23.50 15.52
N LYS A 28 -6.38 -24.73 15.47
CA LYS A 28 -5.53 -25.93 15.41
C LYS A 28 -4.91 -26.07 14.02
N ALA A 29 -5.41 -25.28 13.08
CA ALA A 29 -4.94 -25.30 11.71
C ALA A 29 -3.53 -24.70 11.59
N GLU A 30 -3.23 -23.71 12.41
CA GLU A 30 -1.92 -23.04 12.36
C GLU A 30 -0.78 -24.00 12.68
N LYS A 31 -0.95 -24.84 13.69
CA LYS A 31 0.09 -25.78 14.08
C LYS A 31 0.26 -26.85 13.00
N ALA A 32 -0.82 -27.12 12.28
CA ALA A 32 -0.78 -28.09 11.19
C ALA A 32 0.00 -27.53 10.01
N SER A 33 -0.26 -26.27 9.67
CA SER A 33 0.47 -25.59 8.62
C SER A 33 1.94 -25.50 8.98
N GLU A 34 2.22 -25.28 10.26
CA GLU A 34 3.59 -25.22 10.75
C GLU A 34 4.25 -26.59 10.57
N GLU A 35 3.49 -27.64 10.79
CA GLU A 35 4.01 -29.00 10.67
C GLU A 35 4.05 -29.45 9.21
N VAL A 36 3.22 -28.83 8.38
CA VAL A 36 3.24 -29.07 6.94
C VAL A 36 4.52 -28.49 6.36
N SER A 37 4.78 -27.24 6.72
CA SER A 37 5.99 -26.54 6.28
C SER A 37 7.25 -27.22 6.81
N LYS A 38 7.20 -27.64 8.06
CA LYS A 38 8.31 -28.37 8.68
C LYS A 38 8.63 -29.66 7.92
N SER A 39 7.59 -30.32 7.40
CA SER A 39 7.77 -31.56 6.66
C SER A 39 8.26 -31.34 5.24
N LEU A 40 7.76 -30.27 4.61
CA LEU A 40 8.18 -29.91 3.26
C LEU A 40 9.63 -29.46 3.21
N LEU A 41 10.07 -28.79 4.27
CA LEU A 41 11.47 -28.34 4.33
C LEU A 41 12.42 -29.52 4.44
N SER A 42 12.03 -30.55 5.20
CA SER A 42 12.87 -31.72 5.35
C SER A 42 12.82 -32.59 4.10
N MET A 43 11.72 -32.49 3.37
CA MET A 43 11.58 -33.24 2.14
C MET A 43 12.53 -32.68 1.07
N LYS A 44 12.66 -31.36 0.99
CA LYS A 44 13.63 -30.78 0.08
C LYS A 44 15.04 -31.15 0.55
N GLU A 45 15.25 -31.07 1.87
CA GLU A 45 16.53 -31.42 2.48
C GLU A 45 16.98 -32.83 2.10
N ILE A 46 16.04 -33.76 2.05
CA ILE A 46 16.32 -35.14 1.69
C ILE A 46 16.81 -35.23 0.25
N LEU A 47 16.14 -34.51 -0.63
CA LEU A 47 16.45 -34.56 -2.05
C LEU A 47 17.85 -34.03 -2.29
N TYR A 48 18.28 -33.08 -1.46
CA TYR A 48 19.59 -32.49 -1.63
C TYR A 48 20.42 -32.96 -0.43
N GLY A 49 20.74 -32.09 0.51
CA GLY A 49 21.45 -32.57 1.69
C GLY A 49 22.67 -31.79 2.15
N THR A 50 22.49 -30.80 3.02
CA THR A 50 23.64 -30.08 3.56
C THR A 50 24.36 -30.93 4.61
N GLN A 56 21.95 -38.33 0.28
CA GLN A 56 21.94 -39.79 0.30
C GLN A 56 20.99 -40.34 -0.75
N THR A 57 21.52 -41.13 -1.67
CA THR A 57 20.78 -41.60 -2.85
C THR A 57 19.53 -42.43 -2.55
N GLU A 58 19.65 -43.41 -1.66
CA GLU A 58 18.53 -44.32 -1.40
C GLU A 58 17.43 -43.69 -0.56
N ALA A 59 17.79 -42.69 0.24
CA ALA A 59 16.80 -41.96 1.00
C ALA A 59 15.89 -41.21 0.04
N VAL A 60 16.47 -40.72 -1.05
CA VAL A 60 15.71 -40.09 -2.11
C VAL A 60 14.85 -41.14 -2.80
N ALA A 61 15.40 -42.34 -2.99
CA ALA A 61 14.66 -43.45 -3.57
C ALA A 61 13.53 -43.91 -2.65
N GLN A 62 13.75 -43.80 -1.34
CA GLN A 62 12.72 -44.16 -0.37
C GLN A 62 11.63 -43.12 -0.30
N LEU A 63 12.04 -41.85 -0.29
CA LEU A 63 11.09 -40.74 -0.25
C LEU A 63 10.18 -40.86 -1.46
N ALA A 64 10.77 -41.14 -2.61
CA ALA A 64 10.03 -41.37 -3.84
C ALA A 64 8.99 -42.48 -3.67
N GLN A 65 9.43 -43.63 -3.14
CA GLN A 65 8.54 -44.77 -2.95
C GLN A 65 7.41 -44.46 -1.98
N GLU A 66 7.74 -43.75 -0.90
CA GLU A 66 6.75 -43.41 0.11
C GLU A 66 5.72 -42.40 -0.38
N LEU A 67 6.14 -41.48 -1.26
CA LEU A 67 5.22 -40.52 -1.83
C LEU A 67 4.19 -41.22 -2.73
N TYR A 68 4.63 -42.26 -3.43
CA TYR A 68 3.72 -43.05 -4.25
C TYR A 68 2.66 -43.74 -3.39
N ASN A 69 3.13 -44.50 -2.39
CA ASN A 69 2.25 -45.33 -1.57
C ASN A 69 1.24 -44.51 -0.78
N SER A 70 1.68 -43.35 -0.31
CA SER A 70 0.84 -42.52 0.55
C SER A 70 -0.19 -41.76 -0.25
N GLY A 71 -0.04 -41.72 -1.57
CA GLY A 71 -0.90 -40.93 -2.42
C GLY A 71 -0.74 -39.45 -2.13
N LEU A 72 0.35 -39.09 -1.47
CA LEU A 72 0.55 -37.73 -0.99
C LEU A 72 0.78 -36.78 -2.15
N LEU A 73 1.25 -37.30 -3.27
CA LEU A 73 1.41 -36.50 -4.48
C LEU A 73 0.04 -36.03 -4.95
N SER A 74 -0.98 -36.87 -4.74
CA SER A 74 -2.35 -36.55 -5.10
C SER A 74 -3.02 -35.62 -4.10
N THR A 75 -2.72 -35.82 -2.82
CA THR A 75 -3.27 -34.98 -1.76
C THR A 75 -2.77 -33.54 -1.89
N LEU A 76 -1.47 -33.41 -2.12
CA LEU A 76 -0.82 -32.11 -2.19
C LEU A 76 -1.31 -31.28 -3.38
N VAL A 77 -1.73 -31.95 -4.45
CA VAL A 77 -2.31 -31.25 -5.59
C VAL A 77 -3.78 -30.97 -5.31
N ALA A 78 -4.45 -31.91 -4.67
CA ALA A 78 -5.88 -31.77 -4.35
C ALA A 78 -6.09 -30.72 -3.28
N ASP A 79 -5.15 -30.61 -2.34
CA ASP A 79 -5.26 -29.65 -1.25
C ASP A 79 -4.27 -28.50 -1.37
N LEU A 80 -3.89 -28.14 -2.59
CA LEU A 80 -2.86 -27.13 -2.80
C LEU A 80 -3.25 -25.77 -2.22
N GLN A 81 -4.55 -25.45 -2.25
CA GLN A 81 -5.03 -24.18 -1.72
C GLN A 81 -4.95 -24.10 -0.19
N LEU A 82 -4.65 -25.23 0.45
CA LEU A 82 -4.61 -25.27 1.91
C LEU A 82 -3.22 -24.95 2.42
N ILE A 83 -2.24 -24.97 1.51
CA ILE A 83 -0.85 -24.72 1.86
C ILE A 83 -0.48 -23.26 1.57
N ASP A 84 0.45 -22.69 2.35
CA ASP A 84 0.81 -21.29 2.17
C ASP A 84 1.66 -21.03 0.91
N PHE A 85 1.93 -19.75 0.65
CA PHE A 85 2.65 -19.31 -0.54
C PHE A 85 4.00 -20.00 -0.71
N GLU A 86 4.84 -19.94 0.33
CA GLU A 86 6.15 -20.56 0.27
C GLU A 86 6.03 -22.09 0.19
N GLY A 87 4.95 -22.61 0.77
CA GLY A 87 4.69 -24.04 0.76
C GLY A 87 4.26 -24.61 -0.58
N LYS A 88 3.37 -23.88 -1.27
CA LYS A 88 2.91 -24.28 -2.60
C LYS A 88 4.08 -24.48 -3.56
N LYS A 89 5.08 -23.61 -3.47
CA LYS A 89 6.25 -23.69 -4.33
C LYS A 89 7.16 -24.87 -3.96
N ASP A 90 7.19 -25.21 -2.67
CA ASP A 90 7.97 -26.35 -2.23
C ASP A 90 7.35 -27.62 -2.77
N VAL A 91 6.02 -27.65 -2.81
CA VAL A 91 5.29 -28.76 -3.39
C VAL A 91 5.63 -28.86 -4.87
N ALA A 92 5.67 -27.72 -5.54
CA ALA A 92 6.01 -27.67 -6.95
C ALA A 92 7.43 -28.18 -7.21
N GLN A 93 8.38 -27.73 -6.39
CA GLN A 93 9.77 -28.16 -6.56
C GLN A 93 9.98 -29.65 -6.33
N ILE A 94 9.44 -30.15 -5.21
CA ILE A 94 9.58 -31.56 -4.87
C ILE A 94 8.92 -32.46 -5.89
N PHE A 95 7.67 -32.13 -6.24
CA PHE A 95 6.94 -32.80 -7.31
C PHE A 95 7.83 -32.91 -8.56
N ASN A 96 8.40 -31.77 -8.96
CA ASN A 96 9.18 -31.70 -10.19
C ASN A 96 10.50 -32.48 -10.12
N ASP A 97 11.05 -32.63 -8.92
CA ASP A 97 12.26 -33.45 -8.74
C ASP A 97 11.95 -34.91 -8.92
N ILE A 98 10.96 -35.38 -8.16
CA ILE A 98 10.53 -36.76 -8.18
C ILE A 98 10.07 -37.19 -9.57
N LEU A 99 9.53 -36.22 -10.32
CA LEU A 99 9.05 -36.47 -11.66
C LEU A 99 10.18 -36.91 -12.60
N ARG A 100 11.38 -36.35 -12.40
CA ARG A 100 12.51 -36.64 -13.28
C ARG A 100 13.36 -37.82 -12.79
N ARG A 101 13.02 -38.39 -11.64
CA ARG A 101 13.79 -39.50 -11.07
C ARG A 101 13.84 -40.69 -12.03
N GLN A 102 15.02 -41.29 -12.16
CA GLN A 102 15.19 -42.40 -13.09
C GLN A 102 15.72 -43.67 -12.43
N ILE A 103 15.24 -44.82 -12.91
CA ILE A 103 15.83 -46.10 -12.60
C ILE A 103 16.13 -46.79 -13.94
N GLY A 104 17.31 -46.50 -14.48
CA GLY A 104 17.66 -46.94 -15.82
C GLY A 104 16.90 -46.17 -16.88
N THR A 105 16.36 -46.88 -17.86
CA THR A 105 15.59 -46.26 -18.92
C THR A 105 14.12 -46.14 -18.50
N ARG A 106 13.87 -46.26 -17.20
CA ARG A 106 12.52 -46.19 -16.67
C ARG A 106 12.33 -44.88 -15.93
N THR A 107 11.13 -44.31 -16.03
CA THR A 107 10.77 -43.12 -15.27
C THR A 107 9.51 -43.40 -14.45
N PRO A 108 9.71 -43.95 -13.24
CA PRO A 108 8.69 -44.46 -12.30
C PRO A 108 7.53 -43.51 -12.02
N THR A 109 7.81 -42.22 -11.83
CA THR A 109 6.77 -41.26 -11.49
C THR A 109 5.78 -41.13 -12.65
N VAL A 110 6.30 -41.21 -13.87
CA VAL A 110 5.46 -41.19 -15.06
C VAL A 110 4.61 -42.45 -15.10
N GLU A 111 5.23 -43.58 -14.80
CA GLU A 111 4.54 -44.86 -14.72
C GLU A 111 3.48 -44.82 -13.64
N TYR A 112 3.82 -44.16 -12.53
CA TYR A 112 2.91 -43.98 -11.41
C TYR A 112 1.73 -43.10 -11.79
N LEU A 113 2.02 -41.98 -12.45
CA LEU A 113 0.99 -41.00 -12.81
C LEU A 113 -0.01 -41.54 -13.84
N CYS A 114 0.37 -42.55 -14.59
CA CYS A 114 -0.51 -43.14 -15.59
C CYS A 114 -1.61 -43.96 -14.93
N THR A 115 -1.36 -44.38 -13.70
CA THR A 115 -2.34 -45.10 -12.90
C THR A 115 -3.01 -44.15 -11.91
N GLN A 116 -2.57 -42.90 -11.92
CA GLN A 116 -3.06 -41.87 -11.00
C GLN A 116 -3.33 -40.58 -11.77
N GLN A 117 -4.19 -40.69 -12.79
CA GLN A 117 -4.35 -39.63 -13.77
C GLN A 117 -5.13 -38.43 -13.26
N ASN A 118 -5.83 -38.59 -12.14
CA ASN A 118 -6.61 -37.49 -11.60
C ASN A 118 -5.73 -36.34 -11.16
N ILE A 119 -4.47 -36.65 -10.86
CA ILE A 119 -3.47 -35.65 -10.54
C ILE A 119 -3.30 -34.66 -11.69
N LEU A 120 -3.22 -35.20 -12.90
CA LEU A 120 -3.07 -34.38 -14.10
C LEU A 120 -4.32 -33.53 -14.33
N PHE A 121 -5.49 -34.14 -14.13
CA PHE A 121 -6.75 -33.44 -14.33
C PHE A 121 -6.98 -32.36 -13.26
N MET A 122 -6.46 -32.58 -12.06
CA MET A 122 -6.56 -31.58 -11.00
C MET A 122 -5.40 -30.60 -11.06
N LEU A 123 -4.70 -30.60 -12.18
CA LEU A 123 -3.61 -29.66 -12.39
C LEU A 123 -4.02 -28.72 -13.48
N LEU A 124 -4.74 -29.27 -14.45
CA LEU A 124 -5.33 -28.49 -15.52
C LEU A 124 -6.49 -27.67 -15.01
N LYS A 125 -7.25 -28.26 -14.09
CA LYS A 125 -8.41 -27.59 -13.52
C LYS A 125 -7.96 -26.47 -12.56
N GLY A 126 -6.71 -26.53 -12.14
CA GLY A 126 -6.17 -25.52 -11.24
C GLY A 126 -6.07 -24.12 -11.82
N TYR A 127 -6.18 -24.00 -13.14
CA TYR A 127 -6.12 -22.69 -13.79
C TYR A 127 -7.33 -21.83 -13.46
N GLU A 128 -8.37 -22.46 -12.91
CA GLU A 128 -9.60 -21.75 -12.56
C GLU A 128 -9.55 -21.32 -11.10
N SER A 129 -8.39 -21.49 -10.47
CA SER A 129 -8.19 -21.10 -9.08
C SER A 129 -6.95 -20.24 -9.00
N PRO A 130 -7.14 -18.90 -9.03
CA PRO A 130 -6.07 -17.90 -9.12
C PRO A 130 -4.98 -18.05 -8.06
N ASP A 131 -5.30 -18.62 -6.90
CA ASP A 131 -4.29 -18.76 -5.85
C ASP A 131 -3.32 -19.92 -6.12
N ILE A 132 -3.69 -20.81 -7.04
CA ILE A 132 -2.86 -22.00 -7.32
C ILE A 132 -2.63 -22.23 -8.81
N ALA A 133 -3.26 -21.41 -9.65
CA ALA A 133 -3.17 -21.57 -11.10
C ALA A 133 -1.73 -21.63 -11.60
N LEU A 134 -0.92 -20.65 -11.22
CA LEU A 134 0.47 -20.59 -11.66
C LEU A 134 1.27 -21.79 -11.17
N ASN A 135 0.96 -22.26 -9.97
CA ASN A 135 1.61 -23.43 -9.41
C ASN A 135 1.30 -24.69 -10.20
N CYS A 136 0.01 -24.91 -10.46
CA CYS A 136 -0.46 -26.06 -11.21
C CYS A 136 0.14 -26.08 -12.61
N GLY A 137 0.14 -24.92 -13.27
CA GLY A 137 0.71 -24.80 -14.59
C GLY A 137 2.18 -25.17 -14.64
N ILE A 138 2.91 -24.80 -13.61
CA ILE A 138 4.33 -25.09 -13.52
C ILE A 138 4.57 -26.60 -13.41
N MET A 139 3.79 -27.28 -12.57
CA MET A 139 3.93 -28.73 -12.43
C MET A 139 3.43 -29.45 -13.69
N LEU A 140 2.38 -28.92 -14.31
CA LEU A 140 1.80 -29.52 -15.51
C LEU A 140 2.73 -29.49 -16.72
N ARG A 141 3.45 -28.38 -16.92
CA ARG A 141 4.37 -28.30 -18.05
C ARG A 141 5.49 -29.31 -17.85
N GLU A 142 5.82 -29.59 -16.60
CA GLU A 142 6.82 -30.59 -16.27
C GLU A 142 6.35 -32.02 -16.50
N CYS A 143 5.08 -32.27 -16.20
CA CYS A 143 4.49 -33.59 -16.46
C CYS A 143 4.45 -33.94 -17.93
N ILE A 144 3.93 -33.00 -18.72
CA ILE A 144 3.71 -33.20 -20.14
C ILE A 144 5.00 -33.22 -20.95
N ARG A 145 6.14 -32.98 -20.30
CA ARG A 145 7.44 -33.18 -20.93
C ARG A 145 7.57 -34.64 -21.34
N HIS A 146 6.90 -35.50 -20.58
CA HIS A 146 6.88 -36.93 -20.85
C HIS A 146 5.67 -37.24 -21.71
N GLU A 147 5.87 -38.03 -22.76
CA GLU A 147 4.83 -38.27 -23.75
C GLU A 147 3.57 -38.96 -23.22
N PRO A 148 3.71 -39.99 -22.36
CA PRO A 148 2.47 -40.60 -21.88
C PRO A 148 1.57 -39.63 -21.13
N LEU A 149 2.19 -38.72 -20.39
CA LEU A 149 1.46 -37.72 -19.64
C LEU A 149 0.90 -36.63 -20.55
N ALA A 150 1.64 -36.30 -21.60
CA ALA A 150 1.16 -35.32 -22.57
C ALA A 150 -0.05 -35.86 -23.35
N LYS A 151 -0.01 -37.15 -23.69
CA LYS A 151 -1.11 -37.80 -24.40
C LYS A 151 -2.42 -37.71 -23.62
N ILE A 152 -2.37 -38.12 -22.35
CA ILE A 152 -3.53 -38.08 -21.46
C ILE A 152 -4.14 -36.68 -21.41
N THR A 153 -3.28 -35.68 -21.28
CA THR A 153 -3.71 -34.29 -21.16
C THR A 153 -4.32 -33.82 -22.48
N LEU A 154 -3.57 -33.97 -23.56
CA LEU A 154 -4.00 -33.51 -24.88
C LEU A 154 -5.29 -34.19 -25.36
N CYS A 155 -5.44 -35.47 -25.08
CA CYS A 155 -6.52 -36.25 -25.66
C CYS A 155 -7.74 -36.25 -24.76
N SER A 156 -7.63 -35.59 -23.61
CA SER A 156 -8.77 -35.41 -22.73
C SER A 156 -9.71 -34.37 -23.32
N GLU A 157 -10.99 -34.46 -22.99
CA GLU A 157 -11.98 -33.50 -23.49
C GLU A 157 -11.70 -32.15 -22.83
N GLN A 158 -11.00 -32.19 -21.70
CA GLN A 158 -10.72 -31.01 -20.90
C GLN A 158 -9.57 -30.21 -21.48
N PHE A 159 -8.93 -30.74 -22.53
CA PHE A 159 -7.91 -29.99 -23.23
C PHE A 159 -8.49 -28.69 -23.81
N TYR A 160 -9.74 -28.75 -24.26
CA TYR A 160 -10.38 -27.60 -24.88
C TYR A 160 -10.68 -26.48 -23.88
N ASP A 161 -10.53 -26.78 -22.60
CA ASP A 161 -10.63 -25.76 -21.57
C ASP A 161 -9.50 -24.73 -21.71
N PHE A 162 -8.40 -25.14 -22.33
CA PHE A 162 -7.27 -24.26 -22.56
C PHE A 162 -7.68 -23.01 -23.34
N PHE A 163 -8.53 -23.18 -24.34
CA PHE A 163 -9.03 -22.06 -25.14
C PHE A 163 -9.74 -21.03 -24.26
N ARG A 164 -10.38 -21.52 -23.20
CA ARG A 164 -11.03 -20.66 -22.22
C ARG A 164 -10.00 -20.01 -21.30
N TYR A 165 -8.98 -20.78 -20.93
CA TYR A 165 -7.99 -20.32 -19.95
C TYR A 165 -7.12 -19.17 -20.47
N VAL A 166 -6.88 -19.15 -21.78
CA VAL A 166 -6.02 -18.12 -22.37
C VAL A 166 -6.80 -16.84 -22.67
N GLU A 167 -8.12 -16.95 -22.75
CA GLU A 167 -8.95 -15.79 -23.03
C GLU A 167 -9.37 -15.13 -21.73
N MET A 168 -8.76 -15.55 -20.64
CA MET A 168 -9.08 -15.04 -19.30
C MET A 168 -8.75 -13.56 -19.22
N SER A 169 -9.15 -12.93 -18.12
CA SER A 169 -8.94 -11.50 -17.95
C SER A 169 -7.74 -11.30 -17.04
N THR A 170 -7.14 -12.42 -16.64
CA THR A 170 -5.94 -12.41 -15.83
C THR A 170 -4.77 -12.69 -16.77
N PHE A 171 -4.10 -11.64 -17.24
CA PHE A 171 -3.13 -11.81 -18.32
C PHE A 171 -1.79 -12.43 -17.91
N ASP A 172 -1.69 -12.92 -16.69
CA ASP A 172 -0.50 -13.67 -16.30
C ASP A 172 -0.85 -15.15 -16.23
N ILE A 173 -2.10 -15.41 -15.82
CA ILE A 173 -2.63 -16.77 -15.82
C ILE A 173 -2.89 -17.22 -17.26
N ALA A 174 -3.55 -16.35 -18.02
CA ALA A 174 -3.84 -16.64 -19.41
C ALA A 174 -2.56 -16.89 -20.21
N SER A 175 -1.54 -16.06 -19.94
CA SER A 175 -0.24 -16.20 -20.59
C SER A 175 0.46 -17.49 -20.21
N ASP A 176 0.26 -17.94 -18.97
CA ASP A 176 0.92 -19.15 -18.49
C ASP A 176 0.23 -20.37 -19.10
N ALA A 177 -1.09 -20.30 -19.18
CA ALA A 177 -1.87 -21.36 -19.81
C ALA A 177 -1.45 -21.56 -21.26
N PHE A 178 -1.05 -20.48 -21.93
CA PHE A 178 -0.66 -20.58 -23.33
C PHE A 178 0.67 -21.30 -23.47
N ALA A 179 1.56 -21.13 -22.49
CA ALA A 179 2.84 -21.82 -22.51
C ALA A 179 2.62 -23.34 -22.49
N THR A 180 1.61 -23.76 -21.73
CA THR A 180 1.26 -25.17 -21.61
C THR A 180 0.50 -25.63 -22.86
N PHE A 181 -0.49 -24.85 -23.27
CA PHE A 181 -1.23 -25.06 -24.51
C PHE A 181 -0.26 -25.23 -25.69
N LYS A 182 0.70 -24.32 -25.79
CA LYS A 182 1.71 -24.31 -26.84
C LYS A 182 2.63 -25.52 -26.83
N ASP A 183 3.07 -25.92 -25.64
CA ASP A 183 3.99 -27.03 -25.51
C ASP A 183 3.34 -28.33 -25.94
N LEU A 184 2.12 -28.54 -25.47
CA LEU A 184 1.33 -29.72 -25.79
C LEU A 184 1.19 -29.94 -27.30
N LEU A 185 1.10 -28.85 -28.05
CA LEU A 185 0.92 -28.91 -29.49
C LEU A 185 2.22 -29.02 -30.27
N THR A 186 3.37 -28.87 -29.59
CA THR A 186 4.65 -28.80 -30.28
C THR A 186 5.77 -29.74 -29.79
N ARG A 187 5.78 -30.09 -28.51
CA ARG A 187 6.91 -30.89 -27.98
C ARG A 187 6.95 -32.30 -28.57
N HIS A 188 5.85 -33.02 -28.45
CA HIS A 188 5.77 -34.37 -28.99
C HIS A 188 5.07 -34.32 -30.34
N LYS A 189 5.88 -34.22 -31.40
CA LYS A 189 5.39 -33.94 -32.75
C LYS A 189 4.35 -34.93 -33.27
N VAL A 190 4.64 -36.22 -33.19
CA VAL A 190 3.76 -37.25 -33.73
C VAL A 190 2.43 -37.32 -33.02
N LEU A 191 2.49 -37.29 -31.69
CA LEU A 191 1.29 -37.28 -30.86
C LEU A 191 0.46 -36.07 -31.23
N SER A 192 1.11 -34.92 -31.33
CA SER A 192 0.44 -33.67 -31.71
C SER A 192 -0.13 -33.69 -33.13
N ALA A 193 0.57 -34.35 -34.05
CA ALA A 193 0.14 -34.38 -35.44
C ALA A 193 -1.07 -35.29 -35.62
N GLU A 194 -1.07 -36.42 -34.92
CA GLU A 194 -2.18 -37.35 -34.95
C GLU A 194 -3.43 -36.68 -34.38
N PHE A 195 -3.25 -35.92 -33.31
CA PHE A 195 -4.36 -35.22 -32.66
C PHE A 195 -5.02 -34.22 -33.61
N LEU A 196 -4.20 -33.43 -34.28
CA LEU A 196 -4.69 -32.36 -35.13
C LEU A 196 -5.44 -32.90 -36.35
N GLU A 197 -4.93 -33.97 -36.94
CA GLU A 197 -5.57 -34.57 -38.10
C GLU A 197 -6.92 -35.16 -37.71
N GLN A 198 -6.96 -35.89 -36.59
CA GLN A 198 -8.18 -36.53 -36.15
C GLN A 198 -9.21 -35.53 -35.61
N HIS A 199 -8.73 -34.45 -35.01
CA HIS A 199 -9.62 -33.48 -34.39
C HIS A 199 -9.52 -32.11 -35.04
N TYR A 200 -9.27 -32.10 -36.35
CA TYR A 200 -9.11 -30.87 -37.12
C TYR A 200 -10.25 -29.87 -36.98
N ASP A 201 -11.41 -30.22 -37.50
CA ASP A 201 -12.54 -29.30 -37.61
C ASP A 201 -12.87 -28.60 -36.30
N ARG A 202 -12.81 -29.33 -35.19
CA ARG A 202 -13.15 -28.75 -33.90
C ARG A 202 -12.05 -27.86 -33.34
N PHE A 203 -10.81 -28.32 -33.44
CA PHE A 203 -9.68 -27.57 -32.92
C PHE A 203 -9.56 -26.21 -33.59
N PHE A 204 -9.59 -26.22 -34.92
CA PHE A 204 -9.38 -25.00 -35.69
C PHE A 204 -10.62 -24.10 -35.70
N SER A 205 -11.79 -24.69 -35.40
CA SER A 205 -12.99 -23.88 -35.19
C SER A 205 -12.82 -23.09 -33.91
N GLU A 206 -12.08 -23.67 -32.97
CA GLU A 206 -11.76 -22.99 -31.71
C GLU A 206 -10.53 -22.10 -31.86
N TYR A 207 -9.64 -22.48 -32.77
CA TYR A 207 -8.40 -21.75 -32.92
C TYR A 207 -8.63 -20.40 -33.61
N GLU A 208 -9.58 -20.37 -34.54
CA GLU A 208 -9.94 -19.13 -35.21
C GLU A 208 -10.38 -18.08 -34.19
N LYS A 209 -11.11 -18.52 -33.17
CA LYS A 209 -11.59 -17.61 -32.12
C LYS A 209 -10.43 -16.95 -31.39
N LEU A 210 -9.30 -17.67 -31.28
CA LEU A 210 -8.10 -17.10 -30.66
C LEU A 210 -7.53 -16.01 -31.54
N LEU A 211 -7.81 -16.06 -32.84
CA LEU A 211 -7.24 -15.12 -33.79
C LEU A 211 -8.02 -13.80 -33.83
N HIS A 212 -9.07 -13.68 -33.02
CA HIS A 212 -9.81 -12.41 -32.91
C HIS A 212 -9.80 -11.89 -31.47
N SER A 213 -8.84 -12.34 -30.67
CA SER A 213 -8.82 -12.05 -29.24
C SER A 213 -8.75 -10.57 -28.85
N GLU A 214 -9.47 -10.22 -27.78
CA GLU A 214 -9.36 -8.89 -27.20
C GLU A 214 -8.00 -8.78 -26.54
N ASN A 215 -7.54 -9.88 -25.95
CA ASN A 215 -6.19 -9.93 -25.41
C ASN A 215 -5.26 -9.92 -26.62
N TYR A 216 -4.43 -8.89 -26.72
CA TYR A 216 -3.54 -8.74 -27.86
C TYR A 216 -2.50 -9.85 -27.87
N VAL A 217 -1.92 -10.10 -26.70
CA VAL A 217 -0.86 -11.09 -26.54
C VAL A 217 -1.32 -12.45 -27.05
N THR A 218 -2.57 -12.79 -26.76
CA THR A 218 -3.14 -14.06 -27.18
C THR A 218 -3.29 -14.10 -28.70
N LYS A 219 -3.67 -12.98 -29.30
CA LYS A 219 -3.80 -12.88 -30.75
C LYS A 219 -2.48 -13.08 -31.49
N ARG A 220 -1.46 -12.34 -31.05
CA ARG A 220 -0.14 -12.41 -31.67
C ARG A 220 0.50 -13.79 -31.50
N GLN A 221 0.47 -14.28 -30.26
CA GLN A 221 1.11 -15.54 -29.92
C GLN A 221 0.41 -16.72 -30.58
N SER A 222 -0.90 -16.61 -30.78
CA SER A 222 -1.65 -17.64 -31.49
C SER A 222 -1.28 -17.63 -32.96
N LEU A 223 -1.15 -16.43 -33.52
CA LEU A 223 -0.78 -16.24 -34.92
C LEU A 223 0.61 -16.80 -35.19
N LYS A 224 1.54 -16.52 -34.28
CA LYS A 224 2.90 -17.01 -34.40
C LYS A 224 2.97 -18.53 -34.37
N LEU A 225 2.13 -19.13 -33.54
CA LEU A 225 2.08 -20.57 -33.39
C LEU A 225 1.46 -21.25 -34.62
N LEU A 226 0.42 -20.63 -35.18
CA LEU A 226 -0.23 -21.15 -36.36
C LEU A 226 0.78 -21.35 -37.49
N GLY A 227 1.63 -20.34 -37.68
CA GLY A 227 2.68 -20.43 -38.67
C GLY A 227 3.68 -21.55 -38.43
N GLU A 228 4.15 -21.66 -37.19
CA GLU A 228 5.11 -22.70 -36.82
C GLU A 228 4.55 -24.11 -37.01
N LEU A 229 3.26 -24.27 -36.71
CA LEU A 229 2.60 -25.55 -36.90
C LEU A 229 2.57 -25.89 -38.38
N LEU A 230 2.22 -24.90 -39.19
CA LEU A 230 2.14 -25.08 -40.63
C LEU A 230 3.51 -25.35 -41.24
N LEU A 231 4.56 -25.04 -40.50
CA LEU A 231 5.92 -25.20 -41.00
C LEU A 231 6.47 -26.60 -40.71
N ASP A 232 6.00 -27.22 -39.63
CA ASP A 232 6.52 -28.53 -39.23
C ASP A 232 6.01 -29.62 -40.17
N ARG A 233 6.89 -30.54 -40.54
CA ARG A 233 6.52 -31.63 -41.45
C ARG A 233 5.34 -32.42 -40.90
N HIS A 234 5.57 -33.27 -39.90
CA HIS A 234 4.53 -34.02 -39.17
C HIS A 234 3.08 -33.53 -39.36
N ASN A 235 2.93 -32.22 -39.53
CA ASN A 235 1.64 -31.58 -39.64
C ASN A 235 1.27 -31.29 -41.09
N PHE A 236 1.97 -31.94 -42.03
CA PHE A 236 1.81 -31.68 -43.46
C PHE A 236 0.37 -31.81 -43.90
N THR A 237 -0.27 -32.89 -43.46
CA THR A 237 -1.65 -33.18 -43.83
C THR A 237 -2.57 -32.09 -43.30
N ILE A 238 -2.15 -31.46 -42.21
CA ILE A 238 -2.92 -30.41 -41.55
C ILE A 238 -2.70 -29.07 -42.24
N MET A 239 -1.48 -28.85 -42.73
CA MET A 239 -1.16 -27.61 -43.43
C MET A 239 -1.88 -27.56 -44.77
N THR A 240 -1.86 -28.67 -45.49
CA THR A 240 -2.54 -28.78 -46.77
C THR A 240 -4.03 -28.51 -46.63
N LYS A 241 -4.66 -29.14 -45.65
CA LYS A 241 -6.09 -28.95 -45.41
C LYS A 241 -6.36 -27.50 -44.99
N TYR A 242 -5.44 -26.93 -44.21
CA TYR A 242 -5.61 -25.56 -43.72
C TYR A 242 -5.59 -24.56 -44.86
N ILE A 243 -4.56 -24.65 -45.69
CA ILE A 243 -4.35 -23.70 -46.77
C ILE A 243 -5.19 -24.06 -47.99
N SER A 244 -6.27 -24.81 -47.73
CA SER A 244 -7.22 -25.16 -48.78
C SER A 244 -8.55 -24.45 -48.58
N LYS A 245 -8.70 -23.74 -47.46
CA LYS A 245 -9.93 -23.02 -47.18
C LYS A 245 -9.78 -21.53 -47.45
N PRO A 246 -10.65 -21.01 -48.33
CA PRO A 246 -10.70 -19.60 -48.73
C PRO A 246 -10.82 -18.68 -47.52
N GLU A 247 -11.64 -19.08 -46.55
CA GLU A 247 -11.91 -18.25 -45.39
C GLU A 247 -10.67 -18.06 -44.52
N ASN A 248 -9.79 -19.06 -44.51
CA ASN A 248 -8.57 -18.98 -43.73
C ASN A 248 -7.56 -18.03 -44.37
N LEU A 249 -7.44 -18.12 -45.69
CA LEU A 249 -6.62 -17.19 -46.47
C LEU A 249 -7.16 -15.77 -46.38
N LYS A 250 -8.48 -15.66 -46.49
CA LYS A 250 -9.15 -14.37 -46.47
C LYS A 250 -8.87 -13.64 -45.16
N LEU A 251 -8.65 -14.41 -44.10
CA LEU A 251 -8.32 -13.84 -42.80
C LEU A 251 -6.86 -13.41 -42.73
N MET A 252 -5.98 -14.19 -43.35
CA MET A 252 -4.55 -13.90 -43.28
C MET A 252 -4.12 -12.69 -44.09
N MET A 253 -4.70 -12.51 -45.27
CA MET A 253 -4.43 -11.30 -46.05
C MET A 253 -5.08 -10.10 -45.34
N ASN A 254 -6.11 -10.39 -44.56
CA ASN A 254 -6.82 -9.36 -43.82
C ASN A 254 -6.04 -8.97 -42.57
N LEU A 255 -5.31 -9.92 -42.00
CA LEU A 255 -4.46 -9.64 -40.86
C LEU A 255 -3.13 -9.03 -41.30
N LEU A 256 -2.84 -9.11 -42.59
CA LEU A 256 -1.66 -8.48 -43.17
C LEU A 256 -1.76 -6.96 -43.14
N ARG A 257 -2.99 -6.45 -43.26
CA ARG A 257 -3.23 -5.02 -43.30
C ARG A 257 -3.64 -4.49 -41.93
N ASP A 258 -3.42 -5.31 -40.90
CA ASP A 258 -3.79 -4.97 -39.53
C ASP A 258 -3.03 -3.74 -39.05
N LYS A 259 -3.59 -3.05 -38.06
CA LYS A 259 -2.97 -1.86 -37.50
C LYS A 259 -1.61 -2.14 -36.87
N SER A 260 -1.46 -3.32 -36.27
CA SER A 260 -0.26 -3.67 -35.52
C SER A 260 0.85 -4.25 -36.41
N ARG A 261 2.05 -3.66 -36.31
CA ARG A 261 3.21 -4.11 -37.06
C ARG A 261 3.54 -5.59 -36.81
N ASN A 262 3.40 -6.02 -35.56
CA ASN A 262 3.75 -7.38 -35.19
C ASN A 262 2.70 -8.40 -35.63
N ILE A 263 1.44 -7.98 -35.67
CA ILE A 263 0.39 -8.86 -36.17
C ILE A 263 0.61 -9.09 -37.66
N GLN A 264 0.93 -8.02 -38.38
CA GLN A 264 1.27 -8.13 -39.79
C GLN A 264 2.39 -9.13 -40.03
N PHE A 265 3.43 -9.06 -39.21
CA PHE A 265 4.61 -9.90 -39.41
C PHE A 265 4.33 -11.38 -39.13
N GLU A 266 3.56 -11.66 -38.08
CA GLU A 266 3.22 -13.05 -37.74
C GLU A 266 2.22 -13.64 -38.73
N ALA A 267 1.30 -12.79 -39.20
CA ALA A 267 0.36 -13.21 -40.23
C ALA A 267 1.08 -13.57 -41.53
N PHE A 268 2.16 -12.84 -41.81
CA PHE A 268 2.98 -13.07 -43.00
C PHE A 268 3.45 -14.51 -43.06
N HIS A 269 3.86 -15.06 -41.92
CA HIS A 269 4.46 -16.39 -41.87
C HIS A 269 3.40 -17.47 -42.01
N VAL A 270 2.13 -17.07 -41.91
CA VAL A 270 1.02 -17.96 -42.18
C VAL A 270 0.63 -17.80 -43.64
N PHE A 271 0.51 -16.55 -44.06
CA PHE A 271 0.21 -16.18 -45.45
C PHE A 271 1.19 -16.82 -46.43
N LYS A 272 2.47 -16.80 -46.07
CA LYS A 272 3.55 -17.32 -46.90
C LYS A 272 3.34 -18.78 -47.32
N VAL A 273 2.73 -19.56 -46.43
CA VAL A 273 2.50 -20.98 -46.72
C VAL A 273 1.38 -21.15 -47.73
N PHE A 274 0.39 -20.25 -47.67
CA PHE A 274 -0.74 -20.27 -48.60
C PHE A 274 -0.30 -20.08 -50.05
N VAL A 275 0.68 -19.23 -50.29
CA VAL A 275 1.09 -18.88 -51.64
C VAL A 275 2.04 -19.92 -52.23
N ALA A 276 2.97 -20.40 -51.42
CA ALA A 276 3.95 -21.39 -51.88
C ALA A 276 3.34 -22.76 -52.17
N ASN A 277 2.05 -22.93 -51.90
CA ASN A 277 1.37 -24.18 -52.21
C ASN A 277 1.21 -24.35 -53.71
N PRO A 278 1.81 -25.41 -54.26
CA PRO A 278 1.73 -25.71 -55.70
C PRO A 278 0.33 -26.15 -56.15
N ASN A 279 -0.34 -26.96 -55.34
CA ASN A 279 -1.64 -27.50 -55.74
C ASN A 279 -2.80 -26.73 -55.11
N LYS A 280 -2.90 -25.45 -55.44
CA LYS A 280 -3.98 -24.61 -54.94
C LYS A 280 -5.35 -25.02 -55.48
N THR A 281 -6.38 -24.81 -54.67
CA THR A 281 -7.76 -25.01 -55.11
C THR A 281 -8.24 -23.74 -55.80
N PRO A 282 -9.17 -23.88 -56.75
CA PRO A 282 -9.77 -22.74 -57.47
C PRO A 282 -10.19 -21.56 -56.57
N PRO A 283 -10.89 -21.80 -55.45
CA PRO A 283 -11.29 -20.60 -54.68
C PRO A 283 -10.10 -19.93 -54.00
N ILE A 284 -9.00 -20.67 -53.83
CA ILE A 284 -7.78 -20.08 -53.31
C ILE A 284 -7.09 -19.29 -54.42
N LEU A 285 -6.97 -19.93 -55.59
CA LEU A 285 -6.38 -19.28 -56.75
C LEU A 285 -7.10 -18.01 -57.20
N ASP A 286 -8.43 -18.04 -57.20
CA ASP A 286 -9.22 -16.88 -57.64
C ASP A 286 -8.94 -15.65 -56.77
N ILE A 287 -8.82 -15.87 -55.47
CA ILE A 287 -8.59 -14.78 -54.54
C ILE A 287 -7.23 -14.14 -54.79
N LEU A 288 -6.23 -14.95 -55.10
CA LEU A 288 -4.90 -14.43 -55.37
C LEU A 288 -4.84 -13.65 -56.70
N LEU A 289 -5.47 -14.18 -57.74
CA LEU A 289 -5.54 -13.47 -59.02
C LEU A 289 -6.29 -12.14 -58.89
N LYS A 290 -7.45 -12.18 -58.26
CA LYS A 290 -8.26 -10.98 -58.04
C LYS A 290 -7.52 -9.94 -57.20
N ASN A 291 -6.56 -10.39 -56.41
CA ASN A 291 -5.77 -9.50 -55.55
C ASN A 291 -4.30 -9.48 -55.95
N GLN A 292 -4.01 -10.01 -57.13
CA GLN A 292 -2.65 -10.10 -57.66
C GLN A 292 -1.88 -8.78 -57.66
N THR A 293 -2.47 -7.77 -58.26
CA THR A 293 -1.81 -6.48 -58.40
C THR A 293 -1.65 -5.80 -57.04
N LYS A 294 -2.68 -5.90 -56.19
CA LYS A 294 -2.62 -5.33 -54.85
C LYS A 294 -1.55 -5.97 -53.96
N LEU A 295 -1.35 -7.27 -54.10
CA LEU A 295 -0.39 -8.00 -53.27
C LEU A 295 1.04 -7.71 -53.73
N ILE A 296 1.24 -7.69 -55.04
CA ILE A 296 2.55 -7.39 -55.63
C ILE A 296 3.04 -6.01 -55.18
N GLU A 297 2.12 -5.07 -55.10
CA GLU A 297 2.44 -3.72 -54.63
C GLU A 297 2.69 -3.70 -53.12
N PHE A 298 1.88 -4.47 -52.38
CA PHE A 298 1.91 -4.50 -50.92
C PHE A 298 3.22 -5.05 -50.34
N LEU A 299 3.62 -6.23 -50.82
CA LEU A 299 4.79 -6.92 -50.27
C LEU A 299 6.07 -6.20 -50.67
N SER A 300 5.94 -5.27 -51.60
CA SER A 300 7.07 -4.48 -52.07
C SER A 300 7.36 -3.33 -51.12
N LYS A 301 6.35 -2.94 -50.34
CA LYS A 301 6.51 -1.90 -49.35
C LYS A 301 6.44 -2.46 -47.93
N PHE A 302 6.35 -3.78 -47.84
CA PHE A 302 6.07 -4.43 -46.56
C PHE A 302 7.32 -4.59 -45.70
N GLN A 303 7.36 -3.82 -44.61
CA GLN A 303 8.41 -3.88 -43.59
C GLN A 303 9.80 -4.02 -44.20
N ASN A 304 10.11 -3.16 -45.17
CA ASN A 304 11.45 -3.11 -45.74
C ASN A 304 12.40 -2.45 -44.75
N ASP A 305 11.83 -1.66 -43.84
CA ASP A 305 12.59 -1.02 -42.78
C ASP A 305 13.16 -2.06 -41.82
N ARG A 306 12.45 -3.18 -41.68
CA ARG A 306 12.93 -4.28 -40.88
C ARG A 306 14.21 -4.82 -41.51
N ALA A 307 14.05 -5.52 -42.63
CA ALA A 307 15.16 -6.13 -43.35
C ALA A 307 16.03 -6.92 -42.40
N GLU A 308 17.33 -6.99 -42.67
CA GLU A 308 18.30 -7.67 -41.79
C GLU A 308 17.93 -9.13 -41.43
N ASP A 309 16.63 -9.43 -41.49
CA ASP A 309 16.08 -10.75 -41.21
C ASP A 309 16.50 -11.66 -42.36
N GLU A 310 17.00 -11.02 -43.42
CA GLU A 310 17.48 -11.63 -44.65
C GLU A 310 16.68 -12.82 -45.22
N GLN A 311 16.25 -13.76 -44.37
CA GLN A 311 15.35 -14.80 -44.85
C GLN A 311 13.99 -14.18 -45.16
N PHE A 312 13.65 -13.13 -44.43
CA PHE A 312 12.39 -12.40 -44.60
C PHE A 312 12.38 -11.62 -45.91
N SER A 313 13.47 -10.90 -46.18
CA SER A 313 13.60 -10.15 -47.43
C SER A 313 13.54 -11.07 -48.64
N ASP A 314 14.22 -12.20 -48.54
CA ASP A 314 14.22 -13.18 -49.63
C ASP A 314 12.86 -13.85 -49.78
N GLU A 315 12.15 -13.99 -48.66
CA GLU A 315 10.80 -14.56 -48.70
C GLU A 315 9.85 -13.64 -49.44
N LYS A 316 9.95 -12.33 -49.19
CA LYS A 316 9.13 -11.36 -49.89
C LYS A 316 9.42 -11.41 -51.38
N THR A 317 10.69 -11.52 -51.74
CA THR A 317 11.09 -11.62 -53.14
C THR A 317 10.46 -12.87 -53.76
N TYR A 318 10.45 -13.96 -53.00
CA TYR A 318 9.85 -15.21 -53.45
C TYR A 318 8.35 -15.15 -53.59
N LEU A 319 7.69 -14.49 -52.64
CA LEU A 319 6.24 -14.39 -52.67
C LEU A 319 5.79 -13.56 -53.87
N ILE A 320 6.48 -12.44 -54.09
CA ILE A 320 6.15 -11.54 -55.19
C ILE A 320 6.34 -12.19 -56.56
N LYS A 321 7.41 -12.95 -56.70
CA LYS A 321 7.66 -13.72 -57.91
C LYS A 321 6.52 -14.72 -58.13
N GLN A 322 6.12 -15.38 -57.05
CA GLN A 322 5.05 -16.38 -57.08
C GLN A 322 3.71 -15.81 -57.53
N ILE A 323 3.31 -14.68 -56.96
CA ILE A 323 2.03 -14.07 -57.31
C ILE A 323 2.03 -13.70 -58.79
N ARG A 324 3.18 -13.26 -59.29
CA ARG A 324 3.37 -12.94 -60.69
C ARG A 324 3.19 -14.13 -61.64
N ASP A 325 3.65 -15.31 -61.22
CA ASP A 325 3.67 -16.48 -62.10
C ASP A 325 2.43 -17.38 -61.96
N LEU A 326 1.41 -16.85 -61.30
CA LEU A 326 0.18 -17.61 -61.07
C LEU A 326 -0.56 -17.92 -62.37
N MET B 3 10.57 32.11 -27.94
CA MET B 3 11.91 32.03 -27.36
C MET B 3 12.37 30.58 -27.26
N ALA B 4 13.56 30.38 -26.69
CA ALA B 4 14.15 29.06 -26.54
C ALA B 4 13.61 28.40 -25.27
N PRO B 5 13.33 27.08 -25.34
CA PRO B 5 12.73 26.35 -24.22
C PRO B 5 13.54 26.53 -22.95
N ALA B 6 14.87 26.44 -23.07
CA ALA B 6 15.76 26.61 -21.93
C ALA B 6 15.59 28.00 -21.28
N ASP B 7 15.37 29.02 -22.10
CA ASP B 7 15.21 30.37 -21.57
C ASP B 7 13.87 30.49 -20.85
N ILE B 8 12.85 29.85 -21.39
CA ILE B 8 11.51 29.85 -20.81
C ILE B 8 11.51 29.14 -19.45
N VAL B 9 12.16 27.99 -19.40
CA VAL B 9 12.25 27.20 -18.17
C VAL B 9 13.00 27.97 -17.08
N LYS B 10 14.11 28.61 -17.47
CA LYS B 10 14.90 29.38 -16.52
C LYS B 10 14.15 30.62 -16.07
N ASN B 11 13.41 31.22 -17.00
CA ASN B 11 12.61 32.40 -16.69
C ASN B 11 11.46 32.06 -15.74
N LEU B 12 10.90 30.88 -15.91
CA LEU B 12 9.85 30.41 -15.04
C LEU B 12 10.43 30.06 -13.66
N LYS B 13 11.56 29.38 -13.66
CA LYS B 13 12.27 29.04 -12.42
C LYS B 13 12.62 30.25 -11.57
N ASP B 14 13.26 31.24 -12.19
CA ASP B 14 13.69 32.43 -11.47
C ASP B 14 12.52 33.24 -10.93
N ASN B 15 11.42 33.27 -11.67
CA ASN B 15 10.27 34.07 -11.28
C ASN B 15 9.45 33.37 -10.21
N MET B 16 9.40 32.05 -10.28
CA MET B 16 8.74 31.28 -9.23
C MET B 16 9.52 31.44 -7.94
N THR B 17 10.84 31.48 -8.07
CA THR B 17 11.73 31.71 -6.94
C THR B 17 11.38 33.00 -6.20
N ILE B 18 11.21 34.07 -6.97
CA ILE B 18 10.83 35.37 -6.41
C ILE B 18 9.52 35.26 -5.63
N LEU B 19 8.59 34.47 -6.16
CA LEU B 19 7.27 34.31 -5.54
C LEU B 19 7.33 33.53 -4.24
N GLU B 20 8.39 32.74 -4.06
CA GLU B 20 8.54 31.93 -2.85
C GLU B 20 8.90 32.83 -1.67
N LYS B 21 9.44 34.00 -1.99
CA LYS B 21 9.79 34.99 -0.98
C LYS B 21 8.54 35.62 -0.37
N ASP B 26 4.52 43.51 -3.65
CA ASP B 26 4.49 44.89 -4.12
C ASP B 26 4.38 44.94 -5.64
N LYS B 27 5.31 45.64 -6.27
CA LYS B 27 5.34 45.75 -7.72
C LYS B 27 6.10 44.55 -8.28
N LYS B 28 6.93 43.97 -7.42
CA LYS B 28 7.68 42.76 -7.80
C LYS B 28 6.83 41.49 -7.78
N ALA B 29 5.70 41.53 -7.08
CA ALA B 29 4.83 40.34 -7.04
C ALA B 29 4.09 40.16 -8.36
N GLU B 30 3.59 41.26 -8.90
CA GLU B 30 2.85 41.23 -10.17
C GLU B 30 3.73 40.84 -11.34
N LYS B 31 4.94 41.40 -11.37
CA LYS B 31 5.87 41.17 -12.48
C LYS B 31 6.35 39.73 -12.51
N ALA B 32 6.41 39.10 -11.33
CA ALA B 32 6.77 37.71 -11.26
C ALA B 32 5.60 36.90 -11.81
N SER B 33 4.41 37.29 -11.40
CA SER B 33 3.18 36.66 -11.89
C SER B 33 3.02 36.83 -13.40
N GLU B 34 3.33 38.02 -13.91
CA GLU B 34 3.27 38.28 -15.35
C GLU B 34 4.26 37.45 -16.14
N GLU B 35 5.45 37.27 -15.58
CA GLU B 35 6.51 36.55 -16.28
C GLU B 35 6.27 35.05 -16.20
N VAL B 36 5.53 34.64 -15.18
CA VAL B 36 5.12 33.24 -15.05
C VAL B 36 4.10 32.93 -16.14
N SER B 37 3.12 33.81 -16.27
CA SER B 37 2.06 33.66 -17.26
C SER B 37 2.57 33.69 -18.69
N LYS B 38 3.45 34.64 -19.00
CA LYS B 38 4.05 34.72 -20.32
C LYS B 38 4.86 33.46 -20.64
N SER B 39 5.49 32.88 -19.61
CA SER B 39 6.31 31.70 -19.80
C SER B 39 5.44 30.46 -19.93
N LEU B 40 4.37 30.41 -19.16
CA LEU B 40 3.43 29.29 -19.26
C LEU B 40 2.70 29.31 -20.60
N LEU B 41 2.37 30.51 -21.07
CA LEU B 41 1.74 30.65 -22.38
C LEU B 41 2.74 30.31 -23.46
N SER B 42 3.99 30.67 -23.23
CA SER B 42 5.04 30.36 -24.20
C SER B 42 5.37 28.88 -24.12
N MET B 43 5.14 28.31 -22.94
CA MET B 43 5.35 26.88 -22.74
C MET B 43 4.29 26.05 -23.47
N LYS B 44 3.03 26.47 -23.38
CA LYS B 44 1.96 25.77 -24.10
C LYS B 44 2.13 25.92 -25.60
N GLU B 45 2.47 27.13 -26.04
CA GLU B 45 2.73 27.40 -27.45
C GLU B 45 3.76 26.43 -28.01
N ILE B 46 4.77 26.09 -27.22
CA ILE B 46 5.77 25.13 -27.65
C ILE B 46 5.13 23.76 -27.84
N LEU B 47 4.32 23.35 -26.87
CA LEU B 47 3.71 22.03 -26.87
C LEU B 47 2.73 21.84 -28.02
N TYR B 48 2.02 22.91 -28.39
CA TYR B 48 0.99 22.81 -29.43
C TYR B 48 1.38 23.60 -30.69
N GLY B 49 1.58 24.91 -30.53
CA GLY B 49 1.94 25.75 -31.65
C GLY B 49 1.21 27.08 -31.63
N THR B 57 9.00 19.25 -33.03
CA THR B 57 9.20 17.94 -32.39
C THR B 57 10.35 18.00 -31.38
N GLU B 58 11.46 18.60 -31.80
CA GLU B 58 12.66 18.64 -30.97
C GLU B 58 12.56 19.67 -29.85
N ALA B 59 11.81 20.74 -30.10
CA ALA B 59 11.59 21.75 -29.07
C ALA B 59 10.75 21.19 -27.93
N VAL B 60 9.79 20.34 -28.27
CA VAL B 60 8.96 19.67 -27.27
C VAL B 60 9.83 18.71 -26.48
N ALA B 61 10.72 18.02 -27.19
CA ALA B 61 11.68 17.13 -26.54
C ALA B 61 12.67 17.92 -25.68
N GLN B 62 12.98 19.14 -26.14
CA GLN B 62 13.92 20.00 -25.43
C GLN B 62 13.26 20.61 -24.19
N LEU B 63 12.02 21.09 -24.35
CA LEU B 63 11.28 21.67 -23.24
C LEU B 63 11.13 20.67 -22.09
N ALA B 64 10.73 19.46 -22.45
CA ALA B 64 10.62 18.37 -21.48
C ALA B 64 11.95 18.12 -20.79
N GLN B 65 13.02 18.05 -21.58
CA GLN B 65 14.35 17.77 -21.07
C GLN B 65 14.80 18.84 -20.08
N GLU B 66 14.52 20.10 -20.41
CA GLU B 66 14.90 21.21 -19.54
C GLU B 66 14.07 21.21 -18.26
N LEU B 67 12.82 20.75 -18.38
CA LEU B 67 11.93 20.66 -17.24
C LEU B 67 12.41 19.63 -16.23
N TYR B 68 13.01 18.55 -16.71
CA TYR B 68 13.62 17.54 -15.84
C TYR B 68 14.79 18.14 -15.07
N ASN B 69 15.73 18.70 -15.83
CA ASN B 69 17.00 19.19 -15.30
C ASN B 69 16.82 20.33 -14.30
N SER B 70 15.86 21.20 -14.59
CA SER B 70 15.61 22.37 -13.77
C SER B 70 14.85 22.02 -12.50
N GLY B 71 14.28 20.81 -12.47
CA GLY B 71 13.46 20.41 -11.34
C GLY B 71 12.19 21.24 -11.23
N LEU B 72 11.85 21.94 -12.31
CA LEU B 72 10.78 22.93 -12.28
C LEU B 72 9.41 22.27 -12.11
N LEU B 73 9.31 21.00 -12.51
CA LEU B 73 8.08 20.24 -12.30
C LEU B 73 7.79 20.11 -10.81
N SER B 74 8.86 20.02 -10.02
CA SER B 74 8.74 19.92 -8.57
C SER B 74 8.43 21.28 -7.94
N THR B 75 9.01 22.32 -8.52
CA THR B 75 8.76 23.68 -8.05
C THR B 75 7.30 24.08 -8.28
N LEU B 76 6.79 23.80 -9.48
CA LEU B 76 5.44 24.15 -9.85
C LEU B 76 4.39 23.41 -9.02
N VAL B 77 4.73 22.23 -8.53
CA VAL B 77 3.84 21.49 -7.65
C VAL B 77 3.94 21.99 -6.21
N ALA B 78 5.15 22.33 -5.78
CA ALA B 78 5.37 22.80 -4.42
C ALA B 78 4.83 24.22 -4.19
N ASP B 79 4.89 25.05 -5.21
CA ASP B 79 4.45 26.44 -5.11
C ASP B 79 3.16 26.70 -5.87
N LEU B 80 2.32 25.68 -5.98
CA LEU B 80 1.10 25.78 -6.76
C LEU B 80 0.16 26.85 -6.20
N GLN B 81 0.19 27.04 -4.88
CA GLN B 81 -0.64 28.04 -4.23
C GLN B 81 -0.20 29.47 -4.54
N LEU B 82 0.97 29.61 -5.15
CA LEU B 82 1.53 30.94 -5.42
C LEU B 82 1.13 31.46 -6.79
N ILE B 83 0.61 30.58 -7.63
CA ILE B 83 0.25 30.94 -9.00
C ILE B 83 -1.25 31.24 -9.09
N ASP B 84 -1.63 32.12 -10.01
CA ASP B 84 -3.03 32.52 -10.15
C ASP B 84 -3.88 31.41 -10.73
N PHE B 85 -5.19 31.65 -10.79
CA PHE B 85 -6.18 30.66 -11.19
C PHE B 85 -5.88 30.02 -12.56
N GLU B 86 -5.72 30.85 -13.59
CA GLU B 86 -5.42 30.33 -14.92
C GLU B 86 -4.03 29.70 -14.96
N GLY B 87 -3.15 30.19 -14.09
CA GLY B 87 -1.79 29.68 -14.02
C GLY B 87 -1.71 28.27 -13.46
N LYS B 88 -2.46 28.01 -12.39
CA LYS B 88 -2.51 26.67 -11.79
C LYS B 88 -2.93 25.63 -12.83
N LYS B 89 -3.90 25.99 -13.66
CA LYS B 89 -4.40 25.09 -14.70
C LYS B 89 -3.43 24.90 -15.86
N ASP B 90 -2.63 25.93 -16.15
CA ASP B 90 -1.64 25.82 -17.21
C ASP B 90 -0.56 24.86 -16.80
N VAL B 91 -0.19 24.89 -15.52
CA VAL B 91 0.79 23.97 -14.98
C VAL B 91 0.27 22.55 -15.09
N ALA B 92 -0.99 22.34 -14.74
CA ALA B 92 -1.62 21.03 -14.83
C ALA B 92 -1.64 20.53 -16.27
N GLN B 93 -2.02 21.40 -17.19
CA GLN B 93 -2.10 21.04 -18.61
C GLN B 93 -0.71 20.68 -19.13
N ILE B 94 0.27 21.52 -18.81
CA ILE B 94 1.65 21.30 -19.19
C ILE B 94 2.22 20.03 -18.54
N PHE B 95 2.04 19.90 -17.22
CA PHE B 95 2.39 18.69 -16.50
C PHE B 95 1.86 17.44 -17.19
N ASN B 96 0.57 17.46 -17.50
CA ASN B 96 -0.11 16.29 -18.05
C ASN B 96 0.34 15.92 -19.47
N ASP B 97 0.81 16.91 -20.24
CA ASP B 97 1.35 16.63 -21.57
C ASP B 97 2.69 15.93 -21.49
N ILE B 98 3.62 16.55 -20.74
CA ILE B 98 4.97 16.04 -20.59
C ILE B 98 4.95 14.62 -19.99
N LEU B 99 3.95 14.38 -19.16
CA LEU B 99 3.77 13.09 -18.50
C LEU B 99 3.50 11.97 -19.51
N ARG B 100 2.77 12.30 -20.58
CA ARG B 100 2.35 11.32 -21.57
C ARG B 100 3.37 11.17 -22.69
N ARG B 101 4.43 11.97 -22.64
CA ARG B 101 5.48 11.98 -23.65
C ARG B 101 6.13 10.62 -23.83
N GLN B 102 6.34 10.24 -25.08
CA GLN B 102 6.95 8.95 -25.39
C GLN B 102 8.20 9.10 -26.24
N ILE B 103 9.19 8.26 -25.96
CA ILE B 103 10.36 8.09 -26.82
C ILE B 103 10.51 6.60 -27.09
N GLY B 104 9.84 6.12 -28.14
CA GLY B 104 9.76 4.70 -28.41
C GLY B 104 8.82 4.03 -27.41
N THR B 105 9.25 2.91 -26.85
CA THR B 105 8.45 2.20 -25.85
C THR B 105 8.73 2.77 -24.46
N ARG B 106 9.32 3.96 -24.42
CA ARG B 106 9.71 4.62 -23.18
C ARG B 106 8.80 5.79 -22.86
N THR B 107 8.59 6.02 -21.56
CA THR B 107 7.89 7.20 -21.08
C THR B 107 8.83 7.93 -20.14
N PRO B 108 9.68 8.80 -20.70
CA PRO B 108 10.78 9.50 -20.02
C PRO B 108 10.39 10.19 -18.72
N THR B 109 9.26 10.88 -18.71
CA THR B 109 8.83 11.62 -17.52
C THR B 109 8.53 10.68 -16.35
N VAL B 110 7.98 9.52 -16.66
CA VAL B 110 7.70 8.51 -15.65
C VAL B 110 9.01 7.98 -15.06
N GLU B 111 9.99 7.75 -15.93
CA GLU B 111 11.31 7.31 -15.52
C GLU B 111 11.96 8.36 -14.61
N TYR B 112 11.75 9.63 -14.97
CA TYR B 112 12.24 10.75 -14.19
C TYR B 112 11.54 10.82 -12.84
N LEU B 113 10.22 10.68 -12.86
CA LEU B 113 9.39 10.82 -11.68
C LEU B 113 9.64 9.74 -10.61
N CYS B 114 10.17 8.60 -11.04
CA CYS B 114 10.47 7.50 -10.13
C CYS B 114 11.69 7.82 -9.28
N THR B 115 12.51 8.75 -9.79
CA THR B 115 13.68 9.22 -9.06
C THR B 115 13.36 10.56 -8.40
N GLN B 116 12.15 11.06 -8.64
CA GLN B 116 11.70 12.35 -8.15
C GLN B 116 10.32 12.21 -7.52
N GLN B 117 10.22 11.31 -6.54
CA GLN B 117 8.94 10.86 -6.02
C GLN B 117 8.27 11.83 -5.08
N ASN B 118 9.00 12.84 -4.59
CA ASN B 118 8.39 13.80 -3.68
C ASN B 118 7.31 14.59 -4.38
N ILE B 119 7.40 14.65 -5.70
CA ILE B 119 6.36 15.27 -6.52
C ILE B 119 5.02 14.59 -6.29
N LEU B 120 5.02 13.25 -6.30
CA LEU B 120 3.80 12.47 -6.09
C LEU B 120 3.21 12.62 -4.69
N PHE B 121 4.09 12.58 -3.68
CA PHE B 121 3.64 12.70 -2.30
C PHE B 121 3.16 14.11 -1.97
N MET B 122 3.75 15.09 -2.65
CA MET B 122 3.39 16.50 -2.47
C MET B 122 2.25 16.86 -3.44
N LEU B 123 1.63 15.82 -4.00
CA LEU B 123 0.44 15.96 -4.85
C LEU B 123 -0.73 15.35 -4.12
N LEU B 124 -0.45 14.26 -3.40
CA LEU B 124 -1.45 13.61 -2.56
C LEU B 124 -1.78 14.46 -1.34
N LYS B 125 -0.76 15.13 -0.81
CA LYS B 125 -0.92 16.04 0.32
C LYS B 125 -1.69 17.29 -0.09
N GLY B 126 -1.76 17.53 -1.39
CA GLY B 126 -2.49 18.68 -1.91
C GLY B 126 -3.99 18.66 -1.64
N TYR B 127 -4.52 17.49 -1.28
CA TYR B 127 -5.95 17.38 -0.98
C TYR B 127 -6.32 18.10 0.32
N GLU B 128 -5.31 18.43 1.11
CA GLU B 128 -5.53 19.09 2.39
C GLU B 128 -5.43 20.61 2.25
N SER B 129 -5.34 21.07 1.01
CA SER B 129 -5.28 22.49 0.71
C SER B 129 -6.31 22.85 -0.36
N PRO B 130 -7.49 23.32 0.08
CA PRO B 130 -8.66 23.57 -0.76
C PRO B 130 -8.42 24.44 -2.00
N ASP B 131 -7.41 25.31 -1.98
CA ASP B 131 -7.15 26.19 -3.10
C ASP B 131 -6.47 25.48 -4.28
N ILE B 132 -5.89 24.32 -4.02
CA ILE B 132 -5.11 23.61 -5.03
C ILE B 132 -5.45 22.13 -5.12
N ALA B 133 -6.32 21.66 -4.23
CA ALA B 133 -6.67 20.25 -4.14
C ALA B 133 -7.13 19.64 -5.47
N LEU B 134 -8.12 20.27 -6.12
CA LEU B 134 -8.67 19.73 -7.36
C LEU B 134 -7.59 19.63 -8.45
N ASN B 135 -6.70 20.62 -8.49
CA ASN B 135 -5.60 20.61 -9.44
C ASN B 135 -4.61 19.47 -9.15
N CYS B 136 -4.23 19.34 -7.89
CA CYS B 136 -3.32 18.28 -7.47
C CYS B 136 -3.88 16.91 -7.82
N GLY B 137 -5.16 16.71 -7.54
CA GLY B 137 -5.84 15.47 -7.87
C GLY B 137 -5.82 15.15 -9.35
N ILE B 138 -5.97 16.18 -10.17
CA ILE B 138 -5.96 16.01 -11.62
C ILE B 138 -4.60 15.56 -12.15
N MET B 139 -3.52 16.18 -11.66
CA MET B 139 -2.17 15.80 -12.08
C MET B 139 -1.83 14.41 -11.55
N LEU B 140 -2.28 14.10 -10.34
CA LEU B 140 -2.02 12.81 -9.72
C LEU B 140 -2.70 11.66 -10.46
N ARG B 141 -3.94 11.88 -10.92
CA ARG B 141 -4.65 10.84 -11.65
C ARG B 141 -4.00 10.54 -13.00
N GLU B 142 -3.36 11.54 -13.59
CA GLU B 142 -2.62 11.32 -14.83
C GLU B 142 -1.37 10.50 -14.58
N CYS B 143 -0.73 10.75 -13.42
CA CYS B 143 0.42 9.97 -13.00
C CYS B 143 0.05 8.51 -12.80
N ILE B 144 -1.07 8.30 -12.12
CA ILE B 144 -1.50 6.97 -11.70
C ILE B 144 -1.94 6.10 -12.90
N ARG B 145 -2.05 6.73 -14.07
CA ARG B 145 -2.24 5.97 -15.31
C ARG B 145 -1.06 5.04 -15.56
N HIS B 146 0.12 5.45 -15.11
CA HIS B 146 1.32 4.64 -15.26
C HIS B 146 1.56 3.80 -14.01
N GLU B 147 1.83 2.51 -14.20
CA GLU B 147 1.96 1.57 -13.09
C GLU B 147 3.08 1.89 -12.08
N PRO B 148 4.28 2.28 -12.58
CA PRO B 148 5.32 2.57 -11.58
C PRO B 148 4.94 3.70 -10.64
N LEU B 149 4.22 4.69 -11.16
CA LEU B 149 3.77 5.81 -10.36
C LEU B 149 2.59 5.42 -9.47
N ALA B 150 1.73 4.55 -9.99
CA ALA B 150 0.60 4.05 -9.22
C ALA B 150 1.07 3.19 -8.06
N LYS B 151 2.10 2.39 -8.31
CA LYS B 151 2.69 1.53 -7.28
C LYS B 151 3.19 2.34 -6.08
N ILE B 152 4.01 3.35 -6.38
CA ILE B 152 4.57 4.23 -5.36
C ILE B 152 3.50 4.84 -4.46
N THR B 153 2.41 5.28 -5.08
CA THR B 153 1.33 5.93 -4.36
C THR B 153 0.62 4.91 -3.47
N LEU B 154 0.21 3.81 -4.09
CA LEU B 154 -0.55 2.77 -3.43
C LEU B 154 0.17 2.09 -2.27
N CYS B 155 1.48 1.88 -2.41
CA CYS B 155 2.22 1.06 -1.45
C CYS B 155 2.81 1.92 -0.34
N SER B 156 2.68 3.22 -0.50
CA SER B 156 3.07 4.18 0.54
C SER B 156 2.05 4.28 1.67
N GLU B 157 2.51 4.75 2.82
CA GLU B 157 1.67 4.97 3.99
C GLU B 157 0.62 6.05 3.75
N GLN B 158 0.91 6.93 2.79
CA GLN B 158 0.06 8.08 2.56
C GLN B 158 -1.18 7.69 1.77
N PHE B 159 -1.20 6.45 1.28
CA PHE B 159 -2.39 5.95 0.60
C PHE B 159 -3.59 5.95 1.54
N TYR B 160 -3.35 5.62 2.80
CA TYR B 160 -4.42 5.55 3.79
C TYR B 160 -4.98 6.92 4.16
N ASP B 161 -4.28 7.97 3.78
CA ASP B 161 -4.80 9.32 3.97
C ASP B 161 -6.07 9.50 3.14
N PHE B 162 -6.20 8.72 2.08
CA PHE B 162 -7.39 8.75 1.24
C PHE B 162 -8.65 8.45 2.05
N PHE B 163 -8.55 7.52 2.99
CA PHE B 163 -9.69 7.18 3.84
C PHE B 163 -10.19 8.41 4.58
N ARG B 164 -9.25 9.29 4.95
CA ARG B 164 -9.58 10.57 5.56
C ARG B 164 -10.07 11.60 4.54
N TYR B 165 -9.46 11.59 3.35
CA TYR B 165 -9.77 12.61 2.36
C TYR B 165 -11.20 12.48 1.85
N VAL B 166 -11.73 11.26 1.83
CA VAL B 166 -13.08 11.04 1.33
C VAL B 166 -14.17 11.27 2.37
N GLU B 167 -13.79 11.23 3.65
CA GLU B 167 -14.78 11.38 4.71
C GLU B 167 -15.01 12.81 5.17
N MET B 168 -14.07 13.70 4.91
CA MET B 168 -14.23 15.06 5.41
C MET B 168 -13.38 16.08 4.67
N SER B 169 -13.70 17.36 4.87
CA SER B 169 -15.05 17.77 5.25
C SER B 169 -15.70 18.47 4.06
N THR B 170 -14.95 18.53 2.98
CA THR B 170 -15.30 19.21 1.72
C THR B 170 -15.84 18.26 0.64
N PHE B 171 -17.16 18.21 0.43
CA PHE B 171 -17.74 17.15 -0.40
C PHE B 171 -17.51 17.22 -1.91
N ASP B 172 -16.72 18.18 -2.39
CA ASP B 172 -16.35 18.18 -3.80
C ASP B 172 -14.91 17.70 -3.90
N ILE B 173 -14.13 18.00 -2.87
CA ILE B 173 -12.77 17.51 -2.76
C ILE B 173 -12.81 16.02 -2.45
N ALA B 174 -13.63 15.65 -1.46
CA ALA B 174 -13.80 14.26 -1.07
C ALA B 174 -14.26 13.41 -2.26
N SER B 175 -15.17 13.96 -3.05
CA SER B 175 -15.65 13.28 -4.24
C SER B 175 -14.52 13.08 -5.24
N ASP B 176 -13.60 14.03 -5.28
CA ASP B 176 -12.47 13.96 -6.20
C ASP B 176 -11.42 12.98 -5.69
N ALA B 177 -11.19 12.98 -4.38
CA ALA B 177 -10.25 12.05 -3.78
C ALA B 177 -10.67 10.60 -4.03
N PHE B 178 -11.97 10.37 -4.08
CA PHE B 178 -12.51 9.04 -4.33
C PHE B 178 -12.27 8.61 -5.77
N ALA B 179 -12.28 9.58 -6.70
CA ALA B 179 -12.00 9.28 -8.09
C ALA B 179 -10.59 8.73 -8.23
N THR B 180 -9.68 9.31 -7.44
CA THR B 180 -8.29 8.92 -7.45
C THR B 180 -8.11 7.61 -6.71
N PHE B 181 -8.70 7.54 -5.51
CA PHE B 181 -8.79 6.33 -4.70
C PHE B 181 -9.31 5.12 -5.47
N LYS B 182 -10.43 5.32 -6.17
CA LYS B 182 -11.08 4.25 -6.94
C LYS B 182 -10.21 3.75 -8.09
N ASP B 183 -9.52 4.66 -8.77
CA ASP B 183 -8.66 4.28 -9.89
C ASP B 183 -7.47 3.45 -9.45
N LEU B 184 -6.80 3.88 -8.38
CA LEU B 184 -5.66 3.17 -7.82
C LEU B 184 -5.94 1.71 -7.51
N LEU B 185 -7.17 1.43 -7.08
CA LEU B 185 -7.56 0.07 -6.72
C LEU B 185 -8.06 -0.75 -7.91
N THR B 186 -8.22 -0.13 -9.07
CA THR B 186 -8.82 -0.84 -10.21
C THR B 186 -8.03 -0.80 -11.53
N ARG B 187 -7.26 0.24 -11.79
CA ARG B 187 -6.60 0.36 -13.10
C ARG B 187 -5.55 -0.72 -13.36
N HIS B 188 -4.57 -0.82 -12.47
CA HIS B 188 -3.52 -1.82 -12.60
C HIS B 188 -3.83 -3.00 -11.70
N LYS B 189 -4.49 -4.01 -12.28
CA LYS B 189 -5.09 -5.13 -11.55
C LYS B 189 -4.14 -5.93 -10.66
N VAL B 190 -3.00 -6.35 -11.20
CA VAL B 190 -2.06 -7.20 -10.47
C VAL B 190 -1.50 -6.46 -9.27
N LEU B 191 -1.11 -5.20 -9.50
CA LEU B 191 -0.63 -4.33 -8.42
C LEU B 191 -1.69 -4.18 -7.35
N SER B 192 -2.91 -3.86 -7.76
CA SER B 192 -4.01 -3.68 -6.84
C SER B 192 -4.35 -4.97 -6.10
N ALA B 193 -4.24 -6.10 -6.79
CA ALA B 193 -4.56 -7.37 -6.17
C ALA B 193 -3.46 -7.79 -5.21
N GLU B 194 -2.21 -7.54 -5.60
CA GLU B 194 -1.07 -7.87 -4.77
C GLU B 194 -1.09 -7.06 -3.48
N PHE B 195 -1.43 -5.78 -3.59
CA PHE B 195 -1.52 -4.91 -2.42
C PHE B 195 -2.61 -5.37 -1.44
N LEU B 196 -3.77 -5.71 -1.99
CA LEU B 196 -4.92 -6.07 -1.16
C LEU B 196 -4.72 -7.36 -0.38
N GLU B 197 -4.09 -8.35 -0.99
CA GLU B 197 -3.83 -9.61 -0.29
C GLU B 197 -2.87 -9.41 0.88
N GLN B 198 -1.79 -8.69 0.63
CA GLN B 198 -0.77 -8.47 1.65
C GLN B 198 -1.26 -7.52 2.73
N HIS B 199 -2.14 -6.60 2.36
CA HIS B 199 -2.62 -5.60 3.29
C HIS B 199 -4.12 -5.70 3.53
N TYR B 200 -4.65 -6.92 3.47
CA TYR B 200 -6.08 -7.16 3.65
C TYR B 200 -6.62 -6.54 4.94
N ASP B 201 -6.19 -7.09 6.06
CA ASP B 201 -6.74 -6.76 7.37
C ASP B 201 -6.81 -5.27 7.68
N ARG B 202 -5.77 -4.53 7.31
CA ARG B 202 -5.75 -3.10 7.59
C ARG B 202 -6.62 -2.31 6.61
N PHE B 203 -6.53 -2.68 5.32
CA PHE B 203 -7.30 -1.99 4.29
C PHE B 203 -8.80 -2.09 4.53
N PHE B 204 -9.27 -3.31 4.76
CA PHE B 204 -10.70 -3.55 4.91
C PHE B 204 -11.23 -3.15 6.29
N SER B 205 -10.34 -3.04 7.28
CA SER B 205 -10.73 -2.46 8.56
C SER B 205 -11.01 -0.97 8.39
N GLU B 206 -10.29 -0.35 7.46
CA GLU B 206 -10.50 1.06 7.17
C GLU B 206 -11.63 1.23 6.17
N TYR B 207 -11.84 0.22 5.32
CA TYR B 207 -12.88 0.27 4.30
C TYR B 207 -14.26 0.10 4.92
N GLU B 208 -14.34 -0.74 5.95
CA GLU B 208 -15.60 -0.95 6.64
C GLU B 208 -16.13 0.38 7.19
N LYS B 209 -15.23 1.21 7.69
CA LYS B 209 -15.60 2.52 8.22
C LYS B 209 -16.21 3.41 7.15
N LEU B 210 -15.78 3.22 5.90
CA LEU B 210 -16.32 4.01 4.79
C LEU B 210 -17.77 3.64 4.50
N LEU B 211 -18.15 2.41 4.86
CA LEU B 211 -19.49 1.92 4.58
C LEU B 211 -20.50 2.40 5.62
N HIS B 212 -20.04 3.19 6.58
CA HIS B 212 -20.93 3.77 7.58
C HIS B 212 -20.85 5.30 7.53
N SER B 213 -20.41 5.81 6.38
CA SER B 213 -20.15 7.24 6.20
C SER B 213 -21.37 8.14 6.39
N GLU B 214 -21.15 9.32 6.98
CA GLU B 214 -22.19 10.33 7.08
C GLU B 214 -22.47 10.91 5.71
N ASN B 215 -21.41 11.08 4.92
CA ASN B 215 -21.58 11.52 3.54
C ASN B 215 -22.20 10.35 2.78
N TYR B 216 -23.39 10.58 2.23
CA TYR B 216 -24.14 9.52 1.55
C TYR B 216 -23.40 9.03 0.32
N VAL B 217 -22.89 9.98 -0.47
CA VAL B 217 -22.19 9.67 -1.70
C VAL B 217 -21.03 8.73 -1.44
N THR B 218 -20.31 8.96 -0.34
CA THR B 218 -19.17 8.14 0.02
C THR B 218 -19.61 6.72 0.36
N LYS B 219 -20.75 6.60 1.05
CA LYS B 219 -21.30 5.29 1.39
C LYS B 219 -21.70 4.47 0.16
N ARG B 220 -22.47 5.10 -0.72
CA ARG B 220 -22.96 4.45 -1.93
C ARG B 220 -21.82 4.09 -2.87
N GLN B 221 -20.92 5.03 -3.11
CA GLN B 221 -19.82 4.81 -4.03
C GLN B 221 -18.82 3.79 -3.50
N SER B 222 -18.68 3.71 -2.19
CA SER B 222 -17.84 2.69 -1.58
C SER B 222 -18.48 1.33 -1.79
N LEU B 223 -19.80 1.28 -1.63
CA LEU B 223 -20.56 0.06 -1.82
C LEU B 223 -20.46 -0.43 -3.27
N LYS B 224 -20.62 0.50 -4.20
CA LYS B 224 -20.51 0.19 -5.62
C LYS B 224 -19.12 -0.32 -5.99
N LEU B 225 -18.11 0.28 -5.39
CA LEU B 225 -16.72 -0.11 -5.64
C LEU B 225 -16.40 -1.47 -5.05
N LEU B 226 -16.92 -1.72 -3.84
CA LEU B 226 -16.70 -2.99 -3.15
C LEU B 226 -17.13 -4.17 -4.02
N GLY B 227 -18.28 -4.04 -4.65
CA GLY B 227 -18.79 -5.06 -5.55
C GLY B 227 -17.85 -5.30 -6.73
N GLU B 228 -17.40 -4.21 -7.35
CA GLU B 228 -16.51 -4.29 -8.50
C GLU B 228 -15.18 -4.97 -8.16
N LEU B 229 -14.65 -4.69 -6.97
CA LEU B 229 -13.41 -5.34 -6.55
C LEU B 229 -13.63 -6.83 -6.37
N LEU B 230 -14.72 -7.19 -5.69
CA LEU B 230 -15.05 -8.60 -5.45
C LEU B 230 -15.39 -9.35 -6.72
N LEU B 231 -15.71 -8.61 -7.79
CA LEU B 231 -16.14 -9.25 -9.02
C LEU B 231 -14.96 -9.58 -9.93
N ASP B 232 -13.89 -8.79 -9.83
CA ASP B 232 -12.74 -8.99 -10.71
C ASP B 232 -11.95 -10.23 -10.33
N ARG B 233 -11.56 -11.01 -11.34
CA ARG B 233 -10.85 -12.26 -11.14
C ARG B 233 -9.53 -12.13 -10.37
N HIS B 234 -8.83 -11.02 -10.56
CA HIS B 234 -7.58 -10.75 -9.84
C HIS B 234 -7.74 -10.73 -8.32
N ASN B 235 -8.94 -10.39 -7.85
CA ASN B 235 -9.16 -10.21 -6.42
C ASN B 235 -9.74 -11.46 -5.77
N PHE B 236 -9.61 -12.59 -6.47
CA PHE B 236 -10.21 -13.85 -6.04
C PHE B 236 -9.86 -14.21 -4.61
N THR B 237 -8.57 -14.12 -4.30
CA THR B 237 -8.07 -14.45 -2.97
C THR B 237 -8.61 -13.48 -1.91
N ILE B 238 -8.89 -12.26 -2.35
CA ILE B 238 -9.38 -11.22 -1.47
C ILE B 238 -10.89 -11.40 -1.31
N MET B 239 -11.54 -11.85 -2.39
CA MET B 239 -12.96 -12.11 -2.37
C MET B 239 -13.30 -13.33 -1.52
N THR B 240 -12.51 -14.39 -1.65
CA THR B 240 -12.69 -15.59 -0.86
C THR B 240 -12.60 -15.30 0.64
N LYS B 241 -11.57 -14.57 1.03
CA LYS B 241 -11.41 -14.18 2.42
C LYS B 241 -12.53 -13.28 2.89
N TYR B 242 -12.99 -12.39 2.01
CA TYR B 242 -14.01 -11.43 2.38
C TYR B 242 -15.32 -12.10 2.74
N ILE B 243 -15.81 -12.94 1.83
CA ILE B 243 -17.11 -13.58 1.99
C ILE B 243 -17.04 -14.83 2.85
N SER B 244 -16.01 -14.92 3.69
CA SER B 244 -15.90 -16.00 4.65
C SER B 244 -16.12 -15.47 6.06
N LYS B 245 -16.20 -14.16 6.18
CA LYS B 245 -16.38 -13.53 7.49
C LYS B 245 -17.85 -13.13 7.69
N PRO B 246 -18.45 -13.65 8.76
CA PRO B 246 -19.85 -13.42 9.18
C PRO B 246 -20.20 -11.95 9.32
N GLU B 247 -19.27 -11.17 9.86
CA GLU B 247 -19.52 -9.77 10.16
C GLU B 247 -19.75 -8.96 8.88
N ASN B 248 -19.11 -9.40 7.79
CA ASN B 248 -19.26 -8.74 6.50
C ASN B 248 -20.61 -9.03 5.86
N LEU B 249 -21.06 -10.27 5.98
CA LEU B 249 -22.39 -10.67 5.48
C LEU B 249 -23.53 -9.97 6.20
N LYS B 250 -23.45 -9.92 7.53
CA LYS B 250 -24.49 -9.29 8.33
C LYS B 250 -24.65 -7.80 8.00
N LEU B 251 -23.57 -7.17 7.54
CA LEU B 251 -23.65 -5.77 7.15
C LEU B 251 -24.35 -5.60 5.81
N MET B 252 -24.08 -6.51 4.87
CA MET B 252 -24.68 -6.42 3.55
C MET B 252 -26.15 -6.79 3.58
N MET B 253 -26.51 -7.74 4.43
CA MET B 253 -27.91 -8.10 4.60
C MET B 253 -28.67 -6.96 5.28
N ASN B 254 -27.93 -6.17 6.05
CA ASN B 254 -28.50 -5.04 6.77
C ASN B 254 -28.66 -3.83 5.88
N LEU B 255 -27.76 -3.70 4.90
CA LEU B 255 -27.83 -2.61 3.94
C LEU B 255 -28.88 -2.89 2.87
N LEU B 256 -29.33 -4.15 2.79
CA LEU B 256 -30.40 -4.54 1.88
C LEU B 256 -31.72 -3.91 2.29
N ARG B 257 -31.90 -3.72 3.60
CA ARG B 257 -33.14 -3.17 4.13
C ARG B 257 -33.02 -1.69 4.40
N ASP B 258 -31.96 -1.08 3.89
CA ASP B 258 -31.68 0.33 4.15
C ASP B 258 -32.81 1.20 3.58
N LYS B 259 -32.97 2.39 4.15
CA LYS B 259 -34.01 3.32 3.72
C LYS B 259 -33.79 3.74 2.27
N SER B 260 -32.53 3.81 1.87
CA SER B 260 -32.18 4.30 0.55
C SER B 260 -32.30 3.19 -0.48
N ARG B 261 -33.10 3.43 -1.51
CA ARG B 261 -33.29 2.48 -2.60
C ARG B 261 -32.00 2.08 -3.30
N ASN B 262 -31.13 3.05 -3.53
CA ASN B 262 -29.90 2.80 -4.27
C ASN B 262 -28.85 2.08 -3.43
N ILE B 263 -28.87 2.31 -2.11
CA ILE B 263 -27.96 1.58 -1.23
C ILE B 263 -28.33 0.11 -1.26
N GLN B 264 -29.63 -0.18 -1.22
CA GLN B 264 -30.13 -1.54 -1.35
C GLN B 264 -29.59 -2.19 -2.61
N PHE B 265 -29.62 -1.43 -3.71
CA PHE B 265 -29.21 -1.96 -5.01
C PHE B 265 -27.72 -2.28 -5.02
N GLU B 266 -26.91 -1.42 -4.41
CA GLU B 266 -25.47 -1.62 -4.36
C GLU B 266 -25.08 -2.73 -3.38
N ALA B 267 -25.82 -2.83 -2.28
CA ALA B 267 -25.59 -3.90 -1.31
C ALA B 267 -25.88 -5.26 -1.93
N PHE B 268 -26.88 -5.29 -2.81
CA PHE B 268 -27.28 -6.50 -3.50
C PHE B 268 -26.11 -7.14 -4.25
N HIS B 269 -25.32 -6.31 -4.91
CA HIS B 269 -24.25 -6.80 -5.78
C HIS B 269 -23.04 -7.28 -4.97
N VAL B 270 -23.06 -6.97 -3.67
CA VAL B 270 -22.07 -7.49 -2.75
C VAL B 270 -22.61 -8.76 -2.12
N PHE B 271 -23.85 -8.68 -1.66
CA PHE B 271 -24.57 -9.82 -1.10
C PHE B 271 -24.61 -11.02 -2.04
N LYS B 272 -24.85 -10.73 -3.32
CA LYS B 272 -24.96 -11.76 -4.36
C LYS B 272 -23.72 -12.67 -4.42
N VAL B 273 -22.56 -12.10 -4.09
CA VAL B 273 -21.31 -12.86 -4.14
C VAL B 273 -21.24 -13.88 -3.00
N PHE B 274 -21.80 -13.51 -1.84
CA PHE B 274 -21.83 -14.41 -0.69
C PHE B 274 -22.60 -15.70 -0.94
N VAL B 275 -23.70 -15.59 -1.69
CA VAL B 275 -24.60 -16.72 -1.88
C VAL B 275 -24.06 -17.63 -2.96
N ALA B 276 -23.53 -17.04 -4.03
CA ALA B 276 -22.97 -17.81 -5.14
C ALA B 276 -21.66 -18.52 -4.78
N ASN B 277 -21.15 -18.30 -3.57
CA ASN B 277 -19.94 -19.01 -3.13
C ASN B 277 -20.27 -20.48 -2.94
N PRO B 278 -19.62 -21.35 -3.72
CA PRO B 278 -19.86 -22.79 -3.60
C PRO B 278 -19.34 -23.34 -2.28
N ASN B 279 -18.16 -22.87 -1.87
CA ASN B 279 -17.53 -23.35 -0.66
C ASN B 279 -17.74 -22.41 0.51
N LYS B 280 -19.00 -22.21 0.89
CA LYS B 280 -19.32 -21.37 2.04
C LYS B 280 -18.76 -21.99 3.31
N THR B 281 -18.39 -21.15 4.26
CA THR B 281 -18.00 -21.62 5.57
C THR B 281 -19.27 -21.80 6.40
N PRO B 282 -19.23 -22.72 7.38
CA PRO B 282 -20.35 -22.96 8.29
C PRO B 282 -21.03 -21.69 8.85
N PRO B 283 -20.26 -20.69 9.34
CA PRO B 283 -21.00 -19.53 9.88
C PRO B 283 -21.68 -18.70 8.80
N ILE B 284 -21.23 -18.83 7.56
CA ILE B 284 -21.89 -18.17 6.44
C ILE B 284 -23.15 -18.96 6.12
N LEU B 285 -23.00 -20.30 6.07
CA LEU B 285 -24.12 -21.19 5.83
C LEU B 285 -25.25 -21.09 6.84
N ASP B 286 -24.90 -21.03 8.13
CA ASP B 286 -25.91 -20.97 9.18
C ASP B 286 -26.76 -19.70 9.08
N ILE B 287 -26.12 -18.59 8.75
CA ILE B 287 -26.83 -17.32 8.64
C ILE B 287 -27.84 -17.40 7.49
N LEU B 288 -27.42 -18.05 6.41
CA LEU B 288 -28.29 -18.20 5.25
C LEU B 288 -29.45 -19.17 5.51
N LEU B 289 -29.20 -20.30 6.18
CA LEU B 289 -30.30 -21.20 6.57
C LEU B 289 -31.27 -20.51 7.53
N LYS B 290 -30.74 -19.89 8.57
CA LYS B 290 -31.56 -19.20 9.56
C LYS B 290 -32.39 -18.07 8.96
N ASN B 291 -31.93 -17.51 7.84
CA ASN B 291 -32.64 -16.41 7.19
C ASN B 291 -33.18 -16.84 5.83
N GLN B 292 -33.16 -18.14 5.59
CA GLN B 292 -33.59 -18.73 4.32
C GLN B 292 -34.99 -18.26 3.88
N THR B 293 -35.97 -18.43 4.76
CA THR B 293 -37.35 -18.10 4.42
C THR B 293 -37.56 -16.59 4.25
N LYS B 294 -36.92 -15.79 5.11
CA LYS B 294 -37.00 -14.33 5.00
C LYS B 294 -36.44 -13.83 3.68
N LEU B 295 -35.34 -14.46 3.26
CA LEU B 295 -34.61 -14.04 2.07
C LEU B 295 -35.35 -14.42 0.79
N ILE B 296 -35.88 -15.64 0.77
CA ILE B 296 -36.64 -16.13 -0.38
C ILE B 296 -37.85 -15.21 -0.61
N GLU B 297 -38.46 -14.75 0.48
CA GLU B 297 -39.57 -13.82 0.41
C GLU B 297 -39.14 -12.42 -0.01
N PHE B 298 -38.01 -11.97 0.50
CA PHE B 298 -37.53 -10.61 0.27
C PHE B 298 -37.13 -10.35 -1.19
N LEU B 299 -36.32 -11.25 -1.74
CA LEU B 299 -35.78 -11.05 -3.07
C LEU B 299 -36.87 -11.21 -4.13
N SER B 300 -38.02 -11.74 -3.71
CA SER B 300 -39.16 -11.91 -4.59
C SER B 300 -39.93 -10.61 -4.72
N LYS B 301 -39.77 -9.74 -3.72
CA LYS B 301 -40.39 -8.43 -3.72
C LYS B 301 -39.36 -7.32 -3.90
N PHE B 302 -38.11 -7.71 -4.14
CA PHE B 302 -37.01 -6.76 -4.18
C PHE B 302 -36.93 -6.02 -5.51
N GLN B 303 -37.26 -4.74 -5.47
CA GLN B 303 -37.16 -3.82 -6.60
C GLN B 303 -37.65 -4.43 -7.92
N ASN B 304 -38.85 -5.01 -7.88
CA ASN B 304 -39.49 -5.51 -9.09
C ASN B 304 -39.99 -4.36 -9.95
N ASP B 305 -40.19 -3.20 -9.32
CA ASP B 305 -40.60 -1.99 -10.01
C ASP B 305 -39.50 -1.55 -10.97
N ARG B 306 -38.27 -1.83 -10.59
CA ARG B 306 -37.12 -1.56 -11.45
C ARG B 306 -37.27 -2.42 -12.69
N ALA B 307 -37.04 -3.72 -12.50
CA ALA B 307 -37.12 -4.71 -13.57
C ALA B 307 -36.32 -4.27 -14.79
N GLU B 308 -36.79 -4.66 -15.98
CA GLU B 308 -36.16 -4.31 -17.27
C GLU B 308 -34.67 -4.68 -17.33
N ASP B 309 -34.00 -4.62 -16.18
CA ASP B 309 -32.60 -4.99 -16.06
C ASP B 309 -32.53 -6.51 -16.11
N GLU B 310 -32.61 -7.05 -17.32
CA GLU B 310 -32.59 -8.49 -17.54
C GLU B 310 -31.49 -9.17 -16.75
N GLN B 311 -30.34 -8.52 -16.67
CA GLN B 311 -29.23 -9.01 -15.87
C GLN B 311 -29.50 -9.01 -14.37
N PHE B 312 -30.22 -7.99 -13.89
CA PHE B 312 -30.60 -7.89 -12.47
C PHE B 312 -31.75 -8.84 -12.14
N SER B 313 -32.77 -8.85 -13.00
CA SER B 313 -33.92 -9.73 -12.84
C SER B 313 -33.50 -11.18 -12.81
N ASP B 314 -32.58 -11.55 -13.71
CA ASP B 314 -32.09 -12.91 -13.79
C ASP B 314 -31.27 -13.28 -12.57
N GLU B 315 -30.57 -12.29 -12.00
CA GLU B 315 -29.76 -12.52 -10.80
C GLU B 315 -30.62 -12.83 -9.60
N LYS B 316 -31.73 -12.09 -9.46
CA LYS B 316 -32.67 -12.30 -8.37
C LYS B 316 -33.23 -13.72 -8.45
N THR B 317 -33.58 -14.15 -9.65
CA THR B 317 -34.10 -15.49 -9.88
C THR B 317 -33.04 -16.52 -9.47
N TYR B 318 -31.78 -16.21 -9.79
CA TYR B 318 -30.65 -17.08 -9.46
C TYR B 318 -30.40 -17.20 -7.97
N LEU B 319 -30.50 -16.09 -7.26
CA LEU B 319 -30.26 -16.06 -5.83
C LEU B 319 -31.33 -16.83 -5.08
N ILE B 320 -32.58 -16.64 -5.48
CA ILE B 320 -33.72 -17.31 -4.85
C ILE B 320 -33.60 -18.82 -5.02
N LYS B 321 -33.17 -19.24 -6.20
CA LYS B 321 -32.88 -20.64 -6.47
C LYS B 321 -31.79 -21.14 -5.52
N GLN B 322 -30.75 -20.33 -5.37
CA GLN B 322 -29.62 -20.67 -4.52
C GLN B 322 -30.00 -20.83 -3.04
N ILE B 323 -30.73 -19.85 -2.51
CA ILE B 323 -31.15 -19.89 -1.11
C ILE B 323 -32.05 -21.11 -0.87
N ARG B 324 -32.89 -21.42 -1.84
CA ARG B 324 -33.75 -22.59 -1.82
C ARG B 324 -32.98 -23.91 -1.78
N ASP B 325 -31.86 -23.97 -2.50
CA ASP B 325 -31.11 -25.21 -2.68
C ASP B 325 -29.97 -25.36 -1.67
N LEU B 326 -30.03 -24.55 -0.61
CA LEU B 326 -29.01 -24.54 0.42
C LEU B 326 -28.90 -25.83 1.24
N LYS B 327 -27.66 -26.18 1.59
CA LYS B 327 -27.38 -27.37 2.40
C LYS B 327 -26.18 -27.11 3.30
N MET C 3 82.47 6.07 -12.92
CA MET C 3 83.10 7.31 -13.39
C MET C 3 82.04 8.38 -13.66
N ALA C 4 81.18 8.62 -12.67
CA ALA C 4 80.09 9.59 -12.74
C ALA C 4 79.01 9.13 -13.73
N PRO C 5 77.73 9.31 -13.36
CA PRO C 5 76.57 8.82 -14.11
C PRO C 5 76.53 9.23 -15.58
N ALA C 6 76.83 10.48 -15.89
CA ALA C 6 76.76 10.97 -17.26
C ALA C 6 77.64 10.19 -18.25
N ASP C 7 78.85 9.82 -17.80
CA ASP C 7 79.76 9.07 -18.66
C ASP C 7 79.30 7.63 -18.87
N ILE C 8 78.71 7.03 -17.84
CA ILE C 8 78.20 5.66 -17.94
C ILE C 8 77.06 5.62 -18.95
N VAL C 9 76.17 6.60 -18.86
CA VAL C 9 75.04 6.73 -19.76
C VAL C 9 75.48 6.90 -21.21
N LYS C 10 76.49 7.72 -21.44
CA LYS C 10 76.96 7.99 -22.79
C LYS C 10 77.59 6.74 -23.38
N ASN C 11 78.33 6.00 -22.56
CA ASN C 11 78.95 4.75 -23.01
C ASN C 11 77.92 3.69 -23.34
N LEU C 12 76.82 3.69 -22.59
CA LEU C 12 75.72 2.78 -22.86
C LEU C 12 75.10 3.21 -24.18
N LYS C 13 74.90 4.51 -24.32
CA LYS C 13 74.44 5.09 -25.57
C LYS C 13 75.35 4.82 -26.76
N ASP C 14 76.65 5.10 -26.59
CA ASP C 14 77.59 4.96 -27.69
C ASP C 14 77.70 3.52 -28.20
N ASN C 15 77.63 2.55 -27.29
CA ASN C 15 77.77 1.15 -27.67
C ASN C 15 76.48 0.54 -28.21
N MET C 16 75.33 1.02 -27.75
CA MET C 16 74.05 0.55 -28.26
C MET C 16 73.90 0.93 -29.73
N THR C 17 74.37 2.11 -30.07
CA THR C 17 74.41 2.57 -31.47
C THR C 17 75.20 1.58 -32.33
N ILE C 18 76.37 1.20 -31.84
CA ILE C 18 77.24 0.25 -32.51
C ILE C 18 76.51 -1.07 -32.80
N LEU C 19 75.67 -1.50 -31.86
CA LEU C 19 74.93 -2.75 -31.99
C LEU C 19 73.83 -2.68 -33.04
N GLU C 20 73.37 -1.46 -33.36
CA GLU C 20 72.30 -1.30 -34.33
C GLU C 20 72.79 -1.54 -35.76
N LYS C 21 74.11 -1.40 -35.95
CA LYS C 21 74.76 -1.70 -37.23
C LYS C 21 74.21 -2.95 -37.92
N SER C 25 80.60 -5.10 -37.56
CA SER C 25 79.94 -6.09 -36.73
C SER C 25 80.87 -7.25 -36.40
N ASP C 26 80.31 -8.47 -36.39
CA ASP C 26 81.04 -9.69 -36.07
C ASP C 26 81.66 -9.68 -34.67
N LYS C 27 82.95 -9.35 -34.60
CA LYS C 27 83.68 -9.31 -33.33
C LYS C 27 83.54 -7.96 -32.64
N LYS C 28 83.21 -6.93 -33.41
CA LYS C 28 83.02 -5.60 -32.83
C LYS C 28 81.71 -5.55 -32.06
N ALA C 29 80.83 -6.52 -32.32
CA ALA C 29 79.56 -6.61 -31.62
C ALA C 29 79.75 -7.14 -30.21
N GLU C 30 80.64 -8.12 -30.07
CA GLU C 30 80.90 -8.76 -28.78
C GLU C 30 81.48 -7.78 -27.77
N LYS C 31 82.43 -6.97 -28.22
CA LYS C 31 83.07 -6.00 -27.34
C LYS C 31 82.09 -4.91 -26.94
N ALA C 32 81.12 -4.65 -27.82
CA ALA C 32 80.08 -3.67 -27.55
C ALA C 32 79.12 -4.20 -26.49
N SER C 33 78.72 -5.46 -26.66
CA SER C 33 77.86 -6.12 -25.69
C SER C 33 78.49 -6.21 -24.32
N GLU C 34 79.81 -6.43 -24.28
CA GLU C 34 80.54 -6.48 -23.03
C GLU C 34 80.47 -5.15 -22.31
N GLU C 35 80.51 -4.07 -23.09
CA GLU C 35 80.51 -2.72 -22.54
C GLU C 35 79.08 -2.32 -22.15
N VAL C 36 78.12 -2.97 -22.77
CA VAL C 36 76.70 -2.76 -22.46
C VAL C 36 76.40 -3.34 -21.08
N SER C 37 76.85 -4.57 -20.87
CA SER C 37 76.66 -5.26 -19.60
C SER C 37 77.38 -4.50 -18.48
N LYS C 38 78.60 -4.07 -18.76
CA LYS C 38 79.38 -3.27 -17.83
C LYS C 38 78.67 -1.96 -17.49
N SER C 39 78.00 -1.36 -18.48
CA SER C 39 77.32 -0.10 -18.26
C SER C 39 76.00 -0.30 -17.52
N LEU C 40 75.29 -1.36 -17.85
CA LEU C 40 74.03 -1.70 -17.18
C LEU C 40 74.26 -2.13 -15.73
N LEU C 41 75.34 -2.85 -15.48
CA LEU C 41 75.67 -3.30 -14.14
C LEU C 41 76.08 -2.16 -13.21
N SER C 42 76.80 -1.18 -13.75
CA SER C 42 77.27 -0.05 -12.96
C SER C 42 76.15 0.92 -12.62
N MET C 43 75.11 0.92 -13.45
CA MET C 43 73.92 1.74 -13.23
C MET C 43 73.20 1.26 -11.98
N LYS C 44 73.16 -0.06 -11.83
CA LYS C 44 72.58 -0.73 -10.68
C LYS C 44 73.34 -0.40 -9.40
N GLU C 45 74.67 -0.44 -9.47
CA GLU C 45 75.52 -0.05 -8.33
C GLU C 45 75.22 1.36 -7.83
N ILE C 46 74.98 2.27 -8.78
CA ILE C 46 74.69 3.65 -8.45
C ILE C 46 73.39 3.74 -7.67
N LEU C 47 72.37 3.05 -8.16
CA LEU C 47 71.05 3.08 -7.55
C LEU C 47 70.99 2.42 -6.16
N TYR C 48 71.76 1.36 -5.98
CA TYR C 48 71.68 0.57 -4.75
C TYR C 48 72.91 0.58 -3.83
N GLY C 49 74.08 0.89 -4.36
CA GLY C 49 75.28 0.86 -3.54
C GLY C 49 75.98 -0.45 -3.83
N THR C 50 77.28 -0.53 -3.56
CA THR C 50 78.01 -1.77 -3.78
C THR C 50 78.56 -2.36 -2.49
N PRO C 55 75.08 4.29 -1.65
CA PRO C 55 73.89 4.94 -2.21
C PRO C 55 73.84 6.44 -1.94
N GLN C 56 73.80 7.24 -2.99
CA GLN C 56 73.85 8.69 -2.86
C GLN C 56 72.72 9.33 -3.66
N THR C 57 71.92 10.13 -2.98
CA THR C 57 70.67 10.65 -3.53
C THR C 57 70.85 11.44 -4.83
N GLU C 58 71.81 12.35 -4.85
CA GLU C 58 71.97 13.20 -6.03
C GLU C 58 72.63 12.49 -7.21
N ALA C 59 73.47 11.50 -6.93
CA ALA C 59 74.07 10.71 -8.00
C ALA C 59 72.97 9.93 -8.69
N VAL C 60 72.02 9.43 -7.90
CA VAL C 60 70.84 8.75 -8.41
C VAL C 60 69.94 9.78 -9.11
N ALA C 61 69.85 10.96 -8.53
CA ALA C 61 69.08 12.05 -9.11
C ALA C 61 69.67 12.47 -10.44
N GLN C 62 71.00 12.37 -10.53
CA GLN C 62 71.71 12.75 -11.74
C GLN C 62 71.53 11.68 -12.80
N LEU C 63 71.62 10.42 -12.38
CA LEU C 63 71.48 9.29 -13.28
C LEU C 63 70.14 9.33 -14.00
N ALA C 64 69.08 9.57 -13.23
CA ALA C 64 67.74 9.73 -13.80
C ALA C 64 67.67 10.85 -14.83
N GLN C 65 68.19 12.02 -14.46
CA GLN C 65 68.15 13.18 -15.33
C GLN C 65 68.92 12.94 -16.64
N GLU C 66 70.07 12.28 -16.53
CA GLU C 66 70.89 11.98 -17.69
C GLU C 66 70.22 10.95 -18.60
N LEU C 67 69.48 10.03 -18.00
CA LEU C 67 68.75 9.03 -18.77
C LEU C 67 67.66 9.69 -19.58
N TYR C 68 67.05 10.74 -19.02
CA TYR C 68 66.06 11.54 -19.74
C TYR C 68 66.70 12.23 -20.93
N ASN C 69 67.78 12.97 -20.65
CA ASN C 69 68.43 13.82 -21.63
C ASN C 69 68.97 13.03 -22.82
N SER C 70 69.49 11.84 -22.53
CA SER C 70 70.11 11.02 -23.56
C SER C 70 69.07 10.31 -24.42
N GLY C 71 67.82 10.32 -23.97
CA GLY C 71 66.75 9.61 -24.64
C GLY C 71 66.99 8.11 -24.60
N LEU C 72 67.87 7.71 -23.69
CA LEU C 72 68.36 6.34 -23.62
C LEU C 72 67.30 5.35 -23.17
N LEU C 73 66.30 5.83 -22.45
CA LEU C 73 65.18 4.99 -22.03
C LEU C 73 64.40 4.48 -23.23
N SER C 74 64.32 5.29 -24.27
CA SER C 74 63.64 4.94 -25.52
C SER C 74 64.51 4.03 -26.38
N THR C 75 65.81 4.27 -26.34
CA THR C 75 66.76 3.45 -27.09
C THR C 75 66.78 2.02 -26.57
N LEU C 76 66.83 1.89 -25.23
CA LEU C 76 66.91 0.58 -24.58
C LEU C 76 65.68 -0.30 -24.80
N VAL C 77 64.52 0.32 -24.98
CA VAL C 77 63.31 -0.43 -25.28
C VAL C 77 63.25 -0.75 -26.77
N ALA C 78 63.71 0.20 -27.59
CA ALA C 78 63.69 0.02 -29.03
C ALA C 78 64.70 -1.02 -29.49
N ASP C 79 65.83 -1.11 -28.78
CA ASP C 79 66.87 -2.06 -29.13
C ASP C 79 66.96 -3.21 -28.12
N LEU C 80 65.84 -3.55 -27.50
CA LEU C 80 65.83 -4.53 -26.42
C LEU C 80 66.32 -5.91 -26.87
N GLN C 81 66.01 -6.27 -28.12
CA GLN C 81 66.44 -7.55 -28.67
C GLN C 81 67.94 -7.62 -28.93
N LEU C 82 68.62 -6.49 -28.82
CA LEU C 82 70.06 -6.44 -29.11
C LEU C 82 70.86 -6.72 -27.84
N ILE C 83 70.17 -6.69 -26.71
CA ILE C 83 70.82 -6.90 -25.43
C ILE C 83 70.60 -8.37 -25.04
N ASP C 84 71.57 -8.94 -24.32
CA ASP C 84 71.49 -10.35 -23.96
C ASP C 84 70.43 -10.63 -22.90
N PHE C 85 70.23 -11.91 -22.60
CA PHE C 85 69.19 -12.35 -21.66
C PHE C 85 69.30 -11.65 -20.31
N GLU C 86 70.48 -11.73 -19.71
CA GLU C 86 70.71 -11.12 -18.41
C GLU C 86 70.63 -9.59 -18.49
N GLY C 87 70.96 -9.05 -19.66
CA GLY C 87 70.91 -7.62 -19.88
C GLY C 87 69.51 -7.05 -19.98
N LYS C 88 68.64 -7.77 -20.68
CA LYS C 88 67.24 -7.38 -20.81
C LYS C 88 66.59 -7.18 -19.45
N LYS C 89 66.94 -8.05 -18.49
CA LYS C 89 66.39 -7.96 -17.14
C LYS C 89 66.99 -6.79 -16.36
N ASP C 90 68.25 -6.48 -16.65
CA ASP C 90 68.89 -5.34 -16.00
C ASP C 90 68.28 -4.03 -16.46
N VAL C 91 67.95 -3.95 -17.75
CA VAL C 91 67.28 -2.78 -18.29
C VAL C 91 65.92 -2.59 -17.63
N ALA C 92 65.20 -3.69 -17.49
CA ALA C 92 63.88 -3.68 -16.87
C ALA C 92 63.92 -3.20 -15.42
N GLN C 93 64.88 -3.71 -14.65
CA GLN C 93 65.01 -3.32 -13.25
C GLN C 93 65.34 -1.84 -13.14
N ILE C 94 66.30 -1.38 -13.94
CA ILE C 94 66.70 0.02 -13.93
C ILE C 94 65.54 0.93 -14.31
N PHE C 95 64.91 0.61 -15.44
CA PHE C 95 63.71 1.31 -15.91
C PHE C 95 62.68 1.43 -14.79
N ASN C 96 62.37 0.31 -14.14
CA ASN C 96 61.33 0.26 -13.13
C ASN C 96 61.70 1.04 -11.86
N ASP C 97 62.98 1.14 -11.56
CA ASP C 97 63.46 1.93 -10.43
C ASP C 97 63.28 3.41 -10.69
N ILE C 98 63.82 3.85 -11.82
CA ILE C 98 63.76 5.25 -12.23
C ILE C 98 62.32 5.72 -12.36
N LEU C 99 61.44 4.79 -12.70
CA LEU C 99 60.02 5.08 -12.88
C LEU C 99 59.37 5.57 -11.59
N ARG C 100 59.79 5.04 -10.46
CA ARG C 100 59.18 5.37 -9.17
C ARG C 100 59.85 6.54 -8.43
N ARG C 101 60.92 7.08 -9.00
CA ARG C 101 61.67 8.16 -8.34
C ARG C 101 60.79 9.38 -8.05
N GLN C 102 60.98 9.97 -6.87
CA GLN C 102 60.18 11.14 -6.47
C GLN C 102 61.01 12.37 -6.14
N ILE C 103 60.46 13.53 -6.51
CA ILE C 103 60.94 14.82 -6.03
C ILE C 103 59.72 15.51 -5.44
N GLY C 104 59.47 15.24 -4.16
CA GLY C 104 58.25 15.68 -3.51
C GLY C 104 57.07 14.86 -4.01
N THR C 105 55.98 15.55 -4.32
CA THR C 105 54.79 14.88 -4.84
C THR C 105 54.85 14.74 -6.36
N ARG C 106 56.05 14.85 -6.92
CA ARG C 106 56.20 14.79 -8.37
C ARG C 106 56.81 13.46 -8.79
N THR C 107 56.40 12.98 -9.96
CA THR C 107 56.97 11.77 -10.54
C THR C 107 57.53 12.09 -11.93
N PRO C 108 58.79 12.55 -11.98
CA PRO C 108 59.49 13.05 -13.17
C PRO C 108 59.42 12.12 -14.38
N THR C 109 59.63 10.82 -14.15
CA THR C 109 59.66 9.86 -15.25
C THR C 109 58.28 9.76 -15.90
N VAL C 110 57.24 9.87 -15.09
CA VAL C 110 55.88 9.87 -15.61
C VAL C 110 55.66 11.12 -16.44
N GLU C 111 56.13 12.25 -15.91
CA GLU C 111 56.06 13.52 -16.62
C GLU C 111 56.85 13.45 -17.92
N TYR C 112 58.00 12.80 -17.85
CA TYR C 112 58.86 12.61 -19.02
C TYR C 112 58.23 11.70 -20.07
N LEU C 113 57.70 10.57 -19.64
CA LEU C 113 57.13 9.59 -20.57
C LEU C 113 55.89 10.13 -21.29
N CYS C 114 55.25 11.14 -20.71
CA CYS C 114 54.06 11.72 -21.32
C CYS C 114 54.44 12.53 -22.54
N THR C 115 55.69 12.95 -22.60
CA THR C 115 56.23 13.67 -23.75
C THR C 115 57.02 12.73 -24.65
N GLN C 116 57.13 11.47 -24.20
CA GLN C 116 57.95 10.47 -24.89
C GLN C 116 57.18 9.16 -25.00
N GLN C 117 56.01 9.21 -25.63
CA GLN C 117 55.03 8.13 -25.55
C GLN C 117 55.31 6.89 -26.40
N ASN C 118 56.23 6.99 -27.36
CA ASN C 118 56.50 5.85 -28.23
C ASN C 118 57.11 4.69 -27.44
N ILE C 119 57.69 5.02 -26.29
CA ILE C 119 58.23 4.04 -25.35
C ILE C 119 57.14 3.06 -24.93
N LEU C 120 55.97 3.59 -24.61
CA LEU C 120 54.83 2.78 -24.20
C LEU C 120 54.32 1.89 -25.32
N PHE C 121 54.25 2.44 -26.53
CA PHE C 121 53.72 1.70 -27.68
C PHE C 121 54.60 0.55 -28.17
N MET C 122 55.93 0.70 -28.09
CA MET C 122 56.81 -0.39 -28.51
C MET C 122 57.16 -1.30 -27.32
N LEU C 123 56.35 -1.22 -26.27
CA LEU C 123 56.46 -2.10 -25.11
C LEU C 123 55.26 -3.02 -25.18
N LEU C 124 54.15 -2.45 -25.62
CA LEU C 124 52.95 -3.21 -25.86
C LEU C 124 53.17 -4.06 -27.11
N LYS C 125 53.88 -3.48 -28.07
CA LYS C 125 54.20 -4.16 -29.31
C LYS C 125 55.22 -5.27 -29.09
N GLY C 126 55.93 -5.21 -27.96
CA GLY C 126 56.90 -6.21 -27.61
C GLY C 126 56.33 -7.60 -27.35
N TYR C 127 55.01 -7.67 -27.15
CA TYR C 127 54.35 -8.95 -26.91
C TYR C 127 54.39 -9.80 -28.17
N GLU C 128 54.70 -9.17 -29.29
CA GLU C 128 54.77 -9.85 -30.58
C GLU C 128 56.20 -10.27 -30.87
N SER C 129 57.07 -10.11 -29.88
CA SER C 129 58.47 -10.50 -30.00
C SER C 129 58.85 -11.35 -28.80
N PRO C 130 58.76 -12.68 -28.96
CA PRO C 130 58.92 -13.67 -27.90
C PRO C 130 60.20 -13.54 -27.06
N ASP C 131 61.26 -12.98 -27.63
CA ASP C 131 62.52 -12.83 -26.91
C ASP C 131 62.49 -11.68 -25.90
N ILE C 132 61.52 -10.78 -26.04
CA ILE C 132 61.45 -9.59 -25.18
C ILE C 132 60.06 -9.33 -24.60
N ALA C 133 59.08 -10.14 -25.01
CA ALA C 133 57.70 -9.95 -24.58
C ALA C 133 57.54 -9.89 -23.06
N LEU C 134 58.10 -10.88 -22.36
CA LEU C 134 57.98 -10.94 -20.92
C LEU C 134 58.64 -9.74 -20.24
N ASN C 135 59.76 -9.28 -20.80
CA ASN C 135 60.44 -8.10 -20.27
C ASN C 135 59.56 -6.87 -20.45
N CYS C 136 59.02 -6.72 -21.66
CA CYS C 136 58.16 -5.61 -21.98
C CYS C 136 56.95 -5.61 -21.04
N GLY C 137 56.37 -6.79 -20.82
CA GLY C 137 55.24 -6.91 -19.91
C GLY C 137 55.58 -6.47 -18.51
N ILE C 138 56.77 -6.81 -18.05
CA ILE C 138 57.24 -6.42 -16.73
C ILE C 138 57.40 -4.91 -16.67
N MET C 139 57.98 -4.37 -17.73
CA MET C 139 58.23 -2.94 -17.84
C MET C 139 56.94 -2.15 -18.02
N LEU C 140 56.03 -2.69 -18.84
CA LEU C 140 54.76 -2.02 -19.12
C LEU C 140 53.80 -1.98 -17.93
N ARG C 141 53.74 -3.06 -17.16
CA ARG C 141 52.85 -3.11 -16.01
C ARG C 141 53.27 -2.12 -14.94
N GLU C 142 54.57 -1.84 -14.85
CA GLU C 142 55.06 -0.85 -13.90
C GLU C 142 54.69 0.56 -14.35
N CYS C 143 54.70 0.79 -15.67
CA CYS C 143 54.27 2.05 -16.25
C CYS C 143 52.79 2.29 -15.93
N ILE C 144 52.01 1.24 -16.13
CA ILE C 144 50.55 1.30 -16.04
C ILE C 144 50.07 1.52 -14.59
N ARG C 145 50.98 1.43 -13.64
CA ARG C 145 50.65 1.80 -12.26
C ARG C 145 50.24 3.26 -12.14
N HIS C 146 50.79 4.10 -13.00
CA HIS C 146 50.47 5.52 -13.01
C HIS C 146 49.37 5.83 -14.02
N GLU C 147 48.38 6.61 -13.59
CA GLU C 147 47.19 6.85 -14.40
C GLU C 147 47.46 7.53 -15.75
N PRO C 148 48.34 8.56 -15.79
CA PRO C 148 48.57 9.16 -17.11
C PRO C 148 49.13 8.17 -18.13
N LEU C 149 49.98 7.26 -17.68
CA LEU C 149 50.56 6.24 -18.55
C LEU C 149 49.54 5.17 -18.88
N ALA C 150 48.69 4.83 -17.91
CA ALA C 150 47.63 3.86 -18.13
C ALA C 150 46.60 4.41 -19.11
N LYS C 151 46.31 5.70 -19.00
CA LYS C 151 45.39 6.36 -19.92
C LYS C 151 45.85 6.23 -21.38
N ILE C 152 47.10 6.62 -21.62
CA ILE C 152 47.69 6.54 -22.95
C ILE C 152 47.59 5.13 -23.54
N THR C 153 47.90 4.14 -22.70
CA THR C 153 47.89 2.75 -23.14
C THR C 153 46.50 2.24 -23.43
N LEU C 154 45.60 2.40 -22.47
CA LEU C 154 44.23 1.91 -22.59
C LEU C 154 43.50 2.53 -23.79
N CYS C 155 43.76 3.81 -24.04
CA CYS C 155 42.97 4.56 -25.01
C CYS C 155 43.55 4.54 -26.42
N SER C 156 44.73 3.95 -26.59
CA SER C 156 45.27 3.80 -27.94
C SER C 156 44.55 2.65 -28.66
N GLU C 157 44.56 2.69 -29.99
CA GLU C 157 43.93 1.64 -30.80
C GLU C 157 44.63 0.31 -30.62
N GLN C 158 45.90 0.39 -30.24
CA GLN C 158 46.72 -0.80 -30.10
C GLN C 158 46.43 -1.51 -28.77
N PHE C 159 45.59 -0.91 -27.93
CA PHE C 159 45.13 -1.61 -26.75
C PHE C 159 44.40 -2.89 -27.17
N TYR C 160 43.66 -2.81 -28.26
CA TYR C 160 42.87 -3.94 -28.75
C TYR C 160 43.74 -5.10 -29.23
N ASP C 161 45.03 -4.87 -29.37
CA ASP C 161 45.96 -5.95 -29.67
C ASP C 161 45.97 -6.98 -28.54
N PHE C 162 45.60 -6.56 -27.34
CA PHE C 162 45.56 -7.45 -26.18
C PHE C 162 44.70 -8.68 -26.39
N PHE C 163 43.56 -8.51 -27.05
CA PHE C 163 42.65 -9.62 -27.32
C PHE C 163 43.36 -10.72 -28.12
N ARG C 164 44.28 -10.30 -28.99
CA ARG C 164 45.09 -11.21 -29.76
C ARG C 164 46.23 -11.84 -28.94
N TYR C 165 46.84 -11.05 -28.07
CA TYR C 165 48.02 -11.47 -27.32
C TYR C 165 47.74 -12.60 -26.32
N VAL C 166 46.55 -12.61 -25.73
CA VAL C 166 46.21 -13.61 -24.72
C VAL C 166 45.72 -14.89 -25.39
N GLU C 167 45.30 -14.76 -26.64
CA GLU C 167 44.77 -15.89 -27.40
C GLU C 167 45.89 -16.57 -28.18
N MET C 168 47.02 -15.88 -28.33
CA MET C 168 48.15 -16.42 -29.09
C MET C 168 48.59 -17.74 -28.46
N SER C 169 49.52 -18.45 -29.09
CA SER C 169 49.68 -19.87 -28.82
C SER C 169 50.76 -20.13 -27.79
N THR C 170 51.35 -19.06 -27.27
CA THR C 170 52.36 -19.15 -26.22
C THR C 170 51.70 -18.82 -24.88
N PHE C 171 51.35 -19.85 -24.10
CA PHE C 171 50.52 -19.65 -22.91
C PHE C 171 51.23 -19.04 -21.70
N ASP C 172 52.50 -18.66 -21.86
CA ASP C 172 53.18 -17.95 -20.79
C ASP C 172 53.27 -16.47 -21.17
N ILE C 173 53.38 -16.22 -22.47
CA ILE C 173 53.33 -14.86 -23.00
C ILE C 173 51.89 -14.37 -22.91
N ALA C 174 50.96 -15.21 -23.35
CA ALA C 174 49.53 -14.91 -23.31
C ALA C 174 49.06 -14.61 -21.90
N SER C 175 49.55 -15.39 -20.94
CA SER C 175 49.23 -15.20 -19.52
C SER C 175 49.74 -13.88 -18.98
N ASP C 176 50.88 -13.44 -19.49
CA ASP C 176 51.50 -12.21 -19.04
C ASP C 176 50.73 -11.02 -19.59
N ALA C 177 50.32 -11.14 -20.85
CA ALA C 177 49.52 -10.12 -21.50
C ALA C 177 48.20 -9.91 -20.76
N PHE C 178 47.65 -10.97 -20.18
CA PHE C 178 46.40 -10.86 -19.46
C PHE C 178 46.59 -10.13 -18.14
N ALA C 179 47.76 -10.29 -17.53
CA ALA C 179 48.06 -9.59 -16.27
C ALA C 179 48.03 -8.08 -16.49
N THR C 180 48.55 -7.65 -17.64
CA THR C 180 48.57 -6.24 -17.99
C THR C 180 47.20 -5.79 -18.43
N PHE C 181 46.60 -6.58 -19.31
CA PHE C 181 45.22 -6.40 -19.77
C PHE C 181 44.26 -6.21 -18.60
N LYS C 182 44.32 -7.12 -17.62
CA LYS C 182 43.46 -7.04 -16.45
C LYS C 182 43.74 -5.81 -15.60
N ASP C 183 45.02 -5.47 -15.46
CA ASP C 183 45.42 -4.33 -14.64
C ASP C 183 44.88 -3.04 -15.22
N LEU C 184 45.04 -2.88 -16.52
CA LEU C 184 44.54 -1.71 -17.24
C LEU C 184 43.04 -1.51 -17.02
N LEU C 185 42.30 -2.62 -16.89
CA LEU C 185 40.85 -2.58 -16.74
C LEU C 185 40.36 -2.44 -15.29
N THR C 186 41.25 -2.55 -14.32
CA THR C 186 40.82 -2.58 -12.92
C THR C 186 41.52 -1.61 -11.96
N ARG C 187 42.78 -1.27 -12.22
CA ARG C 187 43.53 -0.44 -11.28
C ARG C 187 42.99 0.98 -11.17
N HIS C 188 42.85 1.65 -12.29
CA HIS C 188 42.35 3.02 -12.31
C HIS C 188 40.86 3.07 -12.64
N LYS C 189 40.04 3.09 -11.59
CA LYS C 189 38.58 2.94 -11.68
C LYS C 189 37.87 3.95 -12.58
N VAL C 190 38.12 5.23 -12.35
CA VAL C 190 37.45 6.28 -13.11
C VAL C 190 37.87 6.20 -14.57
N LEU C 191 39.17 6.03 -14.77
CA LEU C 191 39.72 5.86 -16.12
C LEU C 191 39.11 4.67 -16.83
N SER C 192 39.10 3.53 -16.14
CA SER C 192 38.56 2.29 -16.70
C SER C 192 37.07 2.38 -17.02
N ALA C 193 36.33 3.08 -16.19
CA ALA C 193 34.88 3.15 -16.37
C ALA C 193 34.51 4.02 -17.56
N GLU C 194 35.23 5.12 -17.74
CA GLU C 194 35.00 6.02 -18.85
C GLU C 194 35.28 5.32 -20.19
N PHE C 195 36.36 4.54 -20.24
CA PHE C 195 36.68 3.80 -21.45
C PHE C 195 35.59 2.80 -21.78
N LEU C 196 35.13 2.09 -20.76
CA LEU C 196 34.15 1.02 -20.93
C LEU C 196 32.80 1.55 -21.38
N GLU C 197 32.38 2.71 -20.84
CA GLU C 197 31.11 3.29 -21.23
C GLU C 197 31.11 3.70 -22.70
N GLN C 198 32.14 4.43 -23.10
CA GLN C 198 32.23 4.95 -24.45
C GLN C 198 32.57 3.85 -25.46
N HIS C 199 33.29 2.84 -25.02
CA HIS C 199 33.73 1.79 -25.94
C HIS C 199 33.12 0.45 -25.58
N TYR C 200 31.91 0.49 -25.04
CA TYR C 200 31.16 -0.71 -24.68
C TYR C 200 31.05 -1.70 -25.84
N ASP C 201 30.33 -1.28 -26.88
CA ASP C 201 29.98 -2.15 -27.99
C ASP C 201 31.16 -2.90 -28.60
N ARG C 202 32.28 -2.20 -28.78
CA ARG C 202 33.44 -2.83 -29.40
C ARG C 202 34.22 -3.72 -28.43
N PHE C 203 34.40 -3.23 -27.21
CA PHE C 203 35.14 -3.97 -26.20
C PHE C 203 34.47 -5.32 -25.94
N PHE C 204 33.17 -5.29 -25.69
CA PHE C 204 32.43 -6.50 -25.36
C PHE C 204 32.14 -7.36 -26.59
N SER C 205 32.19 -6.76 -27.78
CA SER C 205 32.12 -7.54 -29.01
C SER C 205 33.38 -8.38 -29.12
N GLU C 206 34.48 -7.84 -28.59
CA GLU C 206 35.75 -8.55 -28.53
C GLU C 206 35.89 -9.44 -27.30
N TYR C 207 35.22 -9.07 -26.21
CA TYR C 207 35.37 -9.82 -24.96
C TYR C 207 34.63 -11.15 -25.03
N GLU C 208 33.50 -11.19 -25.74
CA GLU C 208 32.76 -12.44 -25.94
C GLU C 208 33.66 -13.49 -26.58
N LYS C 209 34.50 -13.03 -27.51
CA LYS C 209 35.42 -13.91 -28.22
C LYS C 209 36.38 -14.59 -27.24
N LEU C 210 36.71 -13.89 -26.15
CA LEU C 210 37.56 -14.46 -25.12
C LEU C 210 36.83 -15.55 -24.34
N LEU C 211 35.51 -15.46 -24.31
CA LEU C 211 34.69 -16.39 -23.54
C LEU C 211 34.38 -17.69 -24.29
N HIS C 212 34.90 -17.82 -25.51
CA HIS C 212 34.76 -19.05 -26.27
C HIS C 212 36.15 -19.62 -26.55
N SER C 213 37.11 -19.21 -25.72
CA SER C 213 38.51 -19.54 -25.94
C SER C 213 38.81 -21.05 -25.95
N GLU C 214 39.72 -21.43 -26.84
CA GLU C 214 40.24 -22.79 -26.84
C GLU C 214 41.16 -22.98 -25.64
N ASN C 215 41.92 -21.94 -25.31
CA ASN C 215 42.73 -21.96 -24.10
C ASN C 215 41.81 -21.84 -22.89
N TYR C 216 41.89 -22.83 -22.01
CA TYR C 216 41.04 -22.91 -20.84
C TYR C 216 41.27 -21.73 -19.89
N VAL C 217 42.54 -21.43 -19.62
CA VAL C 217 42.90 -20.37 -18.68
C VAL C 217 42.32 -19.02 -19.09
N THR C 218 42.35 -18.73 -20.38
CA THR C 218 41.83 -17.45 -20.88
C THR C 218 40.33 -17.38 -20.71
N LYS C 219 39.65 -18.49 -20.93
CA LYS C 219 38.20 -18.57 -20.77
C LYS C 219 37.81 -18.32 -19.32
N ARG C 220 38.48 -19.01 -18.42
CA ARG C 220 38.23 -18.90 -16.99
C ARG C 220 38.58 -17.50 -16.47
N GLN C 221 39.77 -17.02 -16.83
CA GLN C 221 40.24 -15.71 -16.37
C GLN C 221 39.44 -14.55 -16.95
N SER C 222 38.94 -14.72 -18.17
CA SER C 222 38.07 -13.70 -18.77
C SER C 222 36.75 -13.68 -18.02
N LEU C 223 36.25 -14.87 -17.70
CA LEU C 223 35.01 -15.01 -16.95
C LEU C 223 35.12 -14.40 -15.57
N LYS C 224 36.23 -14.71 -14.89
CA LYS C 224 36.49 -14.22 -13.54
C LYS C 224 36.61 -12.70 -13.50
N LEU C 225 37.24 -12.12 -14.51
CA LEU C 225 37.41 -10.68 -14.60
C LEU C 225 36.08 -10.00 -14.87
N LEU C 226 35.28 -10.61 -15.73
CA LEU C 226 33.97 -10.07 -16.09
C LEU C 226 33.11 -9.85 -14.86
N GLY C 227 33.12 -10.83 -13.96
CA GLY C 227 32.38 -10.75 -12.71
C GLY C 227 32.83 -9.59 -11.85
N GLU C 228 34.14 -9.45 -11.68
CA GLU C 228 34.72 -8.38 -10.87
C GLU C 228 34.37 -7.00 -11.43
N LEU C 229 34.35 -6.90 -12.76
CA LEU C 229 34.01 -5.65 -13.43
C LEU C 229 32.55 -5.28 -13.18
N LEU C 230 31.66 -6.26 -13.32
CA LEU C 230 30.23 -6.04 -13.12
C LEU C 230 29.90 -5.74 -11.66
N LEU C 231 30.82 -6.09 -10.77
CA LEU C 231 30.59 -5.92 -9.34
C LEU C 231 31.00 -4.52 -8.90
N ASP C 232 31.94 -3.93 -9.62
CA ASP C 232 32.49 -2.63 -9.25
C ASP C 232 31.46 -1.54 -9.48
N ARG C 233 31.39 -0.62 -8.53
CA ARG C 233 30.43 0.48 -8.55
C ARG C 233 30.58 1.25 -9.87
N HIS C 234 31.61 2.08 -9.97
CA HIS C 234 32.01 2.78 -11.20
C HIS C 234 31.49 2.22 -12.55
N ASN C 235 31.32 0.91 -12.65
CA ASN C 235 30.95 0.28 -13.91
C ASN C 235 29.47 0.00 -13.98
N PHE C 236 28.71 0.60 -13.07
CA PHE C 236 27.28 0.32 -12.94
C PHE C 236 26.52 0.51 -14.24
N THR C 237 26.77 1.61 -14.93
CA THR C 237 26.09 1.91 -16.19
C THR C 237 26.44 0.86 -17.23
N ILE C 238 27.63 0.28 -17.11
CA ILE C 238 28.11 -0.72 -18.07
C ILE C 238 27.53 -2.06 -17.69
N MET C 239 27.38 -2.28 -16.39
CA MET C 239 26.86 -3.53 -15.86
C MET C 239 25.40 -3.71 -16.23
N THR C 240 24.63 -2.63 -16.11
CA THR C 240 23.22 -2.64 -16.48
C THR C 240 23.01 -3.00 -17.94
N LYS C 241 23.81 -2.39 -18.83
CA LYS C 241 23.71 -2.65 -20.26
C LYS C 241 24.02 -4.10 -20.57
N TYR C 242 24.97 -4.67 -19.83
CA TYR C 242 25.39 -6.06 -20.06
C TYR C 242 24.22 -7.00 -19.77
N ILE C 243 23.64 -6.85 -18.59
CA ILE C 243 22.58 -7.76 -18.15
C ILE C 243 21.22 -7.34 -18.69
N SER C 244 21.23 -6.56 -19.77
CA SER C 244 20.00 -6.16 -20.44
C SER C 244 19.91 -6.84 -21.80
N LYS C 245 20.99 -7.51 -22.17
CA LYS C 245 21.06 -8.19 -23.45
C LYS C 245 20.88 -9.70 -23.27
N PRO C 246 19.86 -10.25 -23.95
CA PRO C 246 19.48 -11.67 -23.97
C PRO C 246 20.62 -12.61 -24.34
N GLU C 247 21.45 -12.20 -25.31
CA GLU C 247 22.49 -13.06 -25.85
C GLU C 247 23.54 -13.40 -24.80
N ASN C 248 23.75 -12.47 -23.88
CA ASN C 248 24.73 -12.65 -22.81
C ASN C 248 24.28 -13.63 -21.74
N LEU C 249 23.00 -13.56 -21.36
CA LEU C 249 22.43 -14.47 -20.37
C LEU C 249 22.45 -15.92 -20.84
N LYS C 250 22.06 -16.16 -22.09
CA LYS C 250 22.05 -17.53 -22.62
C LYS C 250 23.45 -18.16 -22.61
N LEU C 251 24.47 -17.33 -22.73
CA LEU C 251 25.84 -17.83 -22.67
C LEU C 251 26.24 -18.12 -21.22
N MET C 252 25.81 -17.26 -20.31
CA MET C 252 26.15 -17.41 -18.90
C MET C 252 25.41 -18.61 -18.33
N MET C 253 24.20 -18.83 -18.81
CA MET C 253 23.43 -20.01 -18.43
C MET C 253 24.08 -21.27 -19.01
N ASN C 254 24.78 -21.11 -20.13
CA ASN C 254 25.45 -22.24 -20.77
C ASN C 254 26.77 -22.58 -20.12
N LEU C 255 27.45 -21.57 -19.58
CA LEU C 255 28.71 -21.81 -18.91
C LEU C 255 28.44 -22.36 -17.51
N LEU C 256 27.19 -22.27 -17.08
CA LEU C 256 26.75 -22.90 -15.84
C LEU C 256 26.74 -24.42 -16.01
N ARG C 257 26.46 -24.86 -17.24
CA ARG C 257 26.37 -26.28 -17.54
C ARG C 257 27.66 -26.83 -18.13
N ASP C 258 28.72 -26.03 -18.04
CA ASP C 258 30.01 -26.43 -18.60
C ASP C 258 30.54 -27.67 -17.89
N LYS C 259 31.39 -28.43 -18.57
CA LYS C 259 31.99 -29.62 -17.99
C LYS C 259 32.88 -29.28 -16.79
N SER C 260 33.52 -28.12 -16.86
CA SER C 260 34.50 -27.74 -15.84
C SER C 260 33.85 -27.11 -14.62
N ARG C 261 34.17 -27.68 -13.46
CA ARG C 261 33.69 -27.20 -12.17
C ARG C 261 34.05 -25.73 -11.98
N ASN C 262 35.23 -25.35 -12.46
CA ASN C 262 35.72 -23.99 -12.30
C ASN C 262 35.07 -22.99 -13.24
N ILE C 263 34.70 -23.42 -14.44
CA ILE C 263 34.00 -22.53 -15.37
C ILE C 263 32.61 -22.21 -14.84
N GLN C 264 31.92 -23.24 -14.35
CA GLN C 264 30.61 -23.08 -13.73
C GLN C 264 30.62 -22.06 -12.60
N PHE C 265 31.62 -22.17 -11.73
CA PHE C 265 31.69 -21.32 -10.54
C PHE C 265 31.94 -19.86 -10.91
N GLU C 266 32.80 -19.63 -11.91
CA GLU C 266 33.08 -18.28 -12.35
C GLU C 266 31.89 -17.72 -13.12
N ALA C 267 31.21 -18.59 -13.87
CA ALA C 267 30.00 -18.21 -14.58
C ALA C 267 28.90 -17.79 -13.61
N PHE C 268 28.87 -18.46 -12.47
CA PHE C 268 27.92 -18.19 -11.41
C PHE C 268 27.96 -16.73 -10.97
N HIS C 269 29.17 -16.19 -10.85
CA HIS C 269 29.33 -14.83 -10.32
C HIS C 269 29.00 -13.75 -11.33
N VAL C 270 28.83 -14.14 -12.59
CA VAL C 270 28.34 -13.23 -13.62
C VAL C 270 26.82 -13.37 -13.75
N PHE C 271 26.36 -14.62 -13.83
CA PHE C 271 24.94 -14.95 -13.89
C PHE C 271 24.14 -14.34 -12.73
N LYS C 272 24.70 -14.42 -11.52
CA LYS C 272 24.04 -13.92 -10.32
C LYS C 272 23.64 -12.45 -10.45
N VAL C 273 24.39 -11.70 -11.25
CA VAL C 273 24.13 -10.28 -11.45
C VAL C 273 22.88 -10.10 -12.32
N PHE C 274 22.69 -11.01 -13.28
CA PHE C 274 21.54 -10.97 -14.17
C PHE C 274 20.22 -11.10 -13.40
N VAL C 275 20.23 -11.90 -12.33
CA VAL C 275 19.02 -12.20 -11.57
C VAL C 275 18.72 -11.12 -10.53
N ALA C 276 19.74 -10.62 -9.86
CA ALA C 276 19.56 -9.60 -8.83
C ALA C 276 19.11 -8.25 -9.38
N ASN C 277 19.03 -8.12 -10.70
CA ASN C 277 18.56 -6.90 -11.33
C ASN C 277 17.07 -6.70 -11.09
N PRO C 278 16.71 -5.61 -10.41
CA PRO C 278 15.29 -5.32 -10.17
C PRO C 278 14.57 -4.96 -11.45
N ASN C 279 15.24 -4.19 -12.31
CA ASN C 279 14.62 -3.71 -13.53
C ASN C 279 14.99 -4.56 -14.74
N LYS C 280 14.62 -5.84 -14.70
CA LYS C 280 14.85 -6.74 -15.82
C LYS C 280 14.06 -6.31 -17.04
N THR C 281 14.63 -6.53 -18.22
CA THR C 281 13.91 -6.30 -19.46
C THR C 281 13.09 -7.53 -19.79
N PRO C 282 11.96 -7.33 -20.49
CA PRO C 282 11.10 -8.44 -20.93
C PRO C 282 11.87 -9.63 -21.51
N PRO C 283 12.85 -9.40 -22.42
CA PRO C 283 13.49 -10.62 -22.91
C PRO C 283 14.36 -11.31 -21.86
N ILE C 284 14.80 -10.58 -20.84
CA ILE C 284 15.55 -11.18 -19.75
C ILE C 284 14.61 -11.91 -18.78
N LEU C 285 13.54 -11.23 -18.39
CA LEU C 285 12.54 -11.84 -17.51
C LEU C 285 11.94 -13.09 -18.14
N ASP C 286 11.65 -13.02 -19.43
CA ASP C 286 11.06 -14.14 -20.15
C ASP C 286 11.95 -15.38 -20.17
N ILE C 287 13.25 -15.18 -20.36
CA ILE C 287 14.19 -16.30 -20.41
C ILE C 287 14.29 -17.01 -19.07
N LEU C 288 14.28 -16.24 -17.99
CA LEU C 288 14.37 -16.80 -16.65
C LEU C 288 13.12 -17.58 -16.26
N LEU C 289 11.95 -17.03 -16.59
CA LEU C 289 10.67 -17.70 -16.34
C LEU C 289 10.56 -19.04 -17.07
N LYS C 290 10.88 -19.03 -18.37
CA LYS C 290 10.86 -20.25 -19.17
C LYS C 290 11.82 -21.30 -18.62
N ASN C 291 12.84 -20.84 -17.91
CA ASN C 291 13.85 -21.72 -17.33
C ASN C 291 13.82 -21.72 -15.81
N GLN C 292 12.76 -21.17 -15.25
CA GLN C 292 12.58 -21.06 -13.80
C GLN C 292 12.75 -22.37 -13.06
N THR C 293 12.01 -23.40 -13.47
CA THR C 293 12.04 -24.68 -12.78
C THR C 293 13.40 -25.39 -12.93
N LYS C 294 13.98 -25.33 -14.13
CA LYS C 294 15.29 -25.92 -14.37
C LYS C 294 16.39 -25.28 -13.53
N LEU C 295 16.29 -23.96 -13.36
CA LEU C 295 17.32 -23.21 -12.66
C LEU C 295 17.27 -23.42 -11.16
N ILE C 296 16.07 -23.42 -10.61
CA ILE C 296 15.85 -23.65 -9.19
C ILE C 296 16.37 -25.03 -8.77
N GLU C 297 16.19 -26.01 -9.64
CA GLU C 297 16.67 -27.36 -9.41
C GLU C 297 18.19 -27.41 -9.47
N PHE C 298 18.75 -26.65 -10.41
CA PHE C 298 20.19 -26.64 -10.65
C PHE C 298 20.95 -26.06 -9.47
N LEU C 299 20.53 -24.88 -9.01
CA LEU C 299 21.25 -24.16 -7.98
C LEU C 299 21.11 -24.85 -6.62
N SER C 300 20.19 -25.82 -6.56
CA SER C 300 19.98 -26.61 -5.36
C SER C 300 20.98 -27.76 -5.28
N LYS C 301 21.49 -28.18 -6.43
CA LYS C 301 22.49 -29.23 -6.49
C LYS C 301 23.85 -28.67 -6.89
N PHE C 302 23.93 -27.36 -7.04
CA PHE C 302 25.13 -26.75 -7.61
C PHE C 302 26.26 -26.58 -6.61
N GLN C 303 27.31 -27.39 -6.81
CA GLN C 303 28.55 -27.33 -6.05
C GLN C 303 28.32 -27.08 -4.56
N ASN C 304 27.42 -27.87 -3.98
CA ASN C 304 27.16 -27.86 -2.54
C ASN C 304 28.30 -28.49 -1.77
N ASP C 305 29.14 -29.25 -2.49
CA ASP C 305 30.30 -29.91 -1.92
C ASP C 305 31.31 -28.92 -1.33
N ARG C 306 31.35 -27.70 -1.87
CA ARG C 306 32.24 -26.66 -1.35
C ARG C 306 31.89 -26.28 0.09
N ALA C 307 30.80 -25.53 0.26
CA ALA C 307 30.32 -25.08 1.57
C ALA C 307 31.35 -24.44 2.52
N GLU C 308 32.56 -24.17 2.01
CA GLU C 308 33.58 -23.52 2.81
C GLU C 308 33.48 -21.99 2.76
N ASP C 309 32.87 -21.49 1.70
CA ASP C 309 32.71 -20.05 1.51
C ASP C 309 31.66 -19.41 2.43
N GLU C 310 30.44 -19.93 2.35
CA GLU C 310 29.25 -19.47 3.08
C GLU C 310 28.61 -18.25 2.41
N GLN C 311 29.42 -17.32 1.91
CA GLN C 311 28.88 -16.20 1.14
C GLN C 311 28.31 -16.75 -0.16
N PHE C 312 28.94 -17.81 -0.65
CA PHE C 312 28.51 -18.51 -1.86
C PHE C 312 27.24 -19.31 -1.59
N SER C 313 27.23 -20.02 -0.46
CA SER C 313 26.05 -20.79 -0.06
C SER C 313 24.85 -19.87 0.15
N ASP C 314 25.07 -18.72 0.78
CA ASP C 314 24.00 -17.75 1.00
C ASP C 314 23.56 -17.10 -0.30
N GLU C 315 24.49 -16.93 -1.24
CA GLU C 315 24.17 -16.34 -2.54
C GLU C 315 23.26 -17.26 -3.34
N LYS C 316 23.54 -18.57 -3.30
CA LYS C 316 22.73 -19.56 -3.99
C LYS C 316 21.31 -19.56 -3.44
N THR C 317 21.18 -19.49 -2.12
CA THR C 317 19.87 -19.45 -1.48
C THR C 317 19.13 -18.21 -1.95
N TYR C 318 19.88 -17.12 -2.09
CA TYR C 318 19.32 -15.85 -2.53
C TYR C 318 18.86 -15.93 -3.98
N LEU C 319 19.63 -16.62 -4.81
CA LEU C 319 19.26 -16.74 -6.22
C LEU C 319 18.00 -17.61 -6.31
N ILE C 320 17.97 -18.70 -5.56
CA ILE C 320 16.82 -19.61 -5.55
C ILE C 320 15.59 -18.89 -5.00
N LYS C 321 15.81 -18.07 -3.98
CA LYS C 321 14.78 -17.18 -3.46
C LYS C 321 14.26 -16.24 -4.54
N GLN C 322 15.18 -15.63 -5.27
CA GLN C 322 14.83 -14.68 -6.31
C GLN C 322 14.02 -15.30 -7.45
N ILE C 323 14.54 -16.40 -7.99
CA ILE C 323 13.92 -17.06 -9.14
C ILE C 323 12.50 -17.55 -8.85
N ARG C 324 12.27 -18.01 -7.63
CA ARG C 324 10.93 -18.39 -7.19
C ARG C 324 9.95 -17.23 -7.28
N ASP C 325 10.43 -16.02 -7.02
CA ASP C 325 9.56 -14.85 -6.88
C ASP C 325 9.39 -14.02 -8.17
N LEU C 326 9.80 -14.57 -9.30
CA LEU C 326 9.64 -13.86 -10.58
C LEU C 326 8.20 -13.67 -11.04
N LYS C 327 7.95 -12.49 -11.61
CA LYS C 327 6.64 -12.12 -12.13
C LYS C 327 6.78 -11.25 -13.37
N ALA D 4 -57.98 -16.14 -12.71
CA ALA D 4 -58.77 -15.89 -11.51
C ALA D 4 -58.35 -16.82 -10.38
N PRO D 5 -58.25 -16.27 -9.16
CA PRO D 5 -57.74 -17.01 -7.99
C PRO D 5 -58.52 -18.30 -7.74
N ALA D 6 -59.83 -18.23 -7.81
CA ALA D 6 -60.68 -19.39 -7.58
C ALA D 6 -60.42 -20.53 -8.57
N ASP D 7 -60.14 -20.16 -9.82
CA ASP D 7 -59.88 -21.17 -10.85
C ASP D 7 -58.56 -21.87 -10.60
N ILE D 8 -57.58 -21.12 -10.15
CA ILE D 8 -56.25 -21.66 -9.85
C ILE D 8 -56.34 -22.64 -8.69
N VAL D 9 -57.07 -22.25 -7.65
CA VAL D 9 -57.27 -23.08 -6.48
C VAL D 9 -58.00 -24.37 -6.83
N LYS D 10 -59.04 -24.26 -7.65
CA LYS D 10 -59.82 -25.43 -8.03
C LYS D 10 -59.00 -26.34 -8.93
N ASN D 11 -58.22 -25.74 -9.80
CA ASN D 11 -57.35 -26.49 -10.71
C ASN D 11 -56.24 -27.20 -9.96
N LEU D 12 -55.73 -26.57 -8.92
CA LEU D 12 -54.70 -27.17 -8.08
C LEU D 12 -55.35 -28.29 -7.26
N LYS D 13 -56.52 -28.01 -6.68
CA LYS D 13 -57.29 -29.01 -5.95
C LYS D 13 -57.65 -30.26 -6.75
N ASP D 14 -58.25 -30.06 -7.91
CA ASP D 14 -58.69 -31.18 -8.72
C ASP D 14 -57.54 -32.06 -9.18
N ASN D 15 -56.40 -31.43 -9.47
CA ASN D 15 -55.25 -32.14 -9.98
C ASN D 15 -54.47 -32.86 -8.87
N MET D 16 -54.47 -32.26 -7.68
CA MET D 16 -53.84 -32.93 -6.55
C MET D 16 -54.61 -34.20 -6.23
N THR D 17 -55.93 -34.12 -6.37
CA THR D 17 -56.82 -35.26 -6.19
C THR D 17 -56.42 -36.40 -7.13
N ILE D 18 -56.20 -36.07 -8.41
CA ILE D 18 -55.77 -37.05 -9.40
C ILE D 18 -54.46 -37.73 -9.00
N LEU D 19 -53.53 -36.96 -8.41
CA LEU D 19 -52.22 -37.51 -8.03
C LEU D 19 -52.36 -38.51 -6.89
N GLU D 20 -53.44 -38.41 -6.13
CA GLU D 20 -53.66 -39.28 -4.99
C GLU D 20 -54.09 -40.67 -5.44
N LYS D 21 -54.64 -40.76 -6.65
CA LYS D 21 -55.04 -42.04 -7.23
C LYS D 21 -53.82 -42.91 -7.51
N SER D 25 -53.09 -43.83 -10.62
CA SER D 25 -53.16 -44.59 -11.86
C SER D 25 -51.80 -44.66 -12.56
N ASP D 26 -51.82 -44.59 -13.90
CA ASP D 26 -50.60 -44.71 -14.70
C ASP D 26 -50.53 -43.66 -15.81
N LYS D 27 -49.34 -43.07 -16.01
CA LYS D 27 -49.07 -42.11 -17.10
C LYS D 27 -49.93 -40.85 -17.17
N LYS D 28 -51.13 -40.89 -16.57
CA LYS D 28 -52.02 -39.73 -16.52
C LYS D 28 -51.49 -38.71 -15.52
N ALA D 29 -50.47 -39.12 -14.77
CA ALA D 29 -49.86 -38.30 -13.74
C ALA D 29 -49.09 -37.10 -14.30
N GLU D 30 -48.49 -37.26 -15.47
CA GLU D 30 -47.69 -36.18 -16.06
C GLU D 30 -48.52 -34.93 -16.34
N LYS D 31 -49.74 -35.13 -16.85
CA LYS D 31 -50.61 -33.99 -17.15
C LYS D 31 -51.07 -33.31 -15.87
N ALA D 32 -51.16 -34.10 -14.80
CA ALA D 32 -51.54 -33.56 -13.50
C ALA D 32 -50.40 -32.75 -12.87
N SER D 33 -49.19 -33.31 -12.94
CA SER D 33 -48.01 -32.63 -12.42
C SER D 33 -47.76 -31.29 -13.12
N GLU D 34 -47.99 -31.25 -14.43
CA GLU D 34 -47.85 -30.01 -15.18
C GLU D 34 -48.88 -28.98 -14.74
N GLU D 35 -50.07 -29.45 -14.42
CA GLU D 35 -51.15 -28.55 -14.05
C GLU D 35 -50.99 -28.09 -12.60
N VAL D 36 -50.31 -28.91 -11.81
CA VAL D 36 -50.01 -28.57 -10.43
C VAL D 36 -48.97 -27.47 -10.36
N SER D 37 -47.88 -27.65 -11.11
CA SER D 37 -46.80 -26.68 -11.16
C SER D 37 -47.23 -25.33 -11.73
N LYS D 38 -48.00 -25.38 -12.81
CA LYS D 38 -48.53 -24.16 -13.42
C LYS D 38 -49.43 -23.39 -12.46
N SER D 39 -50.17 -24.10 -11.62
CA SER D 39 -51.08 -23.47 -10.67
C SER D 39 -50.29 -22.93 -9.48
N LEU D 40 -49.28 -23.67 -9.05
CA LEU D 40 -48.40 -23.23 -7.98
C LEU D 40 -47.60 -22.02 -8.44
N LEU D 41 -47.20 -22.03 -9.70
CA LEU D 41 -46.48 -20.93 -10.29
C LEU D 41 -47.39 -19.71 -10.46
N SER D 42 -48.67 -19.96 -10.75
CA SER D 42 -49.62 -18.88 -10.93
C SER D 42 -49.99 -18.24 -9.61
N MET D 43 -49.91 -19.00 -8.51
CA MET D 43 -50.15 -18.44 -7.19
C MET D 43 -49.03 -17.48 -6.82
N LYS D 44 -47.81 -17.90 -7.12
CA LYS D 44 -46.62 -17.12 -6.88
C LYS D 44 -46.64 -15.84 -7.69
N GLU D 45 -47.01 -15.97 -8.96
CA GLU D 45 -47.17 -14.83 -9.85
C GLU D 45 -48.14 -13.82 -9.25
N ILE D 46 -49.23 -14.32 -8.68
CA ILE D 46 -50.22 -13.47 -8.04
C ILE D 46 -49.66 -12.77 -6.81
N LEU D 47 -48.98 -13.54 -5.97
CA LEU D 47 -48.45 -13.02 -4.71
C LEU D 47 -47.37 -11.97 -4.94
N TYR D 48 -46.58 -12.15 -5.98
CA TYR D 48 -45.45 -11.26 -6.26
C TYR D 48 -45.68 -10.44 -7.52
N GLN D 56 -51.78 -6.36 -6.81
CA GLN D 56 -53.16 -6.17 -6.43
C GLN D 56 -53.48 -6.72 -5.04
N THR D 57 -53.92 -5.84 -4.15
CA THR D 57 -54.13 -6.17 -2.75
C THR D 57 -55.18 -7.27 -2.59
N GLU D 58 -56.31 -7.10 -3.26
CA GLU D 58 -57.44 -8.01 -3.14
C GLU D 58 -57.25 -9.34 -3.86
N ALA D 59 -56.44 -9.35 -4.91
CA ALA D 59 -56.15 -10.59 -5.60
C ALA D 59 -55.41 -11.53 -4.65
N VAL D 60 -54.52 -10.96 -3.84
CA VAL D 60 -53.82 -11.71 -2.82
C VAL D 60 -54.79 -12.11 -1.71
N ALA D 61 -55.69 -11.19 -1.36
CA ALA D 61 -56.70 -11.47 -0.35
C ALA D 61 -57.66 -12.56 -0.79
N GLN D 62 -57.91 -12.62 -2.10
CA GLN D 62 -58.82 -13.62 -2.64
C GLN D 62 -58.15 -14.99 -2.66
N LEU D 63 -56.90 -15.03 -3.11
CA LEU D 63 -56.14 -16.28 -3.17
C LEU D 63 -56.05 -16.92 -1.80
N ALA D 64 -55.71 -16.12 -0.80
CA ALA D 64 -55.68 -16.58 0.58
C ALA D 64 -57.02 -17.15 1.00
N GLN D 65 -58.09 -16.39 0.73
CA GLN D 65 -59.44 -16.77 1.13
C GLN D 65 -59.88 -18.10 0.50
N GLU D 66 -59.56 -18.30 -0.77
CA GLU D 66 -59.93 -19.53 -1.45
C GLU D 66 -59.14 -20.71 -0.90
N LEU D 67 -57.91 -20.43 -0.47
CA LEU D 67 -57.05 -21.44 0.14
C LEU D 67 -57.64 -21.93 1.46
N TYR D 68 -58.25 -21.00 2.19
CA TYR D 68 -58.94 -21.33 3.44
C TYR D 68 -60.10 -22.26 3.15
N ASN D 69 -60.98 -21.82 2.26
CA ASN D 69 -62.23 -22.50 1.96
C ASN D 69 -62.03 -23.90 1.35
N SER D 70 -61.01 -24.02 0.49
CA SER D 70 -60.75 -25.27 -0.22
C SER D 70 -60.01 -26.30 0.63
N GLY D 71 -59.48 -25.89 1.77
CA GLY D 71 -58.67 -26.77 2.58
C GLY D 71 -57.38 -27.18 1.88
N LEU D 72 -57.00 -26.41 0.87
CA LEU D 72 -55.89 -26.78 -0.01
C LEU D 72 -54.55 -26.65 0.72
N LEU D 73 -54.51 -25.80 1.74
CA LEU D 73 -53.31 -25.68 2.57
C LEU D 73 -53.03 -27.00 3.28
N SER D 74 -54.11 -27.69 3.63
CA SER D 74 -54.03 -28.99 4.27
C SER D 74 -53.76 -30.09 3.25
N THR D 75 -54.34 -29.94 2.06
CA THR D 75 -54.13 -30.89 0.97
C THR D 75 -52.68 -30.88 0.52
N LEU D 76 -52.14 -29.69 0.32
CA LEU D 76 -50.77 -29.51 -0.16
C LEU D 76 -49.73 -30.04 0.83
N VAL D 77 -50.07 -30.01 2.11
CA VAL D 77 -49.20 -30.57 3.14
C VAL D 77 -49.39 -32.08 3.23
N ALA D 78 -50.63 -32.54 3.07
CA ALA D 78 -50.93 -33.97 3.17
C ALA D 78 -50.37 -34.78 2.01
N ASP D 79 -50.33 -34.18 0.84
CA ASP D 79 -49.84 -34.86 -0.36
C ASP D 79 -48.49 -34.30 -0.81
N LEU D 80 -47.71 -33.81 0.15
CA LEU D 80 -46.45 -33.14 -0.16
C LEU D 80 -45.48 -34.07 -0.88
N GLN D 81 -45.55 -35.37 -0.56
CA GLN D 81 -44.67 -36.36 -1.20
C GLN D 81 -45.01 -36.58 -2.68
N LEU D 82 -46.15 -36.06 -3.12
CA LEU D 82 -46.62 -36.30 -4.48
C LEU D 82 -46.18 -35.23 -5.48
N ILE D 83 -45.69 -34.10 -4.98
CA ILE D 83 -45.33 -32.98 -5.84
C ILE D 83 -43.82 -33.01 -6.12
N ASP D 84 -43.42 -32.51 -7.28
CA ASP D 84 -42.02 -32.57 -7.69
C ASP D 84 -41.13 -31.64 -6.86
N PHE D 85 -39.83 -31.73 -7.10
CA PHE D 85 -38.83 -31.02 -6.30
C PHE D 85 -39.06 -29.51 -6.20
N GLU D 86 -39.14 -28.83 -7.34
CA GLU D 86 -39.37 -27.39 -7.32
C GLU D 86 -40.76 -27.06 -6.79
N GLY D 87 -41.69 -27.99 -6.96
CA GLY D 87 -43.04 -27.80 -6.49
C GLY D 87 -43.17 -27.84 -4.98
N LYS D 88 -42.48 -28.79 -4.34
CA LYS D 88 -42.47 -28.88 -2.88
C LYS D 88 -42.01 -27.57 -2.25
N LYS D 89 -40.99 -26.96 -2.84
CA LYS D 89 -40.45 -25.69 -2.36
C LYS D 89 -41.37 -24.52 -2.65
N ASP D 90 -42.12 -24.61 -3.75
CA ASP D 90 -43.08 -23.59 -4.10
C ASP D 90 -44.26 -23.58 -3.13
N VAL D 91 -44.66 -24.76 -2.68
CA VAL D 91 -45.73 -24.87 -1.70
C VAL D 91 -45.34 -24.22 -0.38
N ALA D 92 -44.13 -24.49 0.07
CA ALA D 92 -43.63 -23.91 1.31
C ALA D 92 -43.57 -22.39 1.22
N GLN D 93 -43.09 -21.88 0.09
CA GLN D 93 -42.97 -20.45 -0.12
C GLN D 93 -44.33 -19.76 -0.10
N ILE D 94 -45.28 -20.32 -0.83
CA ILE D 94 -46.64 -19.78 -0.89
C ILE D 94 -47.31 -19.85 0.48
N PHE D 95 -47.25 -21.02 1.10
CA PHE D 95 -47.73 -21.26 2.46
C PHE D 95 -47.23 -20.19 3.44
N ASN D 96 -45.92 -19.97 3.44
CA ASN D 96 -45.29 -19.06 4.39
C ASN D 96 -45.66 -17.60 4.18
N ASP D 97 -46.01 -17.25 2.95
CA ASP D 97 -46.49 -15.89 2.64
C ASP D 97 -47.90 -15.68 3.20
N ILE D 98 -48.80 -16.58 2.83
CA ILE D 98 -50.20 -16.52 3.26
C ILE D 98 -50.27 -16.55 4.78
N LEU D 99 -49.30 -17.23 5.38
CA LEU D 99 -49.19 -17.35 6.82
C LEU D 99 -48.99 -15.98 7.48
N ARG D 100 -48.30 -15.10 6.78
CA ARG D 100 -47.95 -13.77 7.31
C ARG D 100 -49.01 -12.73 6.99
N ARG D 101 -50.08 -13.16 6.31
CA ARG D 101 -51.17 -12.26 5.91
C ARG D 101 -51.76 -11.51 7.08
N GLN D 102 -51.97 -10.20 6.89
CA GLN D 102 -52.54 -9.37 7.93
C GLN D 102 -53.78 -8.65 7.42
N ILE D 103 -54.79 -8.52 8.28
CA ILE D 103 -55.91 -7.64 8.02
C ILE D 103 -56.04 -6.73 9.24
N GLY D 104 -55.31 -5.62 9.22
CA GLY D 104 -55.23 -4.79 10.41
C GLY D 104 -54.38 -5.53 11.42
N THR D 105 -54.87 -5.61 12.65
CA THR D 105 -54.17 -6.32 13.71
C THR D 105 -54.50 -7.82 13.72
N ARG D 106 -55.02 -8.32 12.62
CA ARG D 106 -55.42 -9.73 12.52
C ARG D 106 -54.48 -10.56 11.66
N THR D 107 -54.31 -11.82 12.03
CA THR D 107 -53.56 -12.78 11.22
C THR D 107 -54.47 -13.96 10.89
N PRO D 108 -55.25 -13.82 9.81
CA PRO D 108 -56.31 -14.73 9.35
C PRO D 108 -55.89 -16.20 9.24
N THR D 109 -54.72 -16.44 8.67
CA THR D 109 -54.25 -17.79 8.44
C THR D 109 -54.00 -18.50 9.77
N VAL D 110 -53.53 -17.73 10.76
CA VAL D 110 -53.31 -18.26 12.10
C VAL D 110 -54.66 -18.63 12.73
N GLU D 111 -55.64 -17.75 12.55
CA GLU D 111 -57.00 -17.98 13.01
C GLU D 111 -57.59 -19.20 12.34
N TYR D 112 -57.32 -19.33 11.04
CA TYR D 112 -57.77 -20.47 10.26
C TYR D 112 -57.08 -21.74 10.72
N LEU D 113 -55.76 -21.66 10.91
CA LEU D 113 -54.95 -22.81 11.28
C LEU D 113 -55.34 -23.37 12.65
N CYS D 114 -55.96 -22.53 13.47
CA CYS D 114 -56.40 -22.95 14.80
C CYS D 114 -57.65 -23.84 14.69
N THR D 115 -58.38 -23.69 13.60
CA THR D 115 -59.56 -24.51 13.35
C THR D 115 -59.23 -25.65 12.38
N GLN D 116 -57.98 -25.66 11.94
CA GLN D 116 -57.51 -26.63 10.94
C GLN D 116 -56.18 -27.18 11.41
N GLN D 117 -56.16 -27.73 12.63
CA GLN D 117 -54.91 -28.04 13.32
C GLN D 117 -54.17 -29.28 12.85
N ASN D 118 -54.79 -30.15 12.07
CA ASN D 118 -54.11 -31.35 11.64
C ASN D 118 -52.92 -31.00 10.75
N ILE D 119 -52.97 -29.79 10.16
CA ILE D 119 -51.88 -29.28 9.35
C ILE D 119 -50.56 -29.24 10.12
N LEU D 120 -50.61 -28.76 11.35
CA LEU D 120 -49.42 -28.68 12.20
C LEU D 120 -48.88 -30.06 12.59
N PHE D 121 -49.80 -30.96 12.94
CA PHE D 121 -49.41 -32.31 13.37
C PHE D 121 -48.87 -33.13 12.21
N MET D 122 -49.41 -32.88 11.03
CA MET D 122 -49.05 -33.57 9.80
C MET D 122 -47.88 -32.82 9.15
N LEU D 123 -47.25 -31.98 9.96
CA LEU D 123 -46.05 -31.24 9.56
C LEU D 123 -44.88 -31.72 10.41
N LEU D 124 -45.16 -31.97 11.67
CA LEU D 124 -44.19 -32.51 12.63
C LEU D 124 -43.86 -33.96 12.34
N LYS D 125 -44.88 -34.70 11.90
CA LYS D 125 -44.73 -36.10 11.51
C LYS D 125 -43.91 -36.24 10.23
N GLY D 126 -43.78 -35.15 9.49
CA GLY D 126 -43.00 -35.13 8.27
C GLY D 126 -41.50 -35.33 8.46
N TYR D 127 -41.03 -35.21 9.68
CA TYR D 127 -39.61 -35.41 9.98
C TYR D 127 -39.23 -36.88 9.83
N GLU D 128 -40.26 -37.72 9.77
CA GLU D 128 -40.07 -39.16 9.63
C GLU D 128 -40.10 -39.56 8.16
N SER D 129 -40.14 -38.56 7.29
CA SER D 129 -40.16 -38.80 5.85
C SER D 129 -39.09 -37.95 5.17
N PRO D 130 -37.90 -38.53 4.95
CA PRO D 130 -36.71 -37.83 4.42
C PRO D 130 -36.94 -37.03 3.14
N ASP D 131 -37.95 -37.39 2.34
CA ASP D 131 -38.20 -36.70 1.08
C ASP D 131 -38.86 -35.33 1.27
N ILE D 132 -39.43 -35.08 2.45
CA ILE D 132 -40.18 -33.85 2.70
C ILE D 132 -39.84 -33.17 4.03
N ALA D 133 -38.96 -33.77 4.82
CA ALA D 133 -38.63 -33.27 6.16
C ALA D 133 -38.21 -31.81 6.22
N LEU D 134 -37.23 -31.40 5.42
CA LEU D 134 -36.78 -30.00 5.45
C LEU D 134 -37.88 -29.02 5.06
N ASN D 135 -38.73 -29.41 4.11
CA ASN D 135 -39.85 -28.57 3.71
C ASN D 135 -40.85 -28.41 4.85
N CYS D 136 -41.22 -29.52 5.46
CA CYS D 136 -42.13 -29.51 6.59
C CYS D 136 -41.55 -28.71 7.73
N GLY D 137 -40.26 -28.92 8.00
CA GLY D 137 -39.55 -28.17 9.01
C GLY D 137 -39.57 -26.68 8.73
N ILE D 138 -39.44 -26.33 7.46
CA ILE D 138 -39.45 -24.93 7.03
C ILE D 138 -40.82 -24.29 7.28
N MET D 139 -41.88 -24.98 6.88
CA MET D 139 -43.23 -24.45 7.08
C MET D 139 -43.61 -24.43 8.55
N LEU D 140 -43.21 -25.47 9.28
CA LEU D 140 -43.53 -25.57 10.69
C LEU D 140 -42.85 -24.49 11.51
N ARG D 141 -41.61 -24.16 11.16
CA ARG D 141 -40.90 -23.11 11.86
C ARG D 141 -41.53 -21.74 11.60
N GLU D 142 -42.12 -21.56 10.43
CA GLU D 142 -42.79 -20.32 10.12
C GLU D 142 -44.13 -20.23 10.87
N CYS D 143 -44.80 -21.37 11.04
CA CYS D 143 -46.01 -21.45 11.84
C CYS D 143 -45.75 -21.09 13.30
N ILE D 144 -44.68 -21.66 13.86
CA ILE D 144 -44.37 -21.56 15.27
C ILE D 144 -43.95 -20.13 15.67
N ARG D 145 -43.76 -19.28 14.67
CA ARG D 145 -43.54 -17.86 14.93
C ARG D 145 -44.73 -17.21 15.65
N HIS D 146 -45.92 -17.73 15.38
CA HIS D 146 -47.13 -17.24 16.03
C HIS D 146 -47.48 -18.09 17.25
N GLU D 147 -47.78 -17.43 18.36
CA GLU D 147 -47.96 -18.13 19.64
C GLU D 147 -49.11 -19.16 19.65
N PRO D 148 -50.27 -18.83 19.05
CA PRO D 148 -51.31 -19.86 19.07
C PRO D 148 -50.88 -21.15 18.37
N LEU D 149 -50.12 -21.03 17.29
CA LEU D 149 -49.61 -22.19 16.56
C LEU D 149 -48.48 -22.86 17.32
N ALA D 150 -47.65 -22.06 17.98
CA ALA D 150 -46.57 -22.59 18.80
C ALA D 150 -47.11 -23.35 20.01
N LYS D 151 -48.17 -22.80 20.61
CA LYS D 151 -48.80 -23.42 21.76
C LYS D 151 -49.31 -24.83 21.48
N ILE D 152 -50.12 -24.96 20.43
CA ILE D 152 -50.67 -26.25 20.02
C ILE D 152 -49.58 -27.30 19.83
N THR D 153 -48.50 -26.89 19.19
CA THR D 153 -47.39 -27.78 18.88
C THR D 153 -46.67 -28.19 20.16
N LEU D 154 -46.30 -27.21 20.96
CA LEU D 154 -45.54 -27.43 22.18
C LEU D 154 -46.28 -28.32 23.18
N CYS D 155 -47.60 -28.15 23.28
CA CYS D 155 -48.37 -28.80 24.34
C CYS D 155 -48.95 -30.14 23.91
N SER D 156 -48.81 -30.45 22.63
CA SER D 156 -49.22 -31.75 22.13
C SER D 156 -48.24 -32.83 22.53
N GLU D 157 -48.71 -34.08 22.58
CA GLU D 157 -47.89 -35.21 22.97
C GLU D 157 -46.79 -35.47 21.95
N GLN D 158 -47.04 -35.02 20.72
CA GLN D 158 -46.14 -35.28 19.62
C GLN D 158 -44.93 -34.34 19.63
N PHE D 159 -44.95 -33.37 20.54
CA PHE D 159 -43.79 -32.51 20.75
C PHE D 159 -42.57 -33.35 21.15
N TYR D 160 -42.81 -34.36 21.96
CA TYR D 160 -41.74 -35.21 22.47
C TYR D 160 -41.09 -36.07 21.39
N ASP D 161 -41.72 -36.10 20.21
CA ASP D 161 -41.12 -36.77 19.06
C ASP D 161 -39.82 -36.06 18.67
N PHE D 162 -39.72 -34.78 19.04
CA PHE D 162 -38.52 -33.99 18.77
C PHE D 162 -37.29 -34.65 19.36
N PHE D 163 -37.43 -35.19 20.57
CA PHE D 163 -36.33 -35.87 21.23
C PHE D 163 -35.81 -37.03 20.40
N ARG D 164 -36.69 -37.69 19.66
CA ARG D 164 -36.26 -38.76 18.76
C ARG D 164 -35.68 -38.16 17.48
N TYR D 165 -36.31 -37.09 17.00
CA TYR D 165 -35.96 -36.50 15.71
C TYR D 165 -34.56 -35.89 15.70
N VAL D 166 -34.12 -35.40 16.84
CA VAL D 166 -32.81 -34.74 16.92
C VAL D 166 -31.70 -35.77 17.10
N GLU D 167 -32.07 -36.97 17.53
CA GLU D 167 -31.11 -38.03 17.76
C GLU D 167 -30.90 -38.88 16.51
N THR D 170 -30.15 -39.51 10.21
CA THR D 170 -29.90 -38.52 9.15
C THR D 170 -29.58 -37.16 9.75
N PHE D 171 -28.30 -36.83 9.86
CA PHE D 171 -27.87 -35.65 10.61
C PHE D 171 -28.07 -34.34 9.84
N ASP D 172 -28.86 -34.38 8.78
CA ASP D 172 -29.25 -33.16 8.08
C ASP D 172 -30.66 -32.85 8.53
N ILE D 173 -31.41 -33.92 8.77
CA ILE D 173 -32.75 -33.85 9.33
C ILE D 173 -32.67 -33.49 10.81
N ALA D 174 -31.77 -34.19 11.52
CA ALA D 174 -31.57 -33.99 12.96
C ALA D 174 -31.22 -32.56 13.33
N SER D 175 -30.36 -31.92 12.56
CA SER D 175 -29.99 -30.54 12.82
C SER D 175 -31.20 -29.63 12.63
N ASP D 176 -32.07 -30.01 11.71
CA ASP D 176 -33.26 -29.22 11.39
C ASP D 176 -34.37 -29.34 12.42
N ALA D 177 -34.60 -30.56 12.93
CA ALA D 177 -35.59 -30.77 13.97
C ALA D 177 -35.25 -29.96 15.20
N PHE D 178 -33.95 -29.81 15.45
CA PHE D 178 -33.47 -29.05 16.60
C PHE D 178 -33.71 -27.57 16.45
N ALA D 179 -33.67 -27.07 15.21
CA ALA D 179 -33.93 -25.65 14.96
C ALA D 179 -35.34 -25.30 15.39
N THR D 180 -36.28 -26.20 15.11
CA THR D 180 -37.68 -26.00 15.48
C THR D 180 -37.86 -26.26 16.96
N PHE D 181 -37.28 -27.36 17.42
CA PHE D 181 -37.22 -27.72 18.84
C PHE D 181 -36.71 -26.55 19.67
N LYS D 182 -35.60 -25.96 19.24
CA LYS D 182 -35.01 -24.82 19.92
C LYS D 182 -35.93 -23.60 19.88
N ASP D 183 -36.56 -23.39 18.73
CA ASP D 183 -37.45 -22.25 18.56
C ASP D 183 -38.67 -22.36 19.48
N LEU D 184 -39.29 -23.53 19.50
CA LEU D 184 -40.44 -23.78 20.38
C LEU D 184 -40.15 -23.48 21.84
N LEU D 185 -38.92 -23.75 22.28
CA LEU D 185 -38.53 -23.58 23.67
C LEU D 185 -38.03 -22.18 24.05
N THR D 186 -37.83 -21.30 23.07
CA THR D 186 -37.22 -20.00 23.37
C THR D 186 -37.98 -18.77 22.87
N ARG D 187 -38.70 -18.88 21.76
CA ARG D 187 -39.34 -17.69 21.16
C ARG D 187 -40.43 -17.07 22.01
N HIS D 188 -41.42 -17.87 22.41
CA HIS D 188 -42.51 -17.37 23.23
C HIS D 188 -42.27 -17.67 24.71
N LYS D 189 -41.70 -16.68 25.41
CA LYS D 189 -41.18 -16.84 26.76
C LYS D 189 -42.21 -17.36 27.76
N VAL D 190 -43.38 -16.74 27.80
CA VAL D 190 -44.43 -17.13 28.75
C VAL D 190 -44.92 -18.53 28.48
N LEU D 191 -45.19 -18.82 27.22
CA LEU D 191 -45.61 -20.15 26.77
C LEU D 191 -44.58 -21.22 27.11
N SER D 192 -43.32 -20.96 26.75
CA SER D 192 -42.24 -21.91 27.01
C SER D 192 -42.07 -22.12 28.51
N ALA D 193 -42.29 -21.08 29.29
CA ALA D 193 -42.09 -21.16 30.73
C ALA D 193 -43.20 -21.96 31.41
N GLU D 194 -44.45 -21.78 30.95
CA GLU D 194 -45.55 -22.54 31.51
C GLU D 194 -45.40 -24.02 31.22
N PHE D 195 -44.98 -24.35 29.99
CA PHE D 195 -44.80 -25.75 29.62
C PHE D 195 -43.75 -26.42 30.47
N LEU D 196 -42.63 -25.73 30.63
CA LEU D 196 -41.50 -26.28 31.35
C LEU D 196 -41.80 -26.48 32.83
N GLU D 197 -42.52 -25.53 33.41
CA GLU D 197 -42.85 -25.61 34.83
C GLU D 197 -43.78 -26.78 35.16
N GLN D 198 -44.87 -26.92 34.42
CA GLN D 198 -45.82 -28.00 34.66
C GLN D 198 -45.31 -29.36 34.19
N HIS D 199 -44.47 -29.36 33.16
CA HIS D 199 -44.00 -30.61 32.58
C HIS D 199 -42.51 -30.81 32.79
N TYR D 200 -42.03 -30.32 33.93
CA TYR D 200 -40.62 -30.43 34.31
C TYR D 200 -40.11 -31.86 34.22
N ASP D 201 -40.63 -32.70 35.12
CA ASP D 201 -40.13 -34.05 35.34
C ASP D 201 -39.96 -34.88 34.08
N ARG D 202 -40.92 -34.79 33.17
CA ARG D 202 -40.85 -35.56 31.93
C ARG D 202 -39.91 -34.95 30.92
N PHE D 203 -39.96 -33.63 30.78
CA PHE D 203 -39.14 -32.92 29.80
C PHE D 203 -37.66 -33.17 30.09
N PHE D 204 -37.26 -32.97 31.34
CA PHE D 204 -35.85 -33.09 31.71
C PHE D 204 -35.41 -34.55 31.82
N SER D 205 -36.36 -35.46 31.98
CA SER D 205 -36.04 -36.89 31.88
C SER D 205 -35.70 -37.23 30.44
N GLU D 206 -36.33 -36.51 29.51
CA GLU D 206 -36.03 -36.65 28.09
C GLU D 206 -34.84 -35.80 27.66
N TYR D 207 -34.65 -34.67 28.35
CA TYR D 207 -33.56 -33.76 27.97
C TYR D 207 -32.22 -34.33 28.42
N GLU D 208 -32.23 -35.02 29.55
CA GLU D 208 -31.02 -35.65 30.06
C GLU D 208 -30.44 -36.62 29.03
N LYS D 209 -31.33 -37.31 28.33
CA LYS D 209 -30.92 -38.26 27.30
C LYS D 209 -30.17 -37.57 26.17
N LEU D 210 -30.50 -36.31 25.89
CA LEU D 210 -29.82 -35.56 24.85
C LEU D 210 -28.39 -35.21 25.21
N LEU D 211 -28.12 -35.15 26.51
CA LEU D 211 -26.80 -34.76 27.00
C LEU D 211 -25.83 -35.93 27.00
N HIS D 212 -26.30 -37.08 26.55
CA HIS D 212 -25.46 -38.26 26.40
C HIS D 212 -25.42 -38.75 24.96
N SER D 213 -25.69 -37.82 24.03
CA SER D 213 -25.81 -38.14 22.62
C SER D 213 -24.56 -38.78 22.03
N GLU D 214 -24.76 -39.74 21.14
CA GLU D 214 -23.66 -40.31 20.39
C GLU D 214 -23.16 -39.28 19.38
N ASN D 215 -24.11 -38.55 18.79
CA ASN D 215 -23.80 -37.44 17.90
C ASN D 215 -23.28 -36.24 18.69
N TYR D 216 -22.09 -35.78 18.33
CA TYR D 216 -21.44 -34.69 19.04
C TYR D 216 -22.21 -33.38 19.00
N VAL D 217 -22.67 -33.00 17.81
CA VAL D 217 -23.39 -31.73 17.62
C VAL D 217 -24.63 -31.65 18.50
N THR D 218 -25.33 -32.77 18.64
CA THR D 218 -26.55 -32.82 19.43
C THR D 218 -26.26 -32.59 20.90
N LYS D 219 -25.15 -33.15 21.36
CA LYS D 219 -24.69 -32.99 22.74
C LYS D 219 -24.33 -31.54 23.02
N ARG D 220 -23.57 -30.96 22.10
CA ARG D 220 -23.11 -29.57 22.18
C ARG D 220 -24.28 -28.60 22.13
N GLN D 221 -25.17 -28.79 21.16
CA GLN D 221 -26.32 -27.91 20.97
C GLN D 221 -27.33 -27.99 22.11
N SER D 222 -27.46 -29.17 22.71
CA SER D 222 -28.33 -29.36 23.86
C SER D 222 -27.78 -28.64 25.09
N LEU D 223 -26.48 -28.74 25.29
CA LEU D 223 -25.82 -28.08 26.41
C LEU D 223 -25.95 -26.57 26.28
N LYS D 224 -25.71 -26.08 25.08
CA LYS D 224 -25.79 -24.65 24.79
C LYS D 224 -27.20 -24.11 25.03
N LEU D 225 -28.20 -24.90 24.68
CA LEU D 225 -29.59 -24.50 24.87
C LEU D 225 -29.97 -24.51 26.35
N LEU D 226 -29.52 -25.54 27.06
CA LEU D 226 -29.77 -25.67 28.50
C LEU D 226 -29.28 -24.41 29.22
N GLY D 227 -28.11 -23.95 28.82
CA GLY D 227 -27.55 -22.72 29.36
C GLY D 227 -28.44 -21.53 29.08
N GLU D 228 -28.91 -21.41 27.84
CA GLU D 228 -29.78 -20.30 27.44
C GLU D 228 -31.08 -20.29 28.24
N LEU D 229 -31.63 -21.47 28.49
CA LEU D 229 -32.87 -21.62 29.25
C LEU D 229 -32.72 -21.20 30.73
N LEU D 230 -31.64 -21.64 31.38
CA LEU D 230 -31.43 -21.33 32.79
C LEU D 230 -31.14 -19.84 33.03
N LEU D 231 -30.80 -19.12 31.96
CA LEU D 231 -30.46 -17.70 32.08
C LEU D 231 -31.70 -16.82 32.00
N ASP D 232 -32.73 -17.30 31.32
CA ASP D 232 -33.91 -16.49 31.10
C ASP D 232 -34.66 -16.33 32.41
N ARG D 233 -35.15 -15.11 32.62
CA ARG D 233 -35.91 -14.76 33.81
C ARG D 233 -37.06 -15.75 33.97
N HIS D 234 -38.10 -15.56 33.16
CA HIS D 234 -39.25 -16.48 33.03
C HIS D 234 -39.10 -17.92 33.54
N ASN D 235 -37.89 -18.50 33.46
CA ASN D 235 -37.68 -19.88 33.84
C ASN D 235 -37.07 -20.02 35.24
N PHE D 236 -37.12 -18.94 36.01
CA PHE D 236 -36.46 -18.90 37.32
C PHE D 236 -36.88 -20.06 38.23
N THR D 237 -38.18 -20.32 38.30
CA THR D 237 -38.70 -21.37 39.16
C THR D 237 -38.16 -22.72 38.70
N ILE D 238 -37.88 -22.82 37.41
CA ILE D 238 -37.38 -24.05 36.82
C ILE D 238 -35.86 -24.16 36.99
N MET D 239 -35.19 -23.01 36.95
CA MET D 239 -33.74 -22.98 37.12
C MET D 239 -33.37 -23.37 38.54
N THR D 240 -34.11 -22.83 39.49
CA THR D 240 -33.92 -23.16 40.89
C THR D 240 -34.09 -24.65 41.12
N LYS D 241 -35.17 -25.21 40.56
CA LYS D 241 -35.42 -26.64 40.69
C LYS D 241 -34.30 -27.44 40.04
N TYR D 242 -33.80 -26.95 38.92
CA TYR D 242 -32.76 -27.66 38.19
C TYR D 242 -31.47 -27.70 39.02
N ILE D 243 -31.02 -26.53 39.46
CA ILE D 243 -29.74 -26.43 40.16
C ILE D 243 -29.89 -26.76 41.65
N SER D 244 -30.96 -27.48 41.96
CA SER D 244 -31.22 -27.98 43.29
C SER D 244 -31.03 -29.48 43.32
N LYS D 245 -30.78 -30.05 42.14
CA LYS D 245 -30.61 -31.49 42.00
C LYS D 245 -29.14 -31.88 41.91
N PRO D 246 -28.68 -32.76 42.83
CA PRO D 246 -27.31 -33.27 42.90
C PRO D 246 -26.79 -33.92 41.62
N GLU D 247 -27.59 -34.77 40.97
CA GLU D 247 -27.17 -35.49 39.77
C GLU D 247 -26.89 -34.59 38.57
N ASN D 248 -27.56 -33.46 38.52
CA ASN D 248 -27.36 -32.53 37.42
C ASN D 248 -26.00 -31.85 37.49
N LEU D 249 -25.59 -31.46 38.70
CA LEU D 249 -24.28 -30.87 38.92
C LEU D 249 -23.15 -31.87 38.64
N LYS D 250 -23.30 -33.10 39.12
CA LYS D 250 -22.29 -34.13 38.94
C LYS D 250 -22.04 -34.44 37.46
N LEU D 251 -23.06 -34.28 36.63
CA LEU D 251 -22.91 -34.49 35.19
C LEU D 251 -22.23 -33.31 34.53
N MET D 252 -22.59 -32.10 34.96
CA MET D 252 -22.03 -30.89 34.37
C MET D 252 -20.57 -30.74 34.78
N MET D 253 -20.27 -31.14 36.01
CA MET D 253 -18.90 -31.14 36.51
C MET D 253 -18.08 -32.18 35.76
N ASN D 254 -18.76 -33.21 35.26
CA ASN D 254 -18.10 -34.29 34.53
C ASN D 254 -17.82 -33.87 33.09
N LEU D 255 -18.69 -33.02 32.55
CA LEU D 255 -18.56 -32.53 31.19
C LEU D 255 -17.54 -31.39 31.13
N LEU D 256 -17.15 -30.87 32.30
CA LEU D 256 -16.09 -29.88 32.38
C LEU D 256 -14.75 -30.48 31.97
N ARG D 257 -14.60 -31.78 32.21
CA ARG D 257 -13.35 -32.48 31.92
C ARG D 257 -13.40 -33.18 30.58
N ASP D 258 -14.41 -32.86 29.77
CA ASP D 258 -14.61 -33.57 28.51
C ASP D 258 -13.43 -33.41 27.56
N LYS D 259 -13.28 -34.38 26.66
CA LYS D 259 -12.21 -34.34 25.67
C LYS D 259 -12.36 -33.13 24.77
N SER D 260 -13.61 -32.76 24.51
CA SER D 260 -13.89 -31.67 23.59
C SER D 260 -13.84 -30.34 24.32
N ARG D 261 -12.99 -29.44 23.82
CA ARG D 261 -12.85 -28.10 24.35
C ARG D 261 -14.20 -27.38 24.33
N ASN D 262 -14.99 -27.67 23.30
CA ASN D 262 -16.27 -27.02 23.09
C ASN D 262 -17.36 -27.49 24.05
N ILE D 263 -17.32 -28.77 24.43
CA ILE D 263 -18.27 -29.31 25.40
C ILE D 263 -18.00 -28.69 26.77
N GLN D 264 -16.72 -28.60 27.11
CA GLN D 264 -16.25 -27.97 28.33
C GLN D 264 -16.78 -26.55 28.47
N PHE D 265 -16.70 -25.78 27.38
CA PHE D 265 -17.10 -24.38 27.40
C PHE D 265 -18.60 -24.24 27.61
N GLU D 266 -19.38 -25.12 26.97
CA GLU D 266 -20.83 -25.08 27.11
C GLU D 266 -21.24 -25.59 28.48
N ALA D 267 -20.51 -26.58 28.98
CA ALA D 267 -20.75 -27.12 30.33
C ALA D 267 -20.53 -26.04 31.39
N PHE D 268 -19.53 -25.20 31.15
CA PHE D 268 -19.19 -24.11 32.06
C PHE D 268 -20.39 -23.19 32.30
N HIS D 269 -21.12 -22.87 31.23
CA HIS D 269 -22.21 -21.90 31.31
C HIS D 269 -23.49 -22.46 31.93
N VAL D 270 -23.54 -23.76 32.13
CA VAL D 270 -24.63 -24.37 32.90
C VAL D 270 -24.18 -24.46 34.35
N PHE D 271 -22.97 -24.96 34.53
CA PHE D 271 -22.32 -25.06 35.84
C PHE D 271 -22.26 -23.72 36.57
N LYS D 272 -21.94 -22.65 35.84
CA LYS D 272 -21.82 -21.31 36.42
C LYS D 272 -23.09 -20.90 37.16
N VAL D 273 -24.23 -21.43 36.69
CA VAL D 273 -25.53 -21.13 37.28
C VAL D 273 -25.71 -21.79 38.65
N PHE D 274 -25.16 -22.99 38.81
CA PHE D 274 -25.24 -23.73 40.06
C PHE D 274 -24.59 -23.05 41.26
N VAL D 275 -23.45 -22.41 41.02
CA VAL D 275 -22.66 -21.83 42.10
C VAL D 275 -23.21 -20.46 42.48
N ALA D 276 -23.65 -19.71 41.48
CA ALA D 276 -24.21 -18.38 41.70
C ALA D 276 -25.52 -18.41 42.48
N ASN D 277 -26.02 -19.60 42.78
CA ASN D 277 -27.22 -19.76 43.59
C ASN D 277 -26.96 -19.38 45.06
N PRO D 278 -27.69 -18.38 45.56
CA PRO D 278 -27.55 -17.95 46.94
C PRO D 278 -28.08 -18.99 47.93
N ASN D 279 -29.22 -19.60 47.61
CA ASN D 279 -29.85 -20.56 48.49
C ASN D 279 -29.58 -22.00 48.07
N LYS D 280 -28.32 -22.40 48.09
CA LYS D 280 -27.95 -23.77 47.74
C LYS D 280 -28.52 -24.75 48.75
N THR D 281 -28.83 -25.96 48.27
CA THR D 281 -29.25 -27.03 49.14
C THR D 281 -28.01 -27.73 49.67
N PRO D 282 -28.10 -28.33 50.87
CA PRO D 282 -27.01 -29.08 51.46
C PRO D 282 -26.29 -30.03 50.47
N PRO D 283 -27.03 -30.82 49.68
CA PRO D 283 -26.25 -31.71 48.80
C PRO D 283 -25.52 -30.96 47.69
N ILE D 284 -25.96 -29.75 47.37
CA ILE D 284 -25.25 -28.91 46.40
C ILE D 284 -24.04 -28.28 47.09
N LEU D 285 -24.25 -27.74 48.28
CA LEU D 285 -23.17 -27.18 49.08
C LEU D 285 -22.10 -28.22 49.38
N ASP D 286 -22.53 -29.44 49.72
CA ASP D 286 -21.60 -30.51 50.06
C ASP D 286 -20.69 -30.91 48.89
N ILE D 287 -21.26 -31.02 47.70
CA ILE D 287 -20.49 -31.43 46.53
C ILE D 287 -19.43 -30.39 46.17
N LEU D 288 -19.79 -29.12 46.29
CA LEU D 288 -18.88 -28.03 45.98
C LEU D 288 -17.70 -27.92 46.96
N LEU D 289 -17.99 -28.04 48.26
CA LEU D 289 -16.93 -28.01 49.27
C LEU D 289 -15.93 -29.16 49.15
N LYS D 290 -16.44 -30.38 49.02
CA LYS D 290 -15.58 -31.55 48.87
C LYS D 290 -14.71 -31.45 47.62
N ASN D 291 -15.15 -30.67 46.65
CA ASN D 291 -14.41 -30.54 45.41
C ASN D 291 -13.83 -29.13 45.23
N GLN D 292 -13.89 -28.35 46.31
CA GLN D 292 -13.42 -26.96 46.33
C GLN D 292 -11.98 -26.80 45.83
N THR D 293 -11.07 -27.58 46.38
CA THR D 293 -9.66 -27.44 46.03
C THR D 293 -9.43 -27.84 44.59
N LYS D 294 -10.07 -28.92 44.16
CA LYS D 294 -9.99 -29.37 42.77
C LYS D 294 -10.58 -28.34 41.80
N LEU D 295 -11.66 -27.69 42.23
CA LEU D 295 -12.38 -26.75 41.38
C LEU D 295 -11.66 -25.42 41.24
N ILE D 296 -11.15 -24.89 42.35
CA ILE D 296 -10.42 -23.63 42.34
C ILE D 296 -9.17 -23.77 41.45
N GLU D 297 -8.55 -24.93 41.49
CA GLU D 297 -7.38 -25.24 40.67
C GLU D 297 -7.74 -25.32 39.20
N PHE D 298 -8.91 -25.91 38.93
CA PHE D 298 -9.35 -26.17 37.56
C PHE D 298 -9.63 -24.88 36.80
N LEU D 299 -10.43 -24.00 37.39
CA LEU D 299 -10.89 -22.80 36.72
C LEU D 299 -9.75 -21.78 36.59
N SER D 300 -8.64 -22.05 37.28
CA SER D 300 -7.48 -21.17 37.22
C SER D 300 -6.64 -21.43 35.97
N LYS D 301 -6.72 -22.66 35.46
CA LYS D 301 -6.02 -23.01 34.22
C LYS D 301 -7.01 -23.31 33.10
N PHE D 302 -8.30 -23.05 33.34
CA PHE D 302 -9.35 -23.42 32.41
C PHE D 302 -9.48 -22.47 31.22
N GLN D 303 -9.09 -22.98 30.06
CA GLN D 303 -9.22 -22.30 28.76
C GLN D 303 -8.89 -20.81 28.85
N ASN D 304 -7.70 -20.52 29.39
CA ASN D 304 -7.18 -19.18 29.47
C ASN D 304 -6.76 -18.63 28.10
N ASP D 305 -6.53 -19.51 27.15
CA ASP D 305 -6.16 -19.13 25.78
C ASP D 305 -7.29 -18.34 25.12
N ARG D 306 -8.52 -18.64 25.53
CA ARG D 306 -9.69 -17.96 25.01
C ARG D 306 -9.64 -16.47 25.33
N ALA D 307 -9.89 -16.11 26.58
CA ALA D 307 -9.92 -14.71 26.99
C ALA D 307 -10.80 -13.92 26.02
N GLU D 308 -10.42 -12.68 25.73
CA GLU D 308 -11.10 -11.81 24.75
C GLU D 308 -12.63 -11.72 24.87
N ASP D 309 -13.25 -12.78 25.39
CA ASP D 309 -14.69 -12.78 25.63
C ASP D 309 -14.92 -11.93 26.87
N GLU D 310 -13.84 -11.67 27.60
CA GLU D 310 -13.82 -10.92 28.87
C GLU D 310 -15.01 -11.16 29.80
N GLN D 311 -16.21 -11.28 29.24
CA GLN D 311 -17.38 -11.66 29.99
C GLN D 311 -17.15 -13.08 30.50
N PHE D 312 -16.41 -13.86 29.72
CA PHE D 312 -16.02 -15.22 30.09
C PHE D 312 -14.93 -15.27 31.17
N SER D 313 -13.86 -14.51 30.96
CA SER D 313 -12.77 -14.43 31.92
C SER D 313 -13.23 -13.87 33.26
N ASP D 314 -14.08 -12.84 33.20
CA ASP D 314 -14.59 -12.22 34.41
C ASP D 314 -15.49 -13.19 35.15
N GLU D 315 -16.18 -14.04 34.39
CA GLU D 315 -17.03 -15.07 34.96
C GLU D 315 -16.18 -16.11 35.69
N LYS D 316 -15.07 -16.49 35.06
CA LYS D 316 -14.14 -17.44 35.67
C LYS D 316 -13.57 -16.91 36.97
N THR D 317 -13.16 -15.64 36.95
CA THR D 317 -12.62 -14.98 38.13
C THR D 317 -13.69 -14.93 39.21
N TYR D 318 -14.92 -14.66 38.80
CA TYR D 318 -16.03 -14.57 39.73
C TYR D 318 -16.37 -15.90 40.37
N LEU D 319 -16.31 -16.97 39.59
CA LEU D 319 -16.62 -18.30 40.11
C LEU D 319 -15.59 -18.73 41.15
N ILE D 320 -14.31 -18.48 40.86
CA ILE D 320 -13.22 -18.86 41.75
C ILE D 320 -13.35 -18.13 43.08
N LYS D 321 -13.73 -16.87 43.03
CA LYS D 321 -14.06 -16.11 44.24
C LYS D 321 -15.20 -16.77 44.99
N GLN D 322 -16.23 -17.17 44.25
CA GLN D 322 -17.41 -17.80 44.82
C GLN D 322 -17.06 -19.11 45.53
N ILE D 323 -16.29 -19.95 44.84
CA ILE D 323 -15.90 -21.25 45.39
C ILE D 323 -15.06 -21.09 46.67
N ARG D 324 -14.20 -20.08 46.67
CA ARG D 324 -13.39 -19.74 47.85
C ARG D 324 -14.25 -19.36 49.06
N ASP D 325 -15.36 -18.68 48.80
CA ASP D 325 -16.19 -18.11 49.86
C ASP D 325 -17.32 -19.04 50.27
N LEU D 326 -17.22 -20.30 49.86
CA LEU D 326 -18.27 -21.27 50.15
C LEU D 326 -18.41 -21.55 51.65
N LYS D 327 -19.65 -21.70 52.09
CA LYS D 327 -19.97 -21.96 53.48
C LYS D 327 -21.17 -22.89 53.60
N ALA E 4 -31.00 -37.53 -37.75
CA ALA E 4 -29.73 -38.21 -37.96
C ALA E 4 -28.79 -38.01 -36.77
N PRO E 5 -28.12 -39.09 -36.35
CA PRO E 5 -27.27 -39.14 -35.15
C PRO E 5 -26.18 -38.07 -35.07
N ALA E 6 -25.46 -37.86 -36.17
CA ALA E 6 -24.38 -36.88 -36.18
C ALA E 6 -24.91 -35.48 -35.87
N ASP E 7 -26.09 -35.18 -36.41
CA ASP E 7 -26.73 -33.90 -36.14
C ASP E 7 -27.27 -33.87 -34.73
N ILE E 8 -27.73 -35.01 -34.23
CA ILE E 8 -28.25 -35.09 -32.86
C ILE E 8 -27.17 -34.80 -31.83
N VAL E 9 -26.00 -35.39 -32.01
CA VAL E 9 -24.87 -35.17 -31.11
C VAL E 9 -24.39 -33.72 -31.10
N LYS E 10 -24.28 -33.16 -32.30
CA LYS E 10 -23.81 -31.79 -32.49
C LYS E 10 -24.81 -30.77 -31.96
N ASN E 11 -26.09 -31.06 -32.13
CA ASN E 11 -27.14 -30.17 -31.68
C ASN E 11 -27.16 -30.10 -30.15
N LEU E 12 -26.85 -31.23 -29.52
CA LEU E 12 -26.73 -31.29 -28.07
C LEU E 12 -25.45 -30.58 -27.60
N LYS E 13 -24.37 -30.81 -28.32
CA LYS E 13 -23.08 -30.15 -28.04
C LYS E 13 -23.13 -28.63 -28.03
N ASP E 14 -23.67 -28.04 -29.08
CA ASP E 14 -23.72 -26.59 -29.20
C ASP E 14 -24.55 -25.98 -28.08
N ASN E 15 -25.60 -26.68 -27.67
CA ASN E 15 -26.51 -26.18 -26.65
C ASN E 15 -25.98 -26.34 -25.24
N MET E 16 -25.22 -27.40 -24.98
CA MET E 16 -24.58 -27.55 -23.68
C MET E 16 -23.56 -26.44 -23.49
N THR E 17 -22.85 -26.12 -24.58
CA THR E 17 -21.88 -25.03 -24.59
C THR E 17 -22.54 -23.70 -24.19
N ILE E 18 -23.69 -23.42 -24.78
CA ILE E 18 -24.45 -22.21 -24.48
C ILE E 18 -24.78 -22.11 -22.99
N LEU E 19 -25.08 -23.25 -22.38
CA LEU E 19 -25.48 -23.27 -20.97
C LEU E 19 -24.33 -22.95 -20.00
N GLU E 20 -23.09 -23.18 -20.43
CA GLU E 20 -21.96 -22.95 -19.54
C GLU E 20 -21.57 -21.48 -19.40
N LYS E 21 -21.86 -20.70 -20.44
CA LYS E 21 -21.59 -19.25 -20.48
C LYS E 21 -21.91 -18.45 -19.21
N GLN E 22 -23.18 -18.15 -19.00
CA GLN E 22 -23.63 -17.24 -17.95
C GLN E 22 -22.97 -15.87 -18.09
N SER E 25 -28.76 -13.79 -19.83
CA SER E 25 -29.09 -15.20 -20.03
C SER E 25 -30.50 -15.51 -19.56
N ASP E 26 -30.67 -16.68 -18.95
CA ASP E 26 -31.97 -17.18 -18.46
C ASP E 26 -33.01 -17.38 -19.55
N LYS E 27 -33.16 -16.42 -20.45
CA LYS E 27 -34.11 -16.58 -21.54
C LYS E 27 -33.44 -17.30 -22.70
N LYS E 28 -32.13 -17.12 -22.83
CA LYS E 28 -31.37 -17.86 -23.81
C LYS E 28 -31.05 -19.24 -23.24
N ALA E 29 -31.13 -19.34 -21.92
CA ALA E 29 -30.86 -20.58 -21.21
C ALA E 29 -32.03 -21.56 -21.33
N GLU E 30 -33.25 -21.04 -21.22
CA GLU E 30 -34.45 -21.88 -21.28
C GLU E 30 -34.62 -22.53 -22.66
N LYS E 31 -34.41 -21.73 -23.71
CA LYS E 31 -34.56 -22.21 -25.08
C LYS E 31 -33.47 -23.20 -25.45
N ALA E 32 -32.31 -23.07 -24.84
CA ALA E 32 -31.19 -23.98 -25.10
C ALA E 32 -31.49 -25.34 -24.48
N SER E 33 -32.02 -25.31 -23.26
CA SER E 33 -32.43 -26.50 -22.54
C SER E 33 -33.50 -27.30 -23.30
N GLU E 34 -34.40 -26.58 -23.99
CA GLU E 34 -35.44 -27.24 -24.77
C GLU E 34 -34.80 -28.10 -25.85
N GLU E 35 -33.71 -27.59 -26.43
CA GLU E 35 -33.04 -28.32 -27.50
C GLU E 35 -32.18 -29.43 -26.91
N VAL E 36 -31.79 -29.25 -25.64
CA VAL E 36 -31.03 -30.28 -24.93
C VAL E 36 -31.92 -31.49 -24.64
N SER E 37 -33.08 -31.24 -24.06
CA SER E 37 -34.04 -32.30 -23.77
C SER E 37 -34.50 -32.97 -25.06
N LYS E 38 -34.77 -32.16 -26.09
CA LYS E 38 -35.15 -32.68 -27.39
C LYS E 38 -34.04 -33.57 -27.97
N SER E 39 -32.79 -33.21 -27.72
CA SER E 39 -31.67 -33.99 -28.25
C SER E 39 -31.44 -35.28 -27.46
N LEU E 40 -31.61 -35.21 -26.14
CA LEU E 40 -31.48 -36.40 -25.31
C LEU E 40 -32.62 -37.39 -25.56
N LEU E 41 -33.82 -36.86 -25.78
CA LEU E 41 -34.99 -37.70 -26.07
C LEU E 41 -34.87 -38.31 -27.45
N SER E 42 -34.30 -37.56 -28.39
CA SER E 42 -34.14 -38.04 -29.76
C SER E 42 -33.04 -39.10 -29.75
N MET E 43 -32.15 -38.98 -28.78
CA MET E 43 -31.10 -39.96 -28.57
C MET E 43 -31.68 -41.28 -28.09
N LYS E 44 -32.68 -41.17 -27.22
CA LYS E 44 -33.38 -42.34 -26.67
C LYS E 44 -34.18 -43.13 -27.71
N GLU E 45 -34.92 -42.45 -28.59
CA GLU E 45 -35.64 -43.17 -29.65
C GLU E 45 -34.69 -44.02 -30.49
N ILE E 46 -33.48 -43.51 -30.71
CA ILE E 46 -32.47 -44.26 -31.46
C ILE E 46 -32.07 -45.54 -30.72
N LEU E 47 -31.80 -45.41 -29.42
CA LEU E 47 -31.32 -46.56 -28.64
C LEU E 47 -32.39 -47.63 -28.53
N TYR E 48 -33.64 -47.20 -28.43
CA TYR E 48 -34.75 -48.12 -28.20
C TYR E 48 -35.69 -48.20 -29.39
N GLU E 54 -38.70 -50.47 -33.97
CA GLU E 54 -37.73 -50.32 -35.04
C GLU E 54 -36.40 -49.77 -34.53
N PRO E 55 -35.56 -50.66 -33.96
CA PRO E 55 -34.27 -50.28 -33.36
C PRO E 55 -33.23 -49.79 -34.37
N GLN E 56 -32.55 -50.75 -35.01
CA GLN E 56 -31.61 -50.59 -36.14
C GLN E 56 -30.16 -50.53 -35.65
N THR E 57 -29.37 -51.51 -36.09
CA THR E 57 -28.01 -51.75 -35.59
C THR E 57 -26.98 -50.64 -35.82
N GLU E 58 -26.86 -50.19 -37.07
CA GLU E 58 -25.80 -49.26 -37.43
C GLU E 58 -26.06 -47.81 -36.99
N ALA E 59 -27.32 -47.43 -36.91
CA ALA E 59 -27.67 -46.09 -36.44
C ALA E 59 -27.29 -45.94 -34.97
N VAL E 60 -27.49 -47.01 -34.21
CA VAL E 60 -27.11 -47.05 -32.80
C VAL E 60 -25.59 -47.03 -32.72
N ALA E 61 -24.95 -47.74 -33.64
CA ALA E 61 -23.50 -47.74 -33.72
C ALA E 61 -22.99 -46.37 -34.12
N GLN E 62 -23.81 -45.66 -34.90
CA GLN E 62 -23.46 -44.32 -35.35
C GLN E 62 -23.57 -43.33 -34.20
N LEU E 63 -24.64 -43.47 -33.42
CA LEU E 63 -24.86 -42.61 -32.27
C LEU E 63 -23.71 -42.68 -31.27
N ALA E 64 -23.28 -43.91 -30.96
CA ALA E 64 -22.13 -44.11 -30.08
C ALA E 64 -20.85 -43.44 -30.57
N GLN E 65 -20.48 -43.68 -31.83
CA GLN E 65 -19.25 -43.13 -32.39
C GLN E 65 -19.21 -41.60 -32.39
N GLU E 66 -20.34 -40.98 -32.71
CA GLU E 66 -20.39 -39.53 -32.73
C GLU E 66 -20.26 -38.99 -31.29
N LEU E 67 -20.78 -39.75 -30.34
CA LEU E 67 -20.68 -39.38 -28.93
C LEU E 67 -19.23 -39.43 -28.44
N TYR E 68 -18.47 -40.40 -28.94
CA TYR E 68 -17.05 -40.50 -28.62
C TYR E 68 -16.29 -39.28 -29.10
N ASN E 69 -16.42 -38.99 -30.39
CA ASN E 69 -15.66 -37.94 -31.06
C ASN E 69 -15.95 -36.55 -30.50
N SER E 70 -17.19 -36.31 -30.10
CA SER E 70 -17.60 -35.01 -29.60
C SER E 70 -17.14 -34.76 -28.17
N GLY E 71 -16.69 -35.82 -27.49
CA GLY E 71 -16.31 -35.73 -26.10
C GLY E 71 -17.50 -35.41 -25.20
N LEU E 72 -18.70 -35.62 -25.71
CA LEU E 72 -19.92 -35.20 -25.03
C LEU E 72 -20.20 -36.04 -23.78
N LEU E 73 -19.68 -37.26 -23.77
CA LEU E 73 -19.81 -38.14 -22.62
C LEU E 73 -19.12 -37.50 -21.42
N SER E 74 -18.04 -36.77 -21.70
CA SER E 74 -17.32 -36.04 -20.68
C SER E 74 -18.04 -34.73 -20.38
N THR E 75 -18.60 -34.12 -21.41
CA THR E 75 -19.34 -32.87 -21.27
C THR E 75 -20.63 -33.07 -20.47
N LEU E 76 -21.39 -34.11 -20.82
CA LEU E 76 -22.67 -34.38 -20.18
C LEU E 76 -22.54 -34.70 -18.69
N VAL E 77 -21.39 -35.26 -18.30
CA VAL E 77 -21.12 -35.52 -16.89
C VAL E 77 -20.60 -34.28 -16.19
N ALA E 78 -19.77 -33.51 -16.89
CA ALA E 78 -19.16 -32.30 -16.29
C ALA E 78 -20.19 -31.19 -16.08
N ASP E 79 -21.18 -31.11 -16.98
CA ASP E 79 -22.20 -30.09 -16.89
C ASP E 79 -23.56 -30.66 -16.47
N LEU E 80 -23.53 -31.72 -15.68
CA LEU E 80 -24.74 -32.42 -15.28
C LEU E 80 -25.70 -31.52 -14.51
N GLN E 81 -25.14 -30.57 -13.76
CA GLN E 81 -25.94 -29.63 -12.97
C GLN E 81 -26.70 -28.61 -13.84
N LEU E 82 -26.41 -28.58 -15.14
CA LEU E 82 -27.03 -27.60 -16.03
C LEU E 82 -28.30 -28.17 -16.66
N ILE E 83 -28.49 -29.46 -16.52
CA ILE E 83 -29.61 -30.15 -17.13
C ILE E 83 -30.73 -30.32 -16.11
N ASP E 84 -31.97 -30.39 -16.59
CA ASP E 84 -33.12 -30.48 -15.71
C ASP E 84 -33.18 -31.85 -15.04
N PHE E 85 -34.16 -32.03 -14.15
CA PHE E 85 -34.30 -33.24 -13.36
C PHE E 85 -34.35 -34.53 -14.20
N GLU E 86 -35.31 -34.59 -15.11
CA GLU E 86 -35.49 -35.79 -15.95
C GLU E 86 -34.33 -35.97 -16.94
N GLY E 87 -33.69 -34.88 -17.32
CA GLY E 87 -32.58 -34.93 -18.26
C GLY E 87 -31.37 -35.61 -17.67
N LYS E 88 -31.09 -35.33 -16.40
CA LYS E 88 -30.00 -35.99 -15.70
C LYS E 88 -30.16 -37.51 -15.75
N LYS E 89 -31.41 -37.96 -15.58
CA LYS E 89 -31.70 -39.39 -15.60
C LYS E 89 -31.61 -39.94 -17.02
N ASP E 90 -31.90 -39.11 -18.01
CA ASP E 90 -31.72 -39.52 -19.39
C ASP E 90 -30.24 -39.65 -19.71
N VAL E 91 -29.44 -38.75 -19.15
CA VAL E 91 -27.99 -38.82 -19.34
C VAL E 91 -27.44 -40.11 -18.77
N ALA E 92 -27.90 -40.45 -17.57
CA ALA E 92 -27.49 -41.70 -16.92
C ALA E 92 -27.95 -42.92 -17.72
N GLN E 93 -29.20 -42.90 -18.18
CA GLN E 93 -29.77 -44.00 -18.94
C GLN E 93 -29.04 -44.18 -20.27
N ILE E 94 -28.85 -43.08 -20.99
CA ILE E 94 -28.14 -43.10 -22.27
C ILE E 94 -26.68 -43.52 -22.08
N PHE E 95 -26.00 -42.88 -21.13
CA PHE E 95 -24.64 -43.24 -20.75
C PHE E 95 -24.52 -44.75 -20.53
N ASN E 96 -25.40 -45.29 -19.68
CA ASN E 96 -25.33 -46.70 -19.30
C ASN E 96 -25.62 -47.66 -20.46
N ASP E 97 -26.42 -47.22 -21.44
CA ASP E 97 -26.68 -48.06 -22.61
C ASP E 97 -25.44 -48.16 -23.47
N ILE E 98 -24.90 -47.01 -23.83
CA ILE E 98 -23.72 -46.92 -24.68
C ILE E 98 -22.52 -47.61 -24.03
N LEU E 99 -22.47 -47.58 -22.71
CA LEU E 99 -21.40 -48.22 -21.94
C LEU E 99 -21.35 -49.72 -22.15
N ARG E 100 -22.52 -50.33 -22.30
CA ARG E 100 -22.62 -51.78 -22.40
C ARG E 100 -22.50 -52.27 -23.81
N ARG E 101 -22.35 -51.33 -24.75
CA ARG E 101 -22.27 -51.66 -26.16
C ARG E 101 -21.09 -52.58 -26.46
N GLN E 102 -21.34 -53.62 -27.26
CA GLN E 102 -20.31 -54.59 -27.62
C GLN E 102 -20.16 -54.79 -29.12
N ILE E 103 -18.92 -55.05 -29.52
CA ILE E 103 -18.61 -55.50 -30.87
C ILE E 103 -17.83 -56.80 -30.73
N GLY E 104 -18.55 -57.90 -30.68
CA GLY E 104 -17.94 -59.19 -30.39
C GLY E 104 -17.58 -59.26 -28.91
N THR E 105 -16.37 -59.71 -28.61
CA THR E 105 -15.90 -59.78 -27.23
C THR E 105 -15.30 -58.44 -26.80
N ARG E 106 -15.60 -57.39 -27.56
CA ARG E 106 -15.05 -56.07 -27.29
C ARG E 106 -16.10 -55.12 -26.72
N THR E 107 -15.67 -54.23 -25.83
CA THR E 107 -16.54 -53.19 -25.30
C THR E 107 -15.93 -51.81 -25.55
N PRO E 108 -16.20 -51.24 -26.74
CA PRO E 108 -15.64 -49.99 -27.25
C PRO E 108 -15.75 -48.81 -26.27
N THR E 109 -16.90 -48.66 -25.62
CA THR E 109 -17.12 -47.54 -24.72
C THR E 109 -16.18 -47.62 -23.51
N VAL E 110 -15.90 -48.84 -23.07
CA VAL E 110 -14.94 -49.04 -21.99
C VAL E 110 -13.55 -48.63 -22.45
N GLU E 111 -13.21 -49.02 -23.67
CA GLU E 111 -11.93 -48.65 -24.28
C GLU E 111 -11.80 -47.14 -24.42
N TYR E 112 -12.91 -46.49 -24.76
CA TYR E 112 -12.93 -45.04 -24.89
C TYR E 112 -12.70 -44.34 -23.55
N LEU E 113 -13.41 -44.82 -22.52
CA LEU E 113 -13.35 -44.21 -21.19
C LEU E 113 -11.96 -44.34 -20.56
N CYS E 114 -11.18 -45.30 -21.03
CA CYS E 114 -9.84 -45.52 -20.51
C CYS E 114 -8.90 -44.42 -20.98
N THR E 115 -9.28 -43.76 -22.07
CA THR E 115 -8.52 -42.63 -22.59
C THR E 115 -9.17 -41.32 -22.14
N GLN E 116 -10.29 -41.44 -21.44
CA GLN E 116 -11.06 -40.29 -21.00
C GLN E 116 -11.45 -40.48 -19.54
N GLN E 117 -10.43 -40.65 -18.70
CA GLN E 117 -10.63 -41.13 -17.33
C GLN E 117 -11.17 -40.07 -16.37
N ASN E 118 -11.12 -38.80 -16.76
CA ASN E 118 -11.63 -37.75 -15.89
C ASN E 118 -13.13 -37.90 -15.71
N ILE E 119 -13.77 -38.58 -16.67
CA ILE E 119 -15.19 -38.90 -16.56
C ILE E 119 -15.43 -39.70 -15.28
N LEU E 120 -14.59 -40.70 -15.03
CA LEU E 120 -14.70 -41.52 -13.83
C LEU E 120 -14.42 -40.70 -12.57
N PHE E 121 -13.41 -39.84 -12.63
CA PHE E 121 -13.03 -39.06 -11.47
C PHE E 121 -14.05 -37.96 -11.09
N MET E 122 -14.70 -37.35 -12.08
CA MET E 122 -15.72 -36.34 -11.78
C MET E 122 -17.11 -36.98 -11.68
N LEU E 123 -17.13 -38.29 -11.45
CA LEU E 123 -18.36 -39.02 -11.21
C LEU E 123 -18.36 -39.44 -9.75
N LEU E 124 -17.18 -39.77 -9.27
CA LEU E 124 -16.96 -40.11 -7.87
C LEU E 124 -17.04 -38.82 -7.04
N LYS E 125 -16.51 -37.73 -7.58
CA LYS E 125 -16.55 -36.43 -6.92
C LYS E 125 -17.97 -35.85 -6.97
N GLY E 126 -18.79 -36.42 -7.84
CA GLY E 126 -20.19 -36.02 -7.94
C GLY E 126 -20.97 -36.31 -6.66
N TYR E 127 -20.38 -37.10 -5.77
CA TYR E 127 -21.01 -37.43 -4.49
C TYR E 127 -21.13 -36.23 -3.54
N GLU E 128 -20.43 -35.14 -3.85
CA GLU E 128 -20.50 -33.95 -3.00
C GLU E 128 -21.55 -32.95 -3.49
N SER E 129 -22.35 -33.37 -4.47
CA SER E 129 -23.39 -32.49 -5.02
C SER E 129 -24.76 -33.17 -5.05
N PRO E 130 -25.57 -32.90 -4.02
CA PRO E 130 -26.88 -33.53 -3.80
C PRO E 130 -27.80 -33.47 -5.02
N ASP E 131 -27.59 -32.48 -5.88
CA ASP E 131 -28.42 -32.30 -7.06
C ASP E 131 -28.09 -33.30 -8.19
N ILE E 132 -26.90 -33.91 -8.13
CA ILE E 132 -26.47 -34.83 -9.18
C ILE E 132 -25.85 -36.12 -8.65
N ALA E 133 -25.67 -36.20 -7.34
CA ALA E 133 -24.99 -37.32 -6.70
C ALA E 133 -25.55 -38.71 -7.05
N LEU E 134 -26.86 -38.89 -6.91
CA LEU E 134 -27.47 -40.19 -7.16
C LEU E 134 -27.25 -40.64 -8.60
N ASN E 135 -27.30 -39.67 -9.52
CA ASN E 135 -27.05 -39.95 -10.93
C ASN E 135 -25.61 -40.39 -11.18
N CYS E 136 -24.66 -39.63 -10.63
CA CYS E 136 -23.25 -39.95 -10.78
C CYS E 136 -22.92 -41.32 -10.20
N GLY E 137 -23.47 -41.61 -9.03
CA GLY E 137 -23.29 -42.90 -8.39
C GLY E 137 -23.81 -44.05 -9.22
N ILE E 138 -24.96 -43.83 -9.85
CA ILE E 138 -25.57 -44.85 -10.69
C ILE E 138 -24.70 -45.16 -11.91
N MET E 139 -24.19 -44.12 -12.56
CA MET E 139 -23.34 -44.29 -13.73
C MET E 139 -22.00 -44.90 -13.34
N LEU E 140 -21.48 -44.49 -12.18
CA LEU E 140 -20.18 -44.97 -11.71
C LEU E 140 -20.21 -46.47 -11.41
N ARG E 141 -21.32 -46.97 -10.85
CA ARG E 141 -21.46 -48.38 -10.56
C ARG E 141 -21.53 -49.20 -11.85
N GLU E 142 -22.11 -48.62 -12.88
CA GLU E 142 -22.18 -49.30 -14.18
C GLU E 142 -20.81 -49.33 -14.84
N CYS E 143 -20.02 -48.28 -14.64
CA CYS E 143 -18.66 -48.25 -15.15
C CYS E 143 -17.80 -49.36 -14.54
N ILE E 144 -17.82 -49.46 -13.21
CA ILE E 144 -16.94 -50.40 -12.52
C ILE E 144 -17.39 -51.85 -12.69
N ARG E 145 -18.51 -52.06 -13.37
CA ARG E 145 -18.89 -53.42 -13.77
C ARG E 145 -17.79 -54.00 -14.66
N HIS E 146 -17.12 -53.12 -15.41
CA HIS E 146 -16.00 -53.52 -16.25
C HIS E 146 -14.69 -53.30 -15.48
N GLU E 147 -13.81 -54.29 -15.51
CA GLU E 147 -12.61 -54.28 -14.66
C GLU E 147 -11.63 -53.10 -14.88
N PRO E 148 -11.32 -52.75 -16.14
CA PRO E 148 -10.38 -51.64 -16.31
C PRO E 148 -10.87 -50.34 -15.68
N LEU E 149 -12.17 -50.13 -15.70
CA LEU E 149 -12.76 -48.93 -15.12
C LEU E 149 -12.74 -49.02 -13.59
N ALA E 150 -12.95 -50.22 -13.07
CA ALA E 150 -12.88 -50.44 -11.63
C ALA E 150 -11.46 -50.23 -11.10
N LYS E 151 -10.47 -50.67 -11.88
CA LYS E 151 -9.07 -50.48 -11.52
C LYS E 151 -8.76 -49.01 -11.33
N ILE E 152 -9.07 -48.22 -12.35
CA ILE E 152 -8.86 -46.78 -12.35
C ILE E 152 -9.54 -46.14 -11.14
N THR E 153 -10.78 -46.57 -10.87
CA THR E 153 -11.54 -46.03 -9.75
C THR E 153 -10.96 -46.44 -8.40
N LEU E 154 -10.79 -47.75 -8.20
CA LEU E 154 -10.28 -48.28 -6.93
C LEU E 154 -8.88 -47.81 -6.58
N CYS E 155 -8.01 -47.68 -7.58
CA CYS E 155 -6.59 -47.46 -7.32
C CYS E 155 -6.19 -45.99 -7.28
N SER E 156 -7.13 -45.10 -7.57
CA SER E 156 -6.85 -43.68 -7.44
C SER E 156 -6.85 -43.32 -5.96
N GLU E 157 -6.19 -42.21 -5.62
CA GLU E 157 -6.12 -41.76 -4.23
C GLU E 157 -7.49 -41.37 -3.70
N GLN E 158 -8.37 -40.99 -4.62
CA GLN E 158 -9.70 -40.51 -4.30
C GLN E 158 -10.70 -41.61 -3.99
N PHE E 159 -10.29 -42.87 -4.10
CA PHE E 159 -11.11 -43.98 -3.65
C PHE E 159 -11.47 -43.80 -2.18
N TYR E 160 -10.52 -43.26 -1.41
CA TYR E 160 -10.69 -43.08 0.02
C TYR E 160 -11.74 -42.01 0.35
N ASP E 161 -12.16 -41.25 -0.66
CA ASP E 161 -13.27 -40.29 -0.49
C ASP E 161 -14.56 -41.02 -0.12
N PHE E 162 -14.65 -42.28 -0.52
CA PHE E 162 -15.80 -43.12 -0.21
C PHE E 162 -16.01 -43.19 1.29
N PHE E 163 -14.92 -43.30 2.05
CA PHE E 163 -14.98 -43.35 3.51
C PHE E 163 -15.69 -42.11 4.06
N ARG E 164 -15.51 -40.98 3.37
CA ARG E 164 -16.22 -39.76 3.73
C ARG E 164 -17.67 -39.83 3.25
N TYR E 165 -17.85 -40.40 2.05
CA TYR E 165 -19.15 -40.43 1.39
C TYR E 165 -20.17 -41.34 2.08
N VAL E 166 -19.69 -42.38 2.76
CA VAL E 166 -20.58 -43.35 3.38
C VAL E 166 -21.08 -42.82 4.72
N GLU E 167 -20.36 -41.85 5.28
CA GLU E 167 -20.73 -41.28 6.57
C GLU E 167 -21.63 -40.06 6.42
N PHE E 171 -29.44 -40.15 3.98
CA PHE E 171 -29.06 -41.56 3.98
C PHE E 171 -29.41 -42.22 2.65
N ASP E 172 -29.65 -41.41 1.63
CA ASP E 172 -29.91 -41.93 0.30
C ASP E 172 -28.66 -41.86 -0.56
N ILE E 173 -27.86 -40.82 -0.34
CA ILE E 173 -26.57 -40.68 -0.99
C ILE E 173 -25.59 -41.68 -0.40
N ALA E 174 -25.51 -41.70 0.92
CA ALA E 174 -24.64 -42.61 1.64
C ALA E 174 -24.94 -44.07 1.33
N SER E 175 -26.21 -44.41 1.25
CA SER E 175 -26.62 -45.77 0.92
C SER E 175 -26.15 -46.11 -0.49
N ASP E 176 -26.13 -45.11 -1.36
CA ASP E 176 -25.69 -45.29 -2.73
C ASP E 176 -24.16 -45.37 -2.84
N ALA E 177 -23.49 -44.49 -2.09
CA ALA E 177 -22.03 -44.49 -2.06
C ALA E 177 -21.49 -45.81 -1.52
N PHE E 178 -22.19 -46.40 -0.57
CA PHE E 178 -21.75 -47.66 0.01
C PHE E 178 -21.97 -48.78 -1.00
N ALA E 179 -23.00 -48.65 -1.82
CA ALA E 179 -23.27 -49.64 -2.86
C ALA E 179 -22.13 -49.71 -3.87
N THR E 180 -21.57 -48.56 -4.21
CA THR E 180 -20.47 -48.50 -5.17
C THR E 180 -19.17 -48.92 -4.50
N PHE E 181 -18.93 -48.36 -3.31
CA PHE E 181 -17.82 -48.74 -2.44
C PHE E 181 -17.74 -50.24 -2.26
N LYS E 182 -18.87 -50.86 -1.91
CA LYS E 182 -18.91 -52.30 -1.71
C LYS E 182 -18.64 -53.07 -2.99
N ASP E 183 -19.13 -52.57 -4.11
CA ASP E 183 -18.94 -53.24 -5.39
C ASP E 183 -17.46 -53.26 -5.78
N LEU E 184 -16.77 -52.13 -5.63
CA LEU E 184 -15.33 -52.05 -5.92
C LEU E 184 -14.52 -53.12 -5.19
N LEU E 185 -14.89 -53.41 -3.95
CA LEU E 185 -14.16 -54.37 -3.13
C LEU E 185 -14.63 -55.80 -3.33
N THR E 186 -15.68 -55.99 -4.12
CA THR E 186 -16.29 -57.30 -4.22
C THR E 186 -16.44 -57.87 -5.63
N ARG E 187 -16.71 -57.02 -6.61
CA ARG E 187 -16.99 -57.53 -7.96
C ARG E 187 -15.79 -58.16 -8.64
N HIS E 188 -14.68 -57.43 -8.71
CA HIS E 188 -13.48 -57.95 -9.35
C HIS E 188 -12.49 -58.49 -8.31
N LYS E 189 -12.58 -59.79 -8.05
CA LYS E 189 -11.85 -60.43 -6.94
C LYS E 189 -10.33 -60.22 -6.97
N VAL E 190 -9.72 -60.46 -8.12
CA VAL E 190 -8.27 -60.37 -8.25
C VAL E 190 -7.80 -58.93 -8.05
N LEU E 191 -8.50 -58.00 -8.69
CA LEU E 191 -8.22 -56.58 -8.54
C LEU E 191 -8.35 -56.15 -7.08
N SER E 192 -9.46 -56.54 -6.47
CA SER E 192 -9.75 -56.19 -5.08
C SER E 192 -8.73 -56.79 -4.10
N ALA E 193 -8.26 -58.00 -4.40
CA ALA E 193 -7.34 -58.68 -3.50
C ALA E 193 -5.96 -58.05 -3.54
N GLU E 194 -5.52 -57.67 -4.75
CA GLU E 194 -4.22 -57.05 -4.92
C GLU E 194 -4.16 -55.71 -4.19
N PHE E 195 -5.23 -54.93 -4.30
CA PHE E 195 -5.32 -53.63 -3.65
C PHE E 195 -5.21 -53.78 -2.15
N LEU E 196 -5.92 -54.77 -1.60
CA LEU E 196 -5.95 -55.00 -0.17
C LEU E 196 -4.59 -55.45 0.35
N GLU E 197 -3.89 -56.28 -0.44
CA GLU E 197 -2.57 -56.76 -0.06
C GLU E 197 -1.58 -55.61 0.02
N GLN E 198 -1.57 -54.78 -1.03
CA GLN E 198 -0.62 -53.67 -1.12
C GLN E 198 -0.96 -52.50 -0.20
N HIS E 199 -2.24 -52.29 0.05
CA HIS E 199 -2.69 -51.13 0.81
C HIS E 199 -3.41 -51.50 2.11
N TYR E 200 -3.01 -52.61 2.71
CA TYR E 200 -3.64 -53.09 3.94
C TYR E 200 -3.75 -52.03 5.03
N ASP E 201 -2.58 -51.64 5.56
CA ASP E 201 -2.50 -50.77 6.73
C ASP E 201 -3.33 -49.50 6.64
N ARG E 202 -3.36 -48.87 5.46
CA ARG E 202 -4.13 -47.64 5.33
C ARG E 202 -5.62 -47.93 5.19
N PHE E 203 -5.94 -48.95 4.40
CA PHE E 203 -7.34 -49.29 4.16
C PHE E 203 -8.10 -49.66 5.43
N PHE E 204 -7.55 -50.59 6.19
CA PHE E 204 -8.23 -51.09 7.38
C PHE E 204 -8.16 -50.10 8.54
N SER E 205 -7.18 -49.20 8.49
CA SER E 205 -7.13 -48.09 9.45
C SER E 205 -8.28 -47.14 9.19
N GLU E 206 -8.70 -47.05 7.93
CA GLU E 206 -9.85 -46.23 7.58
C GLU E 206 -11.13 -47.01 7.80
N TYR E 207 -11.05 -48.34 7.67
CA TYR E 207 -12.20 -49.20 7.82
C TYR E 207 -12.58 -49.35 9.28
N GLU E 208 -11.57 -49.33 10.16
CA GLU E 208 -11.79 -49.42 11.60
C GLU E 208 -12.71 -48.31 12.09
N LYS E 209 -12.53 -47.11 11.53
CA LYS E 209 -13.37 -45.97 11.88
C LYS E 209 -14.84 -46.20 11.52
N LEU E 210 -15.06 -46.97 10.45
CA LEU E 210 -16.42 -47.28 10.01
C LEU E 210 -17.08 -48.21 11.01
N LEU E 211 -16.26 -48.97 11.71
CA LEU E 211 -16.76 -49.94 12.68
C LEU E 211 -17.04 -49.26 14.00
N HIS E 212 -16.79 -47.95 14.05
CA HIS E 212 -17.09 -47.14 15.22
C HIS E 212 -18.08 -46.02 14.88
N SER E 213 -18.85 -46.22 13.82
CA SER E 213 -19.76 -45.19 13.31
C SER E 213 -20.79 -44.77 14.33
N GLU E 214 -21.12 -43.47 14.34
CA GLU E 214 -22.21 -42.97 15.16
C GLU E 214 -23.53 -43.47 14.58
N ASN E 215 -23.60 -43.48 13.26
CA ASN E 215 -24.74 -44.05 12.54
C ASN E 215 -24.76 -45.57 12.57
N TYR E 216 -25.86 -46.14 13.03
CA TYR E 216 -25.99 -47.58 13.14
C TYR E 216 -25.92 -48.32 11.81
N VAL E 217 -26.62 -47.82 10.80
CA VAL E 217 -26.70 -48.49 9.50
C VAL E 217 -25.33 -48.74 8.85
N THR E 218 -24.44 -47.76 8.96
CA THR E 218 -23.12 -47.83 8.36
C THR E 218 -22.24 -48.90 9.02
N LYS E 219 -22.39 -49.05 10.33
CA LYS E 219 -21.63 -50.04 11.07
C LYS E 219 -21.94 -51.47 10.62
N ARG E 220 -23.23 -51.79 10.50
CA ARG E 220 -23.66 -53.12 10.07
C ARG E 220 -23.21 -53.50 8.67
N GLN E 221 -23.42 -52.59 7.72
CA GLN E 221 -23.09 -52.88 6.33
C GLN E 221 -21.60 -53.04 6.15
N SER E 222 -20.83 -52.33 6.97
CA SER E 222 -19.38 -52.47 6.99
C SER E 222 -18.97 -53.81 7.57
N LEU E 223 -19.62 -54.20 8.67
CA LEU E 223 -19.35 -55.46 9.34
C LEU E 223 -19.65 -56.68 8.47
N LYS E 224 -20.82 -56.65 7.84
CA LYS E 224 -21.26 -57.70 6.93
C LYS E 224 -20.35 -57.79 5.73
N LEU E 225 -19.88 -56.64 5.27
CA LEU E 225 -18.99 -56.57 4.12
C LEU E 225 -17.63 -57.14 4.51
N LEU E 226 -17.20 -56.82 5.73
CA LEU E 226 -15.93 -57.32 6.26
C LEU E 226 -15.83 -58.84 6.24
N GLY E 227 -16.89 -59.50 6.66
CA GLY E 227 -16.93 -60.95 6.64
C GLY E 227 -16.77 -61.51 5.25
N GLU E 228 -17.49 -60.92 4.30
CA GLU E 228 -17.44 -61.35 2.92
C GLU E 228 -16.03 -61.19 2.35
N LEU E 229 -15.34 -60.14 2.76
CA LEU E 229 -13.96 -59.92 2.34
C LEU E 229 -13.04 -61.01 2.90
N LEU E 230 -13.19 -61.28 4.20
CA LEU E 230 -12.36 -62.26 4.90
C LEU E 230 -12.61 -63.69 4.44
N LEU E 231 -13.74 -63.92 3.78
CA LEU E 231 -14.13 -65.27 3.39
C LEU E 231 -13.58 -65.69 2.02
N ASP E 232 -13.35 -64.72 1.14
CA ASP E 232 -12.97 -65.06 -0.23
C ASP E 232 -11.52 -65.56 -0.31
N ARG E 233 -11.32 -66.61 -1.10
CA ARG E 233 -10.02 -67.24 -1.27
C ARG E 233 -8.91 -66.27 -1.70
N HIS E 234 -9.27 -65.33 -2.56
CA HIS E 234 -8.34 -64.31 -3.04
C HIS E 234 -7.78 -63.44 -1.91
N ASN E 235 -8.56 -63.31 -0.83
CA ASN E 235 -8.19 -62.43 0.27
C ASN E 235 -7.53 -63.17 1.44
N PHE E 236 -7.07 -64.40 1.19
CA PHE E 236 -6.51 -65.25 2.24
C PHE E 236 -5.39 -64.55 3.01
N THR E 237 -4.50 -63.90 2.28
CA THR E 237 -3.38 -63.18 2.88
C THR E 237 -3.88 -62.01 3.73
N ILE E 238 -5.04 -61.46 3.37
CA ILE E 238 -5.59 -60.30 4.06
C ILE E 238 -6.32 -60.74 5.33
N MET E 239 -6.99 -61.88 5.25
CA MET E 239 -7.69 -62.43 6.40
C MET E 239 -6.73 -62.96 7.46
N THR E 240 -5.69 -63.66 7.02
CA THR E 240 -4.67 -64.19 7.92
C THR E 240 -4.05 -63.06 8.73
N LYS E 241 -3.70 -61.99 8.04
CA LYS E 241 -3.13 -60.81 8.66
C LYS E 241 -4.11 -60.17 9.64
N TYR E 242 -5.38 -60.13 9.25
CA TYR E 242 -6.41 -59.49 10.06
C TYR E 242 -6.66 -60.18 11.38
N ILE E 243 -6.91 -61.48 11.31
CA ILE E 243 -7.27 -62.26 12.49
C ILE E 243 -6.02 -62.68 13.25
N SER E 244 -4.94 -61.93 13.04
CA SER E 244 -3.68 -62.13 13.74
C SER E 244 -3.47 -60.98 14.72
N LYS E 245 -4.33 -59.96 14.63
CA LYS E 245 -4.20 -58.78 15.48
C LYS E 245 -5.18 -58.83 16.63
N PRO E 246 -4.66 -58.74 17.86
CA PRO E 246 -5.41 -58.73 19.11
C PRO E 246 -6.51 -57.65 19.14
N GLU E 247 -6.20 -56.47 18.62
CA GLU E 247 -7.13 -55.34 18.70
C GLU E 247 -8.39 -55.57 17.88
N ASN E 248 -8.27 -56.33 16.80
CA ASN E 248 -9.43 -56.66 15.97
C ASN E 248 -10.30 -57.71 16.65
N LEU E 249 -9.65 -58.69 17.27
CA LEU E 249 -10.36 -59.71 18.04
C LEU E 249 -11.07 -59.07 19.22
N LYS E 250 -10.36 -58.19 19.93
CA LYS E 250 -10.92 -57.48 21.07
C LYS E 250 -12.11 -56.62 20.65
N LEU E 251 -12.07 -56.12 19.42
CA LEU E 251 -13.15 -55.31 18.90
C LEU E 251 -14.35 -56.16 18.48
N MET E 252 -14.08 -57.31 17.88
CA MET E 252 -15.15 -58.16 17.41
C MET E 252 -15.89 -58.82 18.57
N MET E 253 -15.16 -59.15 19.63
CA MET E 253 -15.76 -59.73 20.83
C MET E 253 -16.66 -58.73 21.53
N ASN E 254 -16.37 -57.45 21.37
CA ASN E 254 -17.16 -56.40 22.01
C ASN E 254 -18.45 -56.09 21.25
N LEU E 255 -18.44 -56.30 19.94
CA LEU E 255 -19.64 -56.06 19.13
C LEU E 255 -20.62 -57.23 19.27
N LEU E 256 -20.15 -58.33 19.85
CA LEU E 256 -21.02 -59.46 20.17
C LEU E 256 -21.99 -59.06 21.26
N ARG E 257 -21.52 -58.17 22.13
CA ARG E 257 -22.30 -57.70 23.27
C ARG E 257 -22.93 -56.33 23.02
N ASP E 258 -22.93 -55.92 21.75
CA ASP E 258 -23.51 -54.64 21.37
C ASP E 258 -25.00 -54.68 21.69
N LYS E 259 -25.60 -53.51 21.88
CA LYS E 259 -27.02 -53.43 22.20
C LYS E 259 -27.90 -53.98 21.07
N SER E 260 -27.44 -53.80 19.83
CA SER E 260 -28.24 -54.15 18.67
C SER E 260 -28.12 -55.62 18.24
N ARG E 261 -29.27 -56.27 18.10
CA ARG E 261 -29.36 -57.66 17.67
C ARG E 261 -28.68 -57.95 16.34
N ASN E 262 -28.79 -57.03 15.39
CA ASN E 262 -28.21 -57.24 14.07
C ASN E 262 -26.70 -57.00 14.03
N ILE E 263 -26.20 -56.09 14.85
CA ILE E 263 -24.77 -55.84 14.95
C ILE E 263 -24.03 -57.05 15.52
N GLN E 264 -24.59 -57.63 16.57
CA GLN E 264 -24.06 -58.86 17.15
C GLN E 264 -23.96 -59.94 16.07
N PHE E 265 -25.00 -60.03 15.27
CA PHE E 265 -25.12 -61.05 14.24
C PHE E 265 -24.07 -60.95 13.14
N GLU E 266 -23.79 -59.73 12.68
CA GLU E 266 -22.79 -59.55 11.65
C GLU E 266 -21.42 -59.72 12.29
N ALA E 267 -21.30 -59.28 13.55
CA ALA E 267 -20.07 -59.46 14.30
C ALA E 267 -19.73 -60.93 14.51
N PHE E 268 -20.77 -61.75 14.69
CA PHE E 268 -20.59 -63.19 14.85
C PHE E 268 -19.85 -63.82 13.67
N HIS E 269 -20.23 -63.42 12.46
CA HIS E 269 -19.70 -64.02 11.25
C HIS E 269 -18.31 -63.50 10.91
N VAL E 270 -17.87 -62.47 11.62
CA VAL E 270 -16.49 -62.00 11.53
C VAL E 270 -15.65 -62.68 12.61
N PHE E 271 -16.16 -62.67 13.83
CA PHE E 271 -15.53 -63.33 14.96
C PHE E 271 -15.21 -64.79 14.70
N LYS E 272 -16.14 -65.50 14.06
CA LYS E 272 -15.97 -66.92 13.77
C LYS E 272 -14.70 -67.22 12.98
N VAL E 273 -14.26 -66.25 12.19
CA VAL E 273 -13.08 -66.42 11.35
C VAL E 273 -11.83 -66.45 12.22
N PHE E 274 -11.85 -65.69 13.32
CA PHE E 274 -10.73 -65.66 14.25
C PHE E 274 -10.48 -67.03 14.86
N VAL E 275 -11.56 -67.74 15.17
CA VAL E 275 -11.48 -69.01 15.87
C VAL E 275 -11.19 -70.17 14.92
N ALA E 276 -11.81 -70.14 13.75
CA ALA E 276 -11.62 -71.21 12.77
C ALA E 276 -10.21 -71.24 12.17
N ASN E 277 -9.38 -70.27 12.54
CA ASN E 277 -7.99 -70.27 12.06
C ASN E 277 -7.20 -71.38 12.72
N PRO E 278 -6.66 -72.31 11.91
CA PRO E 278 -5.87 -73.40 12.46
C PRO E 278 -4.53 -72.92 13.03
N ASN E 279 -3.89 -71.98 12.35
CA ASN E 279 -2.57 -71.51 12.75
C ASN E 279 -2.62 -70.17 13.50
N LYS E 280 -3.30 -70.14 14.65
CA LYS E 280 -3.39 -68.92 15.46
C LYS E 280 -2.06 -68.47 16.04
N THR E 281 -1.91 -67.16 16.22
CA THR E 281 -0.74 -66.61 16.89
C THR E 281 -0.99 -66.63 18.40
N PRO E 282 0.10 -66.75 19.18
CA PRO E 282 0.07 -66.72 20.65
C PRO E 282 -0.81 -65.61 21.26
N PRO E 283 -0.70 -64.36 20.80
CA PRO E 283 -1.53 -63.38 21.51
C PRO E 283 -3.02 -63.52 21.20
N ILE E 284 -3.35 -64.15 20.07
CA ILE E 284 -4.75 -64.42 19.75
C ILE E 284 -5.27 -65.62 20.53
N LEU E 285 -4.49 -66.71 20.49
CA LEU E 285 -4.87 -67.92 21.22
C LEU E 285 -5.03 -67.65 22.70
N ASP E 286 -4.12 -66.85 23.26
CA ASP E 286 -4.14 -66.55 24.69
C ASP E 286 -5.44 -65.82 25.07
N ILE E 287 -5.85 -64.88 24.23
CA ILE E 287 -7.06 -64.10 24.50
C ILE E 287 -8.31 -64.97 24.48
N LEU E 288 -8.35 -65.91 23.54
CA LEU E 288 -9.48 -66.82 23.44
C LEU E 288 -9.48 -67.78 24.62
N LEU E 289 -8.29 -68.24 25.02
CA LEU E 289 -8.13 -69.11 26.18
C LEU E 289 -8.64 -68.42 27.45
N LYS E 290 -8.23 -67.18 27.67
CA LYS E 290 -8.66 -66.43 28.85
C LYS E 290 -10.18 -66.25 28.94
N ASN E 291 -10.85 -66.29 27.80
CA ASN E 291 -12.31 -66.14 27.77
C ASN E 291 -13.02 -67.40 27.28
N GLN E 292 -12.31 -68.51 27.28
CA GLN E 292 -12.84 -69.80 26.82
C GLN E 292 -14.18 -70.11 27.50
N THR E 293 -14.21 -70.04 28.83
CA THR E 293 -15.43 -70.35 29.56
C THR E 293 -16.51 -69.29 29.33
N LYS E 294 -16.10 -68.03 29.34
CA LYS E 294 -17.03 -66.92 29.09
C LYS E 294 -17.64 -66.97 27.70
N LEU E 295 -16.86 -67.39 26.70
CA LEU E 295 -17.37 -67.45 25.33
C LEU E 295 -18.31 -68.64 25.14
N ILE E 296 -17.92 -69.79 25.69
CA ILE E 296 -18.73 -71.00 25.59
C ILE E 296 -20.09 -70.77 26.22
N GLU E 297 -20.11 -70.01 27.31
CA GLU E 297 -21.36 -69.70 27.98
C GLU E 297 -22.17 -68.70 27.15
N PHE E 298 -21.48 -67.75 26.54
CA PHE E 298 -22.12 -66.68 25.79
C PHE E 298 -22.81 -67.22 24.53
N LEU E 299 -22.08 -68.03 23.75
CA LEU E 299 -22.61 -68.54 22.49
C LEU E 299 -23.68 -69.60 22.70
N SER E 300 -23.83 -70.07 23.93
CA SER E 300 -24.85 -71.07 24.25
C SER E 300 -26.19 -70.37 24.45
N LYS E 301 -26.13 -69.09 24.78
CA LYS E 301 -27.34 -68.28 24.93
C LYS E 301 -27.45 -67.30 23.78
N PHE E 302 -26.53 -67.40 22.82
CA PHE E 302 -26.45 -66.42 21.75
C PHE E 302 -27.49 -66.67 20.66
N GLN E 303 -28.47 -65.77 20.61
CA GLN E 303 -29.53 -65.78 19.61
C GLN E 303 -30.10 -67.16 19.27
N ASN E 304 -30.50 -67.89 20.30
CA ASN E 304 -31.24 -69.12 20.09
C ASN E 304 -32.64 -68.73 19.60
N ASP E 305 -33.01 -67.48 19.85
CA ASP E 305 -34.29 -66.94 19.40
C ASP E 305 -34.33 -66.89 17.88
N ARG E 306 -33.17 -66.62 17.27
CA ARG E 306 -33.08 -66.62 15.83
C ARG E 306 -33.28 -68.05 15.37
N ALA E 307 -32.23 -68.86 15.50
CA ALA E 307 -32.25 -70.27 15.13
C ALA E 307 -32.92 -70.49 13.78
N GLU E 308 -33.60 -71.61 13.63
CA GLU E 308 -34.41 -71.96 12.46
C GLU E 308 -33.63 -71.84 11.12
N ASP E 309 -32.60 -71.01 11.11
CA ASP E 309 -31.74 -70.79 9.97
C ASP E 309 -30.87 -72.04 9.78
N GLU E 310 -30.87 -72.88 10.80
CA GLU E 310 -30.02 -74.08 10.88
C GLU E 310 -28.57 -73.90 10.40
N GLN E 311 -28.34 -73.16 9.32
CA GLN E 311 -26.98 -72.85 8.91
C GLN E 311 -26.32 -71.95 9.96
N PHE E 312 -27.12 -71.10 10.58
CA PHE E 312 -26.65 -70.25 11.68
C PHE E 312 -26.48 -71.10 12.93
N SER E 313 -27.47 -71.94 13.19
CA SER E 313 -27.45 -72.85 14.32
C SER E 313 -26.28 -73.83 14.24
N ASP E 314 -26.01 -74.35 13.05
CA ASP E 314 -24.92 -75.30 12.86
C ASP E 314 -23.58 -74.66 13.11
N GLU E 315 -23.48 -73.37 12.77
CA GLU E 315 -22.27 -72.61 12.98
C GLU E 315 -21.98 -72.39 14.46
N LYS E 316 -23.02 -72.07 15.23
CA LYS E 316 -22.88 -71.85 16.66
C LYS E 316 -22.41 -73.11 17.38
N THR E 317 -22.99 -74.26 17.03
CA THR E 317 -22.59 -75.53 17.64
C THR E 317 -21.13 -75.83 17.33
N TYR E 318 -20.73 -75.53 16.10
CA TYR E 318 -19.38 -75.78 15.63
C TYR E 318 -18.33 -74.87 16.30
N LEU E 319 -18.68 -73.60 16.54
CA LEU E 319 -17.75 -72.69 17.22
C LEU E 319 -17.53 -73.09 18.67
N ILE E 320 -18.62 -73.43 19.34
CA ILE E 320 -18.55 -73.82 20.75
C ILE E 320 -17.69 -75.08 20.84
N LYS E 321 -17.81 -75.95 19.85
CA LYS E 321 -16.93 -77.09 19.70
C LYS E 321 -15.47 -76.67 19.61
N GLN E 322 -15.19 -75.71 18.73
CA GLN E 322 -13.84 -75.22 18.52
C GLN E 322 -13.24 -74.53 19.74
N ILE E 323 -14.00 -73.60 20.33
CA ILE E 323 -13.56 -72.85 21.50
C ILE E 323 -13.32 -73.81 22.66
N ARG E 324 -14.14 -74.85 22.74
CA ARG E 324 -13.96 -75.91 23.73
C ARG E 324 -12.60 -76.58 23.54
N ASP E 325 -12.18 -76.75 22.29
CA ASP E 325 -11.00 -77.56 21.99
C ASP E 325 -9.70 -76.76 21.81
N LEU E 326 -9.71 -75.48 22.16
CA LEU E 326 -8.50 -74.66 22.05
C LEU E 326 -7.43 -75.09 23.07
N LYS E 327 -6.17 -75.06 22.65
CA LYS E 327 -5.06 -75.43 23.52
C LYS E 327 -3.81 -74.59 23.22
N ALA F 4 -13.79 62.36 -16.99
CA ALA F 4 -15.10 62.78 -16.51
C ALA F 4 -16.01 61.57 -16.29
N PRO F 5 -16.74 61.57 -15.17
CA PRO F 5 -17.58 60.43 -14.76
C PRO F 5 -18.59 59.99 -15.80
N ALA F 6 -19.29 60.94 -16.41
CA ALA F 6 -20.32 60.64 -17.39
C ALA F 6 -19.75 59.86 -18.59
N ASP F 7 -18.57 60.25 -19.04
CA ASP F 7 -17.93 59.54 -20.14
C ASP F 7 -17.39 58.19 -19.69
N ILE F 8 -16.89 58.13 -18.46
CA ILE F 8 -16.35 56.88 -17.92
C ILE F 8 -17.47 55.85 -17.77
N VAL F 9 -18.61 56.27 -17.25
CA VAL F 9 -19.75 55.39 -17.11
C VAL F 9 -20.25 54.93 -18.48
N LYS F 10 -20.36 55.86 -19.41
CA LYS F 10 -20.84 55.54 -20.76
C LYS F 10 -19.82 54.68 -21.51
N ASN F 11 -18.54 54.94 -21.29
CA ASN F 11 -17.51 54.14 -21.95
C ASN F 11 -17.52 52.72 -21.42
N LEU F 12 -17.83 52.57 -20.14
CA LEU F 12 -17.97 51.26 -19.53
C LEU F 12 -19.24 50.57 -20.03
N LYS F 13 -20.34 51.31 -20.06
CA LYS F 13 -21.61 50.81 -20.59
C LYS F 13 -21.56 50.30 -22.03
N ASP F 14 -21.05 51.14 -22.93
CA ASP F 14 -21.01 50.81 -24.35
C ASP F 14 -20.16 49.59 -24.60
N ASN F 15 -19.10 49.45 -23.80
CA ASN F 15 -18.16 48.35 -23.95
C ASN F 15 -18.66 47.04 -23.34
N MET F 16 -19.42 47.14 -22.25
CA MET F 16 -20.04 45.96 -21.65
C MET F 16 -21.08 45.39 -22.59
N THR F 17 -21.79 46.28 -23.29
CA THR F 17 -22.76 45.89 -24.30
C THR F 17 -22.11 44.99 -25.36
N ILE F 18 -20.93 45.38 -25.83
CA ILE F 18 -20.19 44.60 -26.82
C ILE F 18 -19.92 43.17 -26.33
N LEU F 19 -19.65 43.01 -25.05
CA LEU F 19 -19.33 41.70 -24.47
C LEU F 19 -20.50 40.72 -24.40
N GLU F 20 -21.73 41.23 -24.42
CA GLU F 20 -22.90 40.36 -24.32
C GLU F 20 -23.11 39.63 -25.63
N LYS F 21 -22.50 40.18 -26.69
CA LYS F 21 -22.42 39.67 -28.08
C LYS F 21 -23.19 40.62 -29.00
N SER F 25 -15.28 36.75 -32.70
CA SER F 25 -15.10 37.49 -31.45
C SER F 25 -13.69 37.28 -30.89
N ASP F 26 -13.60 37.15 -29.57
CA ASP F 26 -12.32 37.01 -28.86
C ASP F 26 -11.35 38.16 -29.12
N LYS F 27 -11.18 38.57 -30.37
CA LYS F 27 -10.28 39.69 -30.66
C LYS F 27 -11.02 41.01 -30.54
N LYS F 28 -12.32 41.00 -30.82
CA LYS F 28 -13.14 42.18 -30.58
C LYS F 28 -13.51 42.18 -29.10
N ALA F 29 -13.44 40.99 -28.50
CA ALA F 29 -13.76 40.81 -27.09
C ALA F 29 -12.60 41.26 -26.20
N GLU F 30 -11.37 40.95 -26.62
CA GLU F 30 -10.19 41.28 -25.83
C GLU F 30 -9.99 42.80 -25.69
N LYS F 31 -10.12 43.51 -26.81
CA LYS F 31 -9.96 44.96 -26.80
C LYS F 31 -11.08 45.65 -26.02
N ALA F 32 -12.24 45.01 -26.00
CA ALA F 32 -13.35 45.53 -25.21
C ALA F 32 -13.03 45.35 -23.74
N SER F 33 -12.51 44.18 -23.41
CA SER F 33 -12.09 43.87 -22.05
C SER F 33 -11.02 44.84 -21.55
N GLU F 34 -10.14 45.28 -22.45
CA GLU F 34 -9.14 46.27 -22.08
C GLU F 34 -9.78 47.58 -21.64
N GLU F 35 -10.85 47.97 -22.31
CA GLU F 35 -11.48 49.25 -22.03
C GLU F 35 -12.37 49.23 -20.79
N VAL F 36 -12.87 48.06 -20.42
CA VAL F 36 -13.66 47.95 -19.19
C VAL F 36 -12.74 48.11 -17.98
N SER F 37 -11.59 47.41 -18.00
CA SER F 37 -10.62 47.49 -16.92
C SER F 37 -10.06 48.90 -16.79
N LYS F 38 -9.75 49.51 -17.93
CA LYS F 38 -9.29 50.90 -17.94
C LYS F 38 -10.36 51.82 -17.37
N SER F 39 -11.62 51.50 -17.64
CA SER F 39 -12.74 52.32 -17.18
C SER F 39 -13.02 52.07 -15.70
N LEU F 40 -12.88 50.81 -15.29
CA LEU F 40 -13.04 50.44 -13.89
C LEU F 40 -11.92 51.04 -13.04
N LEU F 41 -10.71 51.09 -13.59
CA LEU F 41 -9.58 51.70 -12.90
C LEU F 41 -9.73 53.21 -12.78
N SER F 42 -10.27 53.84 -13.82
CA SER F 42 -10.47 55.29 -13.78
C SER F 42 -11.62 55.58 -12.84
N MET F 43 -12.52 54.61 -12.70
CA MET F 43 -13.61 54.70 -11.76
C MET F 43 -13.08 54.60 -10.33
N LYS F 44 -12.11 53.72 -10.13
CA LYS F 44 -11.46 53.56 -8.85
C LYS F 44 -10.68 54.80 -8.41
N GLU F 45 -9.92 55.39 -9.32
CA GLU F 45 -9.22 56.65 -9.03
C GLU F 45 -10.17 57.77 -8.59
N ILE F 46 -11.34 57.84 -9.21
CA ILE F 46 -12.32 58.85 -8.86
C ILE F 46 -12.78 58.65 -7.42
N LEU F 47 -13.05 57.41 -7.06
CA LEU F 47 -13.55 57.10 -5.72
C LEU F 47 -12.52 57.43 -4.64
N TYR F 48 -11.25 57.21 -4.96
CA TYR F 48 -10.17 57.40 -4.00
C TYR F 48 -9.20 58.50 -4.42
N GLY F 49 -8.41 58.22 -5.45
CA GLY F 49 -7.45 59.19 -5.97
C GLY F 49 -6.11 59.09 -5.28
N THR F 50 -5.44 60.23 -5.19
CA THR F 50 -4.16 60.35 -4.49
C THR F 50 -3.86 61.82 -4.27
N ASN F 51 -3.10 62.13 -3.23
CA ASN F 51 -2.77 63.51 -2.90
C ASN F 51 -1.30 63.69 -2.60
N PRO F 55 -8.72 63.80 -4.50
CA PRO F 55 -10.06 63.26 -4.20
C PRO F 55 -11.11 64.37 -4.20
N GLN F 56 -12.12 64.26 -5.06
CA GLN F 56 -13.10 65.34 -5.16
C GLN F 56 -14.53 64.85 -5.04
N THR F 57 -15.20 65.36 -4.01
CA THR F 57 -16.53 64.90 -3.62
C THR F 57 -17.56 65.12 -4.72
N GLU F 58 -17.51 66.29 -5.34
CA GLU F 58 -18.53 66.64 -6.32
C GLU F 58 -18.34 65.79 -7.57
N ALA F 59 -17.09 65.42 -7.84
CA ALA F 59 -16.78 64.49 -8.92
C ALA F 59 -17.27 63.08 -8.58
N VAL F 60 -17.14 62.72 -7.30
CA VAL F 60 -17.61 61.43 -6.81
C VAL F 60 -19.13 61.36 -6.87
N ALA F 61 -19.76 62.49 -6.54
CA ALA F 61 -21.21 62.62 -6.61
C ALA F 61 -21.66 62.49 -8.06
N GLN F 62 -20.79 62.86 -8.98
CA GLN F 62 -21.10 62.81 -10.40
C GLN F 62 -21.18 61.36 -10.86
N LEU F 63 -20.18 60.58 -10.47
CA LEU F 63 -20.08 59.16 -10.82
C LEU F 63 -21.25 58.30 -10.35
N ALA F 64 -21.62 58.45 -9.08
CA ALA F 64 -22.75 57.71 -8.51
C ALA F 64 -24.05 57.96 -9.29
N GLN F 65 -24.35 59.22 -9.53
CA GLN F 65 -25.57 59.59 -10.24
C GLN F 65 -25.57 59.01 -11.65
N GLU F 66 -24.42 59.03 -12.31
CA GLU F 66 -24.31 58.49 -13.65
C GLU F 66 -24.49 56.98 -13.63
N LEU F 67 -24.05 56.35 -12.56
CA LEU F 67 -24.22 54.91 -12.39
C LEU F 67 -25.69 54.52 -12.20
N TYR F 68 -26.44 55.35 -11.50
CA TYR F 68 -27.87 55.12 -11.32
C TYR F 68 -28.59 55.19 -12.65
N ASN F 69 -28.38 56.31 -13.35
CA ASN F 69 -29.08 56.61 -14.58
C ASN F 69 -28.77 55.63 -15.71
N SER F 70 -27.52 55.17 -15.76
CA SER F 70 -27.09 54.28 -16.84
C SER F 70 -27.56 52.85 -16.59
N GLY F 71 -28.01 52.58 -15.37
CA GLY F 71 -28.39 51.24 -14.98
C GLY F 71 -27.23 50.29 -15.02
N LEU F 72 -26.02 50.84 -15.01
CA LEU F 72 -24.80 50.09 -15.23
C LEU F 72 -24.52 49.19 -14.02
N LEU F 73 -25.05 49.57 -12.87
CA LEU F 73 -24.94 48.77 -11.66
C LEU F 73 -25.64 47.42 -11.84
N SER F 74 -26.73 47.43 -12.60
CA SER F 74 -27.45 46.20 -12.89
C SER F 74 -26.73 45.44 -14.00
N THR F 75 -26.17 46.19 -14.94
CA THR F 75 -25.42 45.60 -16.04
C THR F 75 -24.15 44.92 -15.54
N LEU F 76 -23.41 45.60 -14.67
CA LEU F 76 -22.16 45.05 -14.14
C LEU F 76 -22.38 43.78 -13.33
N VAL F 77 -23.54 43.67 -12.70
CA VAL F 77 -23.89 42.46 -11.95
C VAL F 77 -24.42 41.35 -12.85
N ALA F 78 -25.25 41.73 -13.83
CA ALA F 78 -25.85 40.73 -14.72
C ALA F 78 -24.83 40.13 -15.68
N ASP F 79 -23.85 40.94 -16.09
CA ASP F 79 -22.82 40.49 -17.01
C ASP F 79 -21.48 40.33 -16.31
N LEU F 80 -21.52 40.03 -15.01
CA LEU F 80 -20.30 39.94 -14.22
C LEU F 80 -19.38 38.84 -14.73
N GLN F 81 -19.98 37.79 -15.27
CA GLN F 81 -19.24 36.65 -15.80
C GLN F 81 -18.46 37.00 -17.07
N LEU F 82 -18.71 38.20 -17.61
CA LEU F 82 -18.07 38.63 -18.84
C LEU F 82 -16.78 39.36 -18.54
N ILE F 83 -16.58 39.67 -17.26
CA ILE F 83 -15.43 40.44 -16.83
C ILE F 83 -14.33 39.52 -16.30
N ASP F 84 -13.07 39.96 -16.42
CA ASP F 84 -11.93 39.17 -15.97
C ASP F 84 -11.88 39.15 -14.45
N PHE F 85 -10.91 38.41 -13.92
CA PHE F 85 -10.75 38.19 -12.49
C PHE F 85 -10.70 39.48 -11.66
N GLU F 86 -9.77 40.38 -12.00
CA GLU F 86 -9.61 41.64 -11.28
C GLU F 86 -10.77 42.61 -11.45
N GLY F 87 -11.49 42.51 -12.56
CA GLY F 87 -12.62 43.38 -12.78
C GLY F 87 -13.78 43.05 -11.86
N LYS F 88 -14.04 41.75 -11.71
CA LYS F 88 -15.09 41.27 -10.81
C LYS F 88 -14.89 41.81 -9.40
N LYS F 89 -13.64 41.84 -8.95
CA LYS F 89 -13.32 42.39 -7.63
C LYS F 89 -13.40 43.91 -7.62
N ASP F 90 -13.08 44.54 -8.74
CA ASP F 90 -13.18 45.99 -8.86
C ASP F 90 -14.64 46.41 -8.88
N VAL F 91 -15.47 45.62 -9.56
CA VAL F 91 -16.91 45.87 -9.60
C VAL F 91 -17.46 45.81 -8.18
N ALA F 92 -17.03 44.79 -7.43
CA ALA F 92 -17.43 44.62 -6.05
C ALA F 92 -16.96 45.78 -5.17
N GLN F 93 -15.71 46.19 -5.36
CA GLN F 93 -15.13 47.29 -4.60
C GLN F 93 -15.85 48.61 -4.88
N ILE F 94 -16.06 48.90 -6.16
CA ILE F 94 -16.78 50.10 -6.57
C ILE F 94 -18.22 50.09 -6.08
N PHE F 95 -18.90 48.97 -6.33
CA PHE F 95 -20.26 48.75 -5.84
C PHE F 95 -20.41 49.10 -4.36
N ASN F 96 -19.54 48.52 -3.55
CA ASN F 96 -19.65 48.63 -2.11
C ASN F 96 -19.41 50.06 -1.59
N ASP F 97 -18.61 50.82 -2.33
CA ASP F 97 -18.36 52.22 -2.00
C ASP F 97 -19.59 53.08 -2.27
N ILE F 98 -20.07 53.01 -3.51
CA ILE F 98 -21.22 53.78 -3.95
C ILE F 98 -22.46 53.44 -3.12
N LEU F 99 -22.54 52.19 -2.69
CA LEU F 99 -23.66 51.74 -1.86
C LEU F 99 -23.69 52.48 -0.53
N ARG F 100 -22.51 52.80 -0.02
CA ARG F 100 -22.37 53.43 1.29
C ARG F 100 -22.42 54.95 1.19
N ARG F 101 -22.55 55.46 -0.03
CA ARG F 101 -22.57 56.91 -0.23
C ARG F 101 -23.71 57.51 0.57
N GLN F 102 -23.44 58.62 1.26
CA GLN F 102 -24.44 59.25 2.10
C GLN F 102 -24.69 60.72 1.78
N ILE F 103 -25.95 61.14 1.91
CA ILE F 103 -26.31 62.55 1.89
C ILE F 103 -27.13 62.88 3.15
N GLY F 104 -26.44 63.23 4.23
CA GLY F 104 -27.12 63.42 5.50
C GLY F 104 -27.57 62.10 6.11
N THR F 105 -28.82 62.07 6.55
CA THR F 105 -29.39 60.85 7.13
C THR F 105 -29.96 59.96 6.01
N ARG F 106 -29.55 60.24 4.78
CA ARG F 106 -30.01 59.52 3.60
C ARG F 106 -28.93 58.62 2.99
N THR F 107 -29.35 57.50 2.42
CA THR F 107 -28.45 56.62 1.68
C THR F 107 -28.97 56.38 0.25
N PRO F 108 -28.57 57.28 -0.68
CA PRO F 108 -29.06 57.32 -2.06
C PRO F 108 -29.02 56.00 -2.83
N THR F 109 -27.92 55.26 -2.72
CA THR F 109 -27.78 54.00 -3.45
C THR F 109 -28.77 52.95 -2.95
N VAL F 110 -29.04 52.95 -1.65
CA VAL F 110 -30.01 52.05 -1.07
C VAL F 110 -31.39 52.36 -1.61
N GLU F 111 -31.70 53.66 -1.68
CA GLU F 111 -32.96 54.15 -2.22
C GLU F 111 -33.11 53.73 -3.69
N TYR F 112 -32.01 53.76 -4.42
CA TYR F 112 -31.98 53.34 -5.82
C TYR F 112 -32.28 51.84 -5.94
N LEU F 113 -31.61 51.06 -5.10
CA LEU F 113 -31.74 49.60 -5.13
C LEU F 113 -33.15 49.13 -4.77
N CYS F 114 -33.91 49.97 -4.05
CA CYS F 114 -35.27 49.61 -3.68
C CYS F 114 -36.22 49.67 -4.86
N THR F 115 -35.85 50.46 -5.86
CA THR F 115 -36.61 50.57 -7.10
C THR F 115 -35.92 49.73 -8.17
N GLN F 116 -34.81 49.12 -7.78
CA GLN F 116 -33.99 48.36 -8.71
C GLN F 116 -33.63 47.04 -8.06
N GLN F 117 -34.65 46.30 -7.65
CA GLN F 117 -34.49 45.16 -6.77
C GLN F 117 -33.95 43.91 -7.44
N ASN F 118 -33.95 43.87 -8.78
CA ASN F 118 -33.44 42.70 -9.46
C ASN F 118 -31.94 42.53 -9.21
N ILE F 119 -31.28 43.63 -8.84
CA ILE F 119 -29.88 43.56 -8.46
C ILE F 119 -29.68 42.59 -7.29
N LEU F 120 -30.51 42.69 -6.26
CA LEU F 120 -30.40 41.77 -5.13
C LEU F 120 -30.72 40.32 -5.51
N PHE F 121 -31.75 40.13 -6.33
CA PHE F 121 -32.17 38.79 -6.69
C PHE F 121 -31.17 38.05 -7.60
N MET F 122 -30.50 38.76 -8.51
CA MET F 122 -29.49 38.10 -9.34
C MET F 122 -28.11 38.20 -8.69
N LEU F 123 -28.10 38.45 -7.38
CA LEU F 123 -26.88 38.43 -6.58
C LEU F 123 -26.96 37.20 -5.69
N LEU F 124 -28.18 36.89 -5.26
CA LEU F 124 -28.47 35.68 -4.51
C LEU F 124 -28.37 34.47 -5.44
N LYS F 125 -28.85 34.65 -6.67
CA LYS F 125 -28.78 33.61 -7.70
C LYS F 125 -27.35 33.38 -8.17
N GLY F 126 -26.49 34.35 -7.88
CA GLY F 126 -25.08 34.23 -8.25
C GLY F 126 -24.37 33.08 -7.57
N TYR F 127 -24.98 32.51 -6.53
CA TYR F 127 -24.40 31.37 -5.82
C TYR F 127 -24.41 30.09 -6.66
N GLU F 128 -25.18 30.08 -7.74
CA GLU F 128 -25.26 28.91 -8.60
C GLU F 128 -24.27 29.01 -9.75
N SER F 129 -23.39 30.00 -9.68
CA SER F 129 -22.37 30.21 -10.70
C SER F 129 -21.00 30.33 -10.03
N PRO F 130 -20.26 29.21 -9.98
CA PRO F 130 -18.98 29.08 -9.28
C PRO F 130 -17.96 30.16 -9.63
N ASP F 131 -18.06 30.72 -10.83
CA ASP F 131 -17.10 31.73 -11.28
C ASP F 131 -17.32 33.13 -10.69
N ILE F 132 -18.51 33.39 -10.13
CA ILE F 132 -18.83 34.72 -9.63
C ILE F 132 -19.50 34.74 -8.25
N ALA F 133 -19.79 33.56 -7.72
CA ALA F 133 -20.53 33.43 -6.46
C ALA F 133 -19.93 34.26 -5.30
N LEU F 134 -18.64 34.09 -5.03
CA LEU F 134 -18.00 34.80 -3.93
C LEU F 134 -18.07 36.32 -4.11
N ASN F 135 -17.96 36.76 -5.36
CA ASN F 135 -18.08 38.18 -5.66
C ASN F 135 -19.48 38.68 -5.35
N CYS F 136 -20.48 37.95 -5.82
CA CYS F 136 -21.88 38.28 -5.57
C CYS F 136 -22.16 38.30 -4.08
N GLY F 137 -21.63 37.30 -3.39
CA GLY F 137 -21.77 37.20 -1.94
C GLY F 137 -21.20 38.39 -1.22
N ILE F 138 -20.08 38.89 -1.71
CA ILE F 138 -19.43 40.05 -1.11
C ILE F 138 -20.30 41.29 -1.26
N MET F 139 -20.83 41.50 -2.46
CA MET F 139 -21.69 42.65 -2.73
C MET F 139 -23.03 42.51 -2.01
N LEU F 140 -23.55 41.29 -1.98
CA LEU F 140 -24.84 41.03 -1.34
C LEU F 140 -24.78 41.25 0.18
N ARG F 141 -23.69 40.84 0.81
CA ARG F 141 -23.55 41.05 2.24
C ARG F 141 -23.41 42.53 2.56
N GLU F 142 -22.83 43.29 1.64
CA GLU F 142 -22.71 44.73 1.84
C GLU F 142 -24.06 45.41 1.68
N CYS F 143 -24.90 44.88 0.78
CA CYS F 143 -26.26 45.38 0.61
C CYS F 143 -27.10 45.21 1.88
N ILE F 144 -27.07 44.01 2.44
CA ILE F 144 -27.92 43.66 3.57
C ILE F 144 -27.54 44.34 4.89
N ARG F 145 -26.43 45.09 4.88
CA ARG F 145 -26.11 45.92 6.04
C ARG F 145 -27.22 46.94 6.28
N HIS F 146 -27.88 47.35 5.20
CA HIS F 146 -29.01 48.26 5.27
C HIS F 146 -30.32 47.47 5.33
N GLU F 147 -31.19 47.87 6.24
CA GLU F 147 -32.41 47.12 6.54
C GLU F 147 -33.42 46.92 5.38
N PRO F 148 -33.69 47.97 4.58
CA PRO F 148 -34.64 47.73 3.47
C PRO F 148 -34.17 46.67 2.47
N LEU F 149 -32.87 46.61 2.23
CA LEU F 149 -32.32 45.64 1.29
C LEU F 149 -32.36 44.23 1.88
N ALA F 150 -32.13 44.15 3.19
CA ALA F 150 -32.22 42.89 3.89
C ALA F 150 -33.65 42.39 3.90
N LYS F 151 -34.59 43.31 4.11
CA LYS F 151 -36.01 43.00 4.15
C LYS F 151 -36.46 42.38 2.82
N ILE F 152 -36.14 43.04 1.72
CA ILE F 152 -36.45 42.54 0.39
C ILE F 152 -35.90 41.12 0.21
N THR F 153 -34.66 40.93 0.66
CA THR F 153 -33.96 39.66 0.55
C THR F 153 -34.57 38.59 1.46
N LEU F 154 -34.68 38.90 2.75
CA LEU F 154 -35.17 37.94 3.74
C LEU F 154 -36.60 37.48 3.49
N CYS F 155 -37.46 38.40 3.05
CA CYS F 155 -38.89 38.11 2.98
C CYS F 155 -39.29 37.59 1.62
N SER F 156 -38.34 37.54 0.68
CA SER F 156 -38.60 36.93 -0.61
C SER F 156 -38.65 35.43 -0.47
N GLU F 157 -39.33 34.77 -1.40
CA GLU F 157 -39.46 33.32 -1.38
C GLU F 157 -38.09 32.70 -1.64
N GLN F 158 -37.21 33.49 -2.27
CA GLN F 158 -35.88 33.03 -2.68
C GLN F 158 -34.90 33.01 -1.52
N PHE F 159 -35.32 33.51 -0.36
CA PHE F 159 -34.50 33.41 0.84
C PHE F 159 -34.17 31.96 1.15
N TYR F 160 -35.12 31.08 0.90
CA TYR F 160 -34.97 29.67 1.20
C TYR F 160 -33.97 28.96 0.29
N ASP F 161 -33.54 29.63 -0.78
CA ASP F 161 -32.47 29.10 -1.63
C ASP F 161 -31.19 28.98 -0.82
N PHE F 162 -31.06 29.79 0.22
CA PHE F 162 -29.90 29.73 1.10
C PHE F 162 -29.75 28.34 1.70
N PHE F 163 -30.87 27.72 2.09
CA PHE F 163 -30.86 26.38 2.64
C PHE F 163 -30.22 25.40 1.66
N ARG F 164 -30.39 25.65 0.37
CA ARG F 164 -29.75 24.84 -0.65
C ARG F 164 -28.27 25.24 -0.75
N TYR F 165 -28.03 26.55 -0.67
CA TYR F 165 -26.71 27.13 -0.86
C TYR F 165 -25.72 26.78 0.27
N VAL F 166 -26.25 26.57 1.47
CA VAL F 166 -25.42 26.35 2.65
C VAL F 166 -24.94 24.90 2.81
N GLU F 167 -25.59 23.97 2.13
CA GLU F 167 -25.25 22.56 2.30
C GLU F 167 -24.17 21.95 1.42
N MET F 168 -24.31 22.07 0.11
CA MET F 168 -23.43 21.32 -0.79
C MET F 168 -23.18 22.01 -2.14
N SER F 169 -22.27 21.45 -2.95
CA SER F 169 -21.22 20.52 -2.52
C SER F 169 -19.85 21.16 -2.61
N THR F 170 -19.83 22.40 -3.07
CA THR F 170 -18.58 23.13 -3.22
C THR F 170 -18.41 24.06 -2.03
N PHE F 171 -17.66 23.59 -1.04
N PHE F 171 -17.71 23.56 -1.01
CA PHE F 171 -17.57 24.29 0.24
CA PHE F 171 -17.51 24.28 0.24
C PHE F 171 -16.60 25.46 0.15
C PHE F 171 -16.55 25.45 0.03
N ASP F 172 -17.14 26.62 -0.18
CA ASP F 172 -16.43 27.90 -0.23
C ASP F 172 -17.57 28.82 -0.59
N ILE F 173 -18.46 28.25 -1.40
CA ILE F 173 -19.72 28.87 -1.76
C ILE F 173 -20.61 28.74 -0.54
N ALA F 174 -20.68 27.52 -0.02
CA ALA F 174 -21.45 27.20 1.16
C ALA F 174 -20.99 27.99 2.38
N SER F 175 -19.68 28.12 2.54
CA SER F 175 -19.14 28.90 3.65
C SER F 175 -19.53 30.37 3.50
N ASP F 176 -19.60 30.82 2.25
CA ASP F 176 -19.97 32.21 1.96
C ASP F 176 -21.48 32.42 2.08
N ALA F 177 -22.24 31.47 1.54
CA ALA F 177 -23.69 31.52 1.61
C ALA F 177 -24.21 31.50 3.04
N PHE F 178 -23.53 30.76 3.92
CA PHE F 178 -23.96 30.65 5.30
C PHE F 178 -23.66 31.95 6.03
N ALA F 179 -22.59 32.63 5.65
CA ALA F 179 -22.23 33.92 6.24
C ALA F 179 -23.31 34.97 5.96
N THR F 180 -23.86 34.94 4.75
CA THR F 180 -24.89 35.88 4.34
C THR F 180 -26.22 35.48 4.99
N PHE F 181 -26.52 34.19 4.91
CA PHE F 181 -27.65 33.58 5.60
C PHE F 181 -27.64 33.99 7.08
N LYS F 182 -26.50 33.84 7.72
CA LYS F 182 -26.32 34.15 9.14
C LYS F 182 -26.48 35.63 9.47
N ASP F 183 -25.95 36.50 8.64
CA ASP F 183 -26.02 37.94 8.89
C ASP F 183 -27.47 38.41 8.85
N LEU F 184 -28.19 37.95 7.83
CA LEU F 184 -29.61 38.27 7.65
C LEU F 184 -30.48 37.92 8.87
N LEU F 185 -30.16 36.82 9.53
CA LEU F 185 -30.96 36.38 10.67
C LEU F 185 -30.53 37.01 11.98
N THR F 186 -29.42 37.76 11.96
CA THR F 186 -28.87 38.28 13.20
C THR F 186 -28.62 39.79 13.21
N ARG F 187 -28.31 40.39 12.07
CA ARG F 187 -27.95 41.81 12.07
C ARG F 187 -29.12 42.73 12.40
N HIS F 188 -30.22 42.59 11.66
CA HIS F 188 -31.39 43.43 11.90
C HIS F 188 -32.41 42.70 12.77
N LYS F 189 -32.30 42.93 14.07
CA LYS F 189 -33.05 42.18 15.08
C LYS F 189 -34.56 42.24 14.89
N VAL F 190 -35.09 43.44 14.73
CA VAL F 190 -36.54 43.63 14.64
C VAL F 190 -37.08 42.98 13.37
N LEU F 191 -36.38 43.20 12.26
CA LEU F 191 -36.73 42.57 10.99
C LEU F 191 -36.68 41.04 11.06
N SER F 192 -35.58 40.52 11.58
CA SER F 192 -35.39 39.08 11.70
C SER F 192 -36.42 38.42 12.62
N ALA F 193 -36.79 39.12 13.68
CA ALA F 193 -37.71 38.55 14.67
C ALA F 193 -39.12 38.46 14.12
N GLU F 194 -39.55 39.47 13.36
CA GLU F 194 -40.85 39.45 12.73
C GLU F 194 -40.96 38.31 11.72
N PHE F 195 -39.91 38.11 10.93
CA PHE F 195 -39.91 37.05 9.93
C PHE F 195 -40.06 35.69 10.57
N LEU F 196 -39.34 35.47 11.67
CA LEU F 196 -39.32 34.18 12.32
C LEU F 196 -40.70 33.85 12.90
N GLU F 197 -41.37 34.84 13.46
CA GLU F 197 -42.71 34.62 14.00
C GLU F 197 -43.73 34.29 12.92
N GLN F 198 -43.74 35.06 11.83
CA GLN F 198 -44.72 34.85 10.78
C GLN F 198 -44.47 33.57 9.99
N HIS F 199 -43.20 33.19 9.85
CA HIS F 199 -42.85 32.04 9.04
C HIS F 199 -42.18 30.94 9.85
N TYR F 200 -42.56 30.80 11.12
CA TYR F 200 -41.96 29.81 12.01
C TYR F 200 -41.97 28.40 11.42
N ASP F 201 -43.16 27.82 11.27
CA ASP F 201 -43.29 26.43 10.87
C ASP F 201 -42.47 26.05 9.65
N ARG F 202 -42.39 26.94 8.66
CA ARG F 202 -41.63 26.61 7.47
C ARG F 202 -40.13 26.77 7.67
N PHE F 203 -39.72 27.86 8.31
CA PHE F 203 -38.31 28.16 8.52
C PHE F 203 -37.60 27.07 9.33
N PHE F 204 -38.15 26.72 10.48
CA PHE F 204 -37.51 25.73 11.34
C PHE F 204 -37.70 24.31 10.82
N SER F 205 -38.69 24.11 9.95
CA SER F 205 -38.83 22.84 9.25
C SER F 205 -37.68 22.67 8.25
N GLU F 206 -37.18 23.79 7.74
CA GLU F 206 -36.03 23.77 6.85
C GLU F 206 -34.75 23.77 7.67
N TYR F 207 -34.82 24.36 8.86
CA TYR F 207 -33.65 24.45 9.74
C TYR F 207 -33.34 23.11 10.40
N GLU F 208 -34.38 22.35 10.71
CA GLU F 208 -34.21 21.03 11.32
C GLU F 208 -33.36 20.14 10.41
N LYS F 209 -33.58 20.26 9.11
CA LYS F 209 -32.80 19.51 8.13
C LYS F 209 -31.33 19.91 8.18
N LEU F 210 -31.06 21.16 8.53
CA LEU F 210 -29.68 21.62 8.67
C LEU F 210 -29.01 20.97 9.87
N LEU F 211 -29.82 20.60 10.85
CA LEU F 211 -29.30 20.02 12.07
C LEU F 211 -29.09 18.52 11.89
N HIS F 212 -29.45 18.03 10.70
CA HIS F 212 -29.23 16.63 10.34
C HIS F 212 -28.31 16.54 9.14
N SER F 213 -27.52 17.60 8.93
CA SER F 213 -26.65 17.71 7.79
C SER F 213 -25.64 16.57 7.79
N GLU F 214 -25.32 16.06 6.61
CA GLU F 214 -24.28 15.07 6.46
C GLU F 214 -22.93 15.73 6.72
N ASN F 215 -22.82 16.98 6.28
CA ASN F 215 -21.64 17.79 6.49
C ASN F 215 -21.50 18.23 7.95
N TYR F 216 -20.37 17.88 8.56
CA TYR F 216 -20.09 18.21 9.95
C TYR F 216 -20.03 19.71 10.20
N VAL F 217 -19.33 20.44 9.34
CA VAL F 217 -19.17 21.88 9.52
C VAL F 217 -20.52 22.59 9.57
N THR F 218 -21.42 22.19 8.68
CA THR F 218 -22.75 22.79 8.58
C THR F 218 -23.60 22.48 9.81
N LYS F 219 -23.46 21.26 10.32
CA LYS F 219 -24.22 20.82 11.49
C LYS F 219 -23.86 21.69 12.69
N ARG F 220 -22.57 21.87 12.92
CA ARG F 220 -22.07 22.70 14.01
C ARG F 220 -22.43 24.17 13.84
N GLN F 221 -22.18 24.71 12.65
CA GLN F 221 -22.37 26.13 12.39
C GLN F 221 -23.85 26.54 12.45
N SER F 222 -24.73 25.63 12.06
CA SER F 222 -26.17 25.86 12.17
C SER F 222 -26.60 25.80 13.63
N LEU F 223 -26.08 24.82 14.35
CA LEU F 223 -26.37 24.61 15.76
C LEU F 223 -25.92 25.80 16.60
N LYS F 224 -24.70 26.26 16.33
CA LYS F 224 -24.13 27.39 17.02
C LYS F 224 -24.97 28.62 16.72
N LEU F 225 -25.48 28.70 15.49
CA LEU F 225 -26.34 29.81 15.09
C LEU F 225 -27.71 29.73 15.78
N LEU F 226 -28.25 28.52 15.85
CA LEU F 226 -29.54 28.29 16.51
C LEU F 226 -29.56 28.75 17.96
N GLY F 227 -28.48 28.43 18.68
CA GLY F 227 -28.37 28.81 20.08
C GLY F 227 -28.49 30.31 20.22
N GLU F 228 -27.76 31.03 19.38
CA GLU F 228 -27.79 32.49 19.37
C GLU F 228 -29.19 33.00 19.04
N LEU F 229 -29.89 32.31 18.14
CA LEU F 229 -31.25 32.70 17.77
C LEU F 229 -32.19 32.58 18.97
N LEU F 230 -32.14 31.45 19.66
CA LEU F 230 -32.97 31.23 20.83
C LEU F 230 -32.54 32.07 22.02
N LEU F 231 -31.30 32.53 22.01
CA LEU F 231 -30.74 33.25 23.15
C LEU F 231 -30.99 34.76 23.07
N ASP F 232 -31.12 35.26 21.85
CA ASP F 232 -31.29 36.71 21.66
C ASP F 232 -32.68 37.15 22.11
N ARG F 233 -32.73 38.33 22.73
CA ARG F 233 -33.97 38.89 23.25
C ARG F 233 -35.09 38.94 22.21
N HIS F 234 -35.05 39.94 21.33
CA HIS F 234 -35.95 40.11 20.19
C HIS F 234 -36.76 38.88 19.72
N ASN F 235 -36.19 37.69 19.89
CA ASN F 235 -36.76 36.44 19.40
C ASN F 235 -37.52 35.63 20.45
N PHE F 236 -37.91 36.27 21.54
CA PHE F 236 -38.52 35.59 22.70
C PHE F 236 -39.66 34.64 22.38
N THR F 237 -40.61 35.08 21.56
CA THR F 237 -41.77 34.26 21.22
C THR F 237 -41.34 33.01 20.45
N ILE F 238 -40.21 33.11 19.76
CA ILE F 238 -39.72 32.03 18.91
C ILE F 238 -39.00 31.00 19.78
N MET F 239 -38.33 31.48 20.83
CA MET F 239 -37.66 30.62 21.78
C MET F 239 -38.68 29.83 22.58
N THR F 240 -39.73 30.52 23.02
CA THR F 240 -40.82 29.88 23.76
C THR F 240 -41.48 28.78 22.94
N LYS F 241 -41.78 29.10 21.68
CA LYS F 241 -42.40 28.11 20.78
C LYS F 241 -41.47 26.94 20.54
N TYR F 242 -40.17 27.22 20.40
CA TYR F 242 -39.18 26.20 20.11
C TYR F 242 -39.00 25.23 21.26
N ILE F 243 -38.72 25.78 22.45
CA ILE F 243 -38.42 24.94 23.62
C ILE F 243 -39.69 24.48 24.33
N SER F 244 -40.79 24.47 23.60
CA SER F 244 -42.06 23.95 24.09
C SER F 244 -42.37 22.66 23.38
N LYS F 245 -41.53 22.33 22.39
CA LYS F 245 -41.74 21.16 21.57
C LYS F 245 -40.89 19.99 22.04
N PRO F 246 -41.54 18.86 22.33
CA PRO F 246 -40.89 17.62 22.76
C PRO F 246 -39.81 17.17 21.80
N GLU F 247 -40.08 17.26 20.51
CA GLU F 247 -39.16 16.79 19.49
C GLU F 247 -37.87 17.60 19.42
N ASN F 248 -37.95 18.89 19.72
CA ASN F 248 -36.77 19.74 19.70
C ASN F 248 -35.86 19.43 20.88
N LEU F 249 -36.47 19.18 22.03
CA LEU F 249 -35.73 18.79 23.22
C LEU F 249 -35.01 17.46 23.03
N LYS F 250 -35.71 16.49 22.46
CA LYS F 250 -35.10 15.18 22.21
C LYS F 250 -33.90 15.23 21.27
N LEU F 251 -33.87 16.20 20.36
CA LEU F 251 -32.73 16.30 19.45
C LEU F 251 -31.51 16.92 20.14
N MET F 252 -31.73 17.91 20.98
CA MET F 252 -30.62 18.59 21.66
C MET F 252 -29.98 17.70 22.73
N MET F 253 -30.83 16.93 23.41
CA MET F 253 -30.35 15.97 24.40
C MET F 253 -29.60 14.85 23.68
N ASN F 254 -29.99 14.61 22.44
CA ASN F 254 -29.41 13.55 21.64
C ASN F 254 -28.08 13.97 21.02
N LEU F 255 -27.94 15.25 20.75
CA LEU F 255 -26.70 15.79 20.20
C LEU F 255 -25.67 16.00 21.30
N LEU F 256 -26.12 15.94 22.55
CA LEU F 256 -25.23 15.97 23.70
C LEU F 256 -24.38 14.71 23.75
N ARG F 257 -24.93 13.62 23.25
CA ARG F 257 -24.28 12.33 23.30
C ARG F 257 -23.55 12.05 21.99
N ASP F 258 -23.44 13.10 21.16
CA ASP F 258 -22.85 12.98 19.83
C ASP F 258 -21.38 12.56 19.88
N LYS F 259 -20.89 11.96 18.80
CA LYS F 259 -19.50 11.52 18.73
C LYS F 259 -18.51 12.67 18.80
N SER F 260 -18.87 13.82 18.22
CA SER F 260 -17.98 14.96 18.15
C SER F 260 -18.08 15.85 19.39
N ARG F 261 -16.96 16.10 20.04
CA ARG F 261 -16.91 16.96 21.22
C ARG F 261 -17.47 18.35 20.95
N ASN F 262 -17.21 18.86 19.74
CA ASN F 262 -17.63 20.20 19.38
C ASN F 262 -19.14 20.30 19.10
N ILE F 263 -19.72 19.23 18.58
CA ILE F 263 -21.17 19.17 18.35
C ILE F 263 -21.93 19.17 19.68
N GLN F 264 -21.43 18.36 20.61
CA GLN F 264 -21.98 18.32 21.97
C GLN F 264 -22.01 19.71 22.58
N PHE F 265 -20.91 20.43 22.38
CA PHE F 265 -20.74 21.74 22.98
C PHE F 265 -21.75 22.75 22.46
N GLU F 266 -22.00 22.72 21.15
CA GLU F 266 -22.96 23.65 20.58
C GLU F 266 -24.38 23.23 20.94
N ALA F 267 -24.59 21.92 21.02
CA ALA F 267 -25.88 21.38 21.45
C ALA F 267 -26.19 21.82 22.87
N PHE F 268 -25.15 21.90 23.69
CA PHE F 268 -25.28 22.35 25.08
C PHE F 268 -25.94 23.71 25.17
N HIS F 269 -25.53 24.62 24.30
CA HIS F 269 -25.98 26.00 24.36
C HIS F 269 -27.40 26.17 23.84
N VAL F 270 -27.93 25.12 23.22
CA VAL F 270 -29.34 25.09 22.84
C VAL F 270 -30.15 24.42 23.93
N PHE F 271 -29.66 23.26 24.38
CA PHE F 271 -30.27 22.52 25.48
C PHE F 271 -30.43 23.40 26.71
N LYS F 272 -29.39 24.19 26.99
CA LYS F 272 -29.36 25.08 28.15
C LYS F 272 -30.56 26.03 28.17
N VAL F 273 -31.06 26.39 26.99
CA VAL F 273 -32.19 27.30 26.88
C VAL F 273 -33.48 26.61 27.33
N PHE F 274 -33.59 25.31 27.05
CA PHE F 274 -34.75 24.53 27.45
C PHE F 274 -34.94 24.50 28.96
N VAL F 275 -33.82 24.42 29.68
CA VAL F 275 -33.85 24.21 31.13
C VAL F 275 -34.06 25.51 31.90
N ALA F 276 -33.40 26.58 31.47
CA ALA F 276 -33.52 27.87 32.13
C ALA F 276 -34.91 28.47 31.92
N ASN F 277 -35.73 27.78 31.14
CA ASN F 277 -37.11 28.17 30.90
C ASN F 277 -37.98 28.00 32.14
N PRO F 278 -38.55 29.12 32.62
CA PRO F 278 -39.45 29.04 33.78
C PRO F 278 -40.78 28.37 33.45
N ASN F 279 -41.32 28.67 32.27
CA ASN F 279 -42.64 28.16 31.89
C ASN F 279 -42.61 26.94 30.96
N LYS F 280 -42.05 25.84 31.43
CA LYS F 280 -42.02 24.60 30.65
C LYS F 280 -43.43 24.06 30.45
N THR F 281 -43.65 23.40 29.32
CA THR F 281 -44.93 22.71 29.07
C THR F 281 -44.91 21.32 29.68
N PRO F 282 -46.10 20.80 30.05
CA PRO F 282 -46.23 19.43 30.57
C PRO F 282 -45.43 18.36 29.80
N PRO F 283 -45.53 18.31 28.46
CA PRO F 283 -44.73 17.24 27.84
C PRO F 283 -43.23 17.52 27.86
N ILE F 284 -42.84 18.77 28.04
CA ILE F 284 -41.42 19.14 28.16
C ILE F 284 -40.84 18.80 29.53
N LEU F 285 -41.55 19.17 30.58
CA LEU F 285 -41.13 18.90 31.95
C LEU F 285 -40.91 17.40 32.18
N ASP F 286 -41.78 16.59 31.58
CA ASP F 286 -41.73 15.14 31.74
C ASP F 286 -40.41 14.54 31.26
N ILE F 287 -39.91 15.03 30.14
CA ILE F 287 -38.68 14.50 29.55
C ILE F 287 -37.51 14.77 30.49
N LEU F 288 -37.53 15.95 31.10
CA LEU F 288 -36.48 16.32 32.04
C LEU F 288 -36.58 15.51 33.33
N LEU F 289 -37.80 15.32 33.84
CA LEU F 289 -38.03 14.50 35.03
C LEU F 289 -37.63 13.04 34.86
N LYS F 290 -38.11 12.41 33.77
CA LYS F 290 -37.79 11.01 33.51
C LYS F 290 -36.29 10.78 33.38
N ASN F 291 -35.58 11.86 33.02
CA ASN F 291 -34.14 11.81 32.86
C ASN F 291 -33.42 12.68 33.88
N GLN F 292 -34.14 13.08 34.92
CA GLN F 292 -33.59 13.95 35.96
C GLN F 292 -32.27 13.42 36.53
N THR F 293 -32.28 12.18 37.00
CA THR F 293 -31.07 11.60 37.60
C THR F 293 -30.01 11.36 36.54
N LYS F 294 -30.42 10.91 35.36
CA LYS F 294 -29.49 10.69 34.27
C LYS F 294 -28.82 11.98 33.79
N LEU F 295 -29.57 13.07 33.79
CA LEU F 295 -29.04 14.35 33.30
C LEU F 295 -28.08 14.99 34.29
N ILE F 296 -28.47 15.02 35.57
CA ILE F 296 -27.62 15.58 36.61
C ILE F 296 -26.31 14.80 36.70
N GLU F 297 -26.40 13.50 36.48
CA GLU F 297 -25.23 12.64 36.50
C GLU F 297 -24.37 12.95 35.27
N PHE F 298 -25.04 13.20 34.14
CA PHE F 298 -24.38 13.46 32.86
C PHE F 298 -23.60 14.77 32.86
N LEU F 299 -24.26 15.86 33.28
CA LEU F 299 -23.66 17.19 33.23
C LEU F 299 -22.59 17.40 34.29
N SER F 300 -22.49 16.46 35.23
CA SER F 300 -21.48 16.53 36.28
C SER F 300 -20.15 16.03 35.76
N LYS F 301 -20.20 15.23 34.69
CA LYS F 301 -19.00 14.70 34.07
C LYS F 301 -18.76 15.36 32.71
N PHE F 302 -19.59 16.34 32.36
CA PHE F 302 -19.56 16.90 31.02
C PHE F 302 -18.47 17.93 30.77
N GLN F 303 -17.51 17.57 29.94
CA GLN F 303 -16.44 18.45 29.49
C GLN F 303 -15.84 19.31 30.60
N ASN F 304 -15.44 18.67 31.69
CA ASN F 304 -14.73 19.37 32.77
C ASN F 304 -13.31 19.70 32.34
N ASP F 305 -12.83 18.97 31.32
CA ASP F 305 -11.52 19.21 30.74
C ASP F 305 -11.42 20.57 30.05
N ARG F 306 -12.55 21.01 29.50
CA ARG F 306 -12.65 22.32 28.85
C ARG F 306 -12.48 23.48 29.83
N ASP F 309 -12.48 28.22 30.81
CA ASP F 309 -13.62 28.73 30.07
C ASP F 309 -14.59 29.40 31.04
N GLU F 310 -14.45 29.05 32.32
CA GLU F 310 -15.27 29.55 33.44
C GLU F 310 -16.76 29.88 33.19
N GLN F 311 -17.08 30.53 32.08
CA GLN F 311 -18.48 30.79 31.74
C GLN F 311 -19.23 29.51 31.44
N PHE F 312 -18.52 28.56 30.87
CA PHE F 312 -19.07 27.25 30.58
C PHE F 312 -19.26 26.48 31.89
N SER F 313 -18.25 26.57 32.75
CA SER F 313 -18.30 25.93 34.06
C SER F 313 -19.45 26.45 34.93
N ASP F 314 -19.69 27.74 34.92
CA ASP F 314 -20.78 28.33 35.70
C ASP F 314 -22.15 27.91 35.19
N GLU F 315 -22.25 27.73 33.87
CA GLU F 315 -23.48 27.29 33.25
C GLU F 315 -23.81 25.86 33.65
N LYS F 316 -22.78 25.01 33.68
CA LYS F 316 -22.92 23.62 34.07
C LYS F 316 -23.40 23.50 35.52
N THR F 317 -22.80 24.29 36.40
CA THR F 317 -23.19 24.30 37.82
C THR F 317 -24.63 24.77 37.99
N TYR F 318 -25.02 25.78 37.22
CA TYR F 318 -26.36 26.35 37.28
C TYR F 318 -27.42 25.39 36.76
N LEU F 319 -27.11 24.70 35.66
CA LEU F 319 -28.03 23.75 35.05
C LEU F 319 -28.28 22.53 35.94
N ILE F 320 -27.22 22.03 36.56
CA ILE F 320 -27.31 20.87 37.45
C ILE F 320 -28.23 21.22 38.63
N LYS F 321 -28.09 22.44 39.13
CA LYS F 321 -29.01 22.96 40.14
C LYS F 321 -30.43 22.97 39.59
N GLN F 322 -30.58 23.40 38.35
CA GLN F 322 -31.89 23.52 37.71
C GLN F 322 -32.63 22.18 37.63
N ILE F 323 -31.96 21.16 37.11
CA ILE F 323 -32.55 19.84 36.96
C ILE F 323 -32.88 19.25 38.33
N ARG F 324 -32.02 19.51 39.30
CA ARG F 324 -32.24 19.13 40.69
C ARG F 324 -33.52 19.73 41.25
N ASP F 325 -33.83 20.95 40.84
CA ASP F 325 -34.93 21.68 41.45
C ASP F 325 -36.21 21.44 40.67
N LEU F 326 -36.17 20.48 39.76
CA LEU F 326 -37.35 20.07 39.01
C LEU F 326 -38.28 19.34 39.99
N LYS F 327 -39.59 19.56 39.87
CA LYS F 327 -40.55 18.91 40.74
C LYS F 327 -41.84 18.61 40.00
N ALA G 4 4.58 -8.48 23.87
CA ALA G 4 4.80 -9.03 22.54
C ALA G 4 4.93 -7.91 21.49
N PRO G 5 5.90 -8.06 20.57
CA PRO G 5 6.25 -7.06 19.55
C PRO G 5 5.09 -6.64 18.67
N ALA G 6 4.30 -7.60 18.17
CA ALA G 6 3.17 -7.29 17.32
C ALA G 6 2.18 -6.41 18.07
N ASP G 7 2.02 -6.69 19.36
CA ASP G 7 1.14 -5.92 20.22
C ASP G 7 1.72 -4.55 20.55
N ILE G 8 3.04 -4.50 20.71
CA ILE G 8 3.72 -3.24 21.02
C ILE G 8 3.57 -2.24 19.88
N VAL G 9 3.80 -2.73 18.66
CA VAL G 9 3.67 -1.92 17.46
C VAL G 9 2.23 -1.44 17.25
N LYS G 10 1.29 -2.36 17.44
CA LYS G 10 -0.12 -2.07 17.19
C LYS G 10 -0.70 -1.06 18.17
N ASN G 11 -0.30 -1.16 19.44
CA ASN G 11 -0.77 -0.23 20.45
C ASN G 11 -0.21 1.16 20.18
N LEU G 12 0.99 1.23 19.66
CA LEU G 12 1.59 2.51 19.31
C LEU G 12 0.89 3.16 18.11
N LYS G 13 0.66 2.40 17.05
CA LYS G 13 -0.08 2.94 15.90
C LYS G 13 -1.46 3.43 16.30
N ASP G 14 -2.21 2.60 17.03
CA ASP G 14 -3.56 2.96 17.44
C ASP G 14 -3.55 4.21 18.32
N ASN G 15 -2.51 4.38 19.12
CA ASN G 15 -2.41 5.54 19.99
C ASN G 15 -1.92 6.77 19.22
N MET G 16 -1.08 6.55 18.22
CA MET G 16 -0.64 7.65 17.37
C MET G 16 -1.83 8.20 16.59
N THR G 17 -2.73 7.31 16.18
CA THR G 17 -3.96 7.71 15.51
C THR G 17 -4.78 8.67 16.37
N ILE G 18 -4.96 8.32 17.64
CA ILE G 18 -5.69 9.17 18.59
C ILE G 18 -5.08 10.57 18.69
N LEU G 19 -3.75 10.64 18.65
CA LEU G 19 -3.05 11.90 18.80
C LEU G 19 -3.25 12.81 17.58
N GLU G 20 -3.57 12.22 16.43
CA GLU G 20 -3.78 13.00 15.22
C GLU G 20 -5.15 13.69 15.30
N LYS G 21 -6.02 13.16 16.15
CA LYS G 21 -7.32 13.77 16.40
C LYS G 21 -7.19 15.00 17.28
N SER G 25 -10.86 15.65 24.16
CA SER G 25 -9.41 15.67 24.16
C SER G 25 -8.87 15.79 25.58
N ASP G 26 -7.79 16.55 25.77
CA ASP G 26 -7.17 16.70 27.08
C ASP G 26 -6.84 15.33 27.66
N LYS G 27 -7.44 15.00 28.79
CA LYS G 27 -7.24 13.71 29.46
C LYS G 27 -7.12 12.49 28.51
N LYS G 28 -7.74 12.57 27.34
CA LYS G 28 -7.58 11.50 26.35
C LYS G 28 -6.27 11.64 25.57
N ALA G 29 -5.74 12.86 25.52
CA ALA G 29 -4.49 13.12 24.81
C ALA G 29 -3.29 12.66 25.64
N GLU G 30 -3.38 12.88 26.94
CA GLU G 30 -2.30 12.51 27.85
C GLU G 30 -2.14 10.99 27.85
N LYS G 31 -3.27 10.28 27.89
CA LYS G 31 -3.25 8.82 27.92
C LYS G 31 -2.71 8.26 26.61
N ALA G 32 -2.92 8.97 25.52
CA ALA G 32 -2.38 8.55 24.24
C ALA G 32 -0.88 8.79 24.25
N SER G 33 -0.50 9.95 24.76
CA SER G 33 0.91 10.28 24.92
C SER G 33 1.60 9.32 25.87
N GLU G 34 0.89 8.96 26.94
CA GLU G 34 1.41 8.00 27.91
C GLU G 34 1.60 6.62 27.30
N GLU G 35 0.67 6.22 26.44
CA GLU G 35 0.76 4.90 25.81
C GLU G 35 1.75 4.92 24.66
N VAL G 36 1.98 6.11 24.11
CA VAL G 36 2.98 6.26 23.06
C VAL G 36 4.38 6.10 23.63
N SER G 37 4.65 6.83 24.71
CA SER G 37 5.95 6.76 25.38
C SER G 37 6.22 5.39 26.01
N LYS G 38 5.21 4.83 26.66
CA LYS G 38 5.33 3.51 27.27
C LYS G 38 5.69 2.42 26.26
N SER G 39 5.17 2.55 25.05
CA SER G 39 5.43 1.57 24.00
C SER G 39 6.82 1.76 23.41
N LEU G 40 7.24 3.02 23.29
CA LEU G 40 8.56 3.33 22.78
C LEU G 40 9.66 2.84 23.73
N LEU G 41 9.39 2.93 25.04
CA LEU G 41 10.34 2.44 26.02
C LEU G 41 10.44 0.92 26.00
N SER G 42 9.31 0.26 25.76
CA SER G 42 9.29 -1.20 25.69
C SER G 42 9.92 -1.65 24.39
N MET G 43 9.87 -0.78 23.39
CA MET G 43 10.46 -1.06 22.09
C MET G 43 11.98 -1.10 22.20
N LYS G 44 12.56 -0.15 22.94
CA LYS G 44 13.99 -0.15 23.18
C LYS G 44 14.40 -1.37 24.01
N GLU G 45 13.57 -1.69 25.00
CA GLU G 45 13.79 -2.86 25.85
C GLU G 45 13.99 -4.12 25.02
N ILE G 46 13.23 -4.25 23.94
CA ILE G 46 13.35 -5.39 23.04
C ILE G 46 14.70 -5.38 22.32
N LEU G 47 15.08 -4.23 21.81
CA LEU G 47 16.32 -4.09 21.04
C LEU G 47 17.57 -4.32 21.86
N TYR G 48 17.52 -3.94 23.14
CA TYR G 48 18.69 -4.02 24.01
C TYR G 48 18.49 -5.06 25.10
N GLY G 49 18.26 -4.59 26.32
CA GLY G 49 18.02 -5.48 27.46
C GLY G 49 16.86 -4.99 28.31
N PRO G 55 19.93 -11.51 24.29
CA PRO G 55 18.51 -11.18 24.47
C PRO G 55 18.07 -9.99 23.62
N GLN G 56 17.10 -10.17 22.72
CA GLN G 56 16.60 -11.49 22.33
C GLN G 56 16.57 -11.52 20.81
N THR G 57 17.31 -12.46 20.22
CA THR G 57 17.60 -12.44 18.79
C THR G 57 16.38 -12.46 17.85
N GLU G 58 15.44 -13.36 18.09
CA GLU G 58 14.31 -13.54 17.16
C GLU G 58 13.27 -12.43 17.26
N ALA G 59 13.15 -11.85 18.45
CA ALA G 59 12.23 -10.74 18.69
C ALA G 59 12.58 -9.45 17.92
N VAL G 60 13.87 -9.17 17.78
CA VAL G 60 14.30 -7.98 17.05
C VAL G 60 13.95 -8.10 15.57
N ALA G 61 14.11 -9.30 15.02
CA ALA G 61 13.71 -9.53 13.64
C ALA G 61 12.20 -9.38 13.52
N GLN G 62 11.49 -9.73 14.60
CA GLN G 62 10.04 -9.63 14.62
C GLN G 62 9.57 -8.19 14.75
N LEU G 63 10.19 -7.43 15.65
CA LEU G 63 9.86 -6.01 15.83
C LEU G 63 10.09 -5.21 14.56
N ALA G 64 11.24 -5.42 13.94
CA ALA G 64 11.57 -4.78 12.67
C ALA G 64 10.51 -5.06 11.63
N GLN G 65 10.13 -6.33 11.52
CA GLN G 65 9.15 -6.74 10.53
C GLN G 65 7.81 -6.04 10.77
N GLU G 66 7.41 -5.95 12.04
CA GLU G 66 6.15 -5.32 12.38
C GLU G 66 6.20 -3.81 12.14
N LEU G 67 7.38 -3.21 12.32
CA LEU G 67 7.55 -1.79 12.06
C LEU G 67 7.40 -1.51 10.56
N TYR G 68 7.86 -2.43 9.73
CA TYR G 68 7.68 -2.32 8.29
C TYR G 68 6.19 -2.40 7.92
N ASN G 69 5.53 -3.46 8.38
CA ASN G 69 4.15 -3.76 8.00
C ASN G 69 3.15 -2.69 8.44
N SER G 70 3.37 -2.12 9.62
CA SER G 70 2.45 -1.16 10.22
C SER G 70 2.54 0.24 9.62
N GLY G 71 3.59 0.49 8.84
CA GLY G 71 3.83 1.82 8.30
C GLY G 71 4.16 2.82 9.40
N LEU G 72 4.50 2.29 10.57
CA LEU G 72 4.70 3.11 11.76
C LEU G 72 6.00 3.92 11.61
N LEU G 73 6.91 3.42 10.79
CA LEU G 73 8.16 4.11 10.50
C LEU G 73 7.88 5.45 9.81
N SER G 74 6.85 5.47 8.96
CA SER G 74 6.44 6.70 8.30
C SER G 74 5.58 7.56 9.24
N THR G 75 4.73 6.89 10.02
CA THR G 75 3.84 7.57 10.96
C THR G 75 4.60 8.27 12.08
N LEU G 76 5.58 7.59 12.67
CA LEU G 76 6.36 8.16 13.76
C LEU G 76 7.13 9.40 13.29
N VAL G 77 7.46 9.43 12.01
CA VAL G 77 8.14 10.58 11.42
C VAL G 77 7.16 11.69 11.06
N ALA G 78 6.00 11.31 10.54
CA ALA G 78 5.02 12.29 10.10
C ALA G 78 4.37 13.02 11.28
N ASP G 79 4.20 12.30 12.38
CA ASP G 79 3.56 12.87 13.57
C ASP G 79 4.55 13.12 14.69
N LEU G 80 5.80 13.39 14.34
CA LEU G 80 6.87 13.57 15.32
C LEU G 80 6.62 14.74 16.26
N GLN G 81 5.95 15.78 15.76
CA GLN G 81 5.68 16.98 16.55
C GLN G 81 4.69 16.71 17.68
N LEU G 82 4.05 15.53 17.63
CA LEU G 82 3.03 15.16 18.60
C LEU G 82 3.59 14.38 19.77
N ILE G 83 4.85 13.97 19.66
CA ILE G 83 5.48 13.14 20.68
C ILE G 83 6.26 14.01 21.65
N ASP G 84 6.39 13.56 22.88
CA ASP G 84 7.06 14.35 23.91
C ASP G 84 8.55 14.47 23.63
N PHE G 85 9.22 15.30 24.41
CA PHE G 85 10.63 15.61 24.17
C PHE G 85 11.52 14.36 24.11
N GLU G 86 11.48 13.56 25.17
CA GLU G 86 12.29 12.35 25.25
C GLU G 86 11.83 11.30 24.25
N GLY G 87 10.57 11.37 23.85
CA GLY G 87 10.00 10.45 22.89
C GLY G 87 10.56 10.66 21.49
N LYS G 88 10.73 11.92 21.10
CA LYS G 88 11.32 12.26 19.81
C LYS G 88 12.68 11.60 19.63
N LYS G 89 13.47 11.57 20.69
CA LYS G 89 14.79 10.97 20.65
C LYS G 89 14.67 9.46 20.62
N ASP G 90 13.60 8.94 21.23
CA ASP G 90 13.33 7.51 21.23
C ASP G 90 12.93 7.01 19.85
N VAL G 91 12.16 7.81 19.13
CA VAL G 91 11.80 7.48 17.76
C VAL G 91 13.07 7.47 16.91
N ALA G 92 13.91 8.48 17.13
CA ALA G 92 15.17 8.61 16.42
C ALA G 92 16.12 7.43 16.68
N GLN G 93 16.24 7.04 17.94
CA GLN G 93 17.13 5.95 18.33
C GLN G 93 16.65 4.61 17.75
N ILE G 94 15.35 4.33 17.88
CA ILE G 94 14.77 3.10 17.36
C ILE G 94 14.90 3.01 15.84
N PHE G 95 14.47 4.08 15.17
CA PHE G 95 14.60 4.21 13.72
C PHE G 95 16.02 3.87 13.29
N ASN G 96 16.99 4.51 13.92
CA ASN G 96 18.40 4.36 13.54
C ASN G 96 18.95 2.97 13.85
N ASP G 97 18.38 2.30 14.85
CA ASP G 97 18.76 0.93 15.17
C ASP G 97 18.28 -0.02 14.07
N ILE G 98 16.98 0.05 13.79
CA ILE G 98 16.35 -0.78 12.78
C ILE G 98 16.97 -0.54 11.40
N LEU G 99 17.42 0.71 11.20
CA LEU G 99 18.05 1.13 9.96
C LEU G 99 19.35 0.36 9.69
N ARG G 100 20.06 0.00 10.75
CA ARG G 100 21.36 -0.66 10.64
C ARG G 100 21.23 -2.18 10.58
N ARG G 101 20.00 -2.68 10.70
CA ARG G 101 19.74 -4.11 10.72
C ARG G 101 20.21 -4.81 9.45
N GLN G 102 20.85 -5.96 9.61
CA GLN G 102 21.36 -6.73 8.48
C GLN G 102 20.85 -8.17 8.43
N ILE G 103 20.63 -8.67 7.23
CA ILE G 103 20.40 -10.09 7.00
C ILE G 103 21.43 -10.54 5.96
N GLY G 104 22.59 -10.94 6.45
CA GLY G 104 23.70 -11.25 5.57
C GLY G 104 24.20 -9.95 4.97
N THR G 105 24.39 -9.95 3.66
CA THR G 105 24.83 -8.76 2.95
C THR G 105 23.64 -7.88 2.57
N ARG G 106 22.51 -8.13 3.22
CA ARG G 106 21.29 -7.36 2.94
C ARG G 106 20.97 -6.41 4.09
N THR G 107 20.45 -5.24 3.76
CA THR G 107 19.98 -4.28 4.75
C THR G 107 18.51 -3.96 4.46
N PRO G 108 17.60 -4.79 5.00
CA PRO G 108 16.15 -4.81 4.76
C PRO G 108 15.47 -3.46 4.88
N THR G 109 15.82 -2.68 5.89
CA THR G 109 15.19 -1.38 6.14
C THR G 109 15.46 -0.41 5.00
N VAL G 110 16.65 -0.49 4.43
CA VAL G 110 17.00 0.35 3.29
C VAL G 110 16.12 -0.02 2.10
N GLU G 111 15.92 -1.32 1.90
CA GLU G 111 15.04 -1.82 0.84
C GLU G 111 13.61 -1.33 1.03
N TYR G 112 13.18 -1.31 2.29
CA TYR G 112 11.84 -0.85 2.64
C TYR G 112 11.68 0.64 2.38
N LEU G 113 12.67 1.43 2.80
CA LEU G 113 12.59 2.88 2.67
C LEU G 113 12.56 3.33 1.21
N CYS G 114 13.04 2.46 0.32
CA CYS G 114 13.04 2.74 -1.11
C CYS G 114 11.62 2.64 -1.66
N THR G 115 10.77 1.90 -0.94
CA THR G 115 9.37 1.79 -1.31
C THR G 115 8.55 2.74 -0.45
N GLN G 116 9.23 3.42 0.46
CA GLN G 116 8.57 4.29 1.42
C GLN G 116 9.32 5.61 1.50
N GLN G 117 9.49 6.27 0.35
CA GLN G 117 10.43 7.39 0.25
C GLN G 117 9.94 8.70 0.86
N ASN G 118 8.65 8.80 1.15
CA ASN G 118 8.15 10.04 1.74
C ASN G 118 8.78 10.23 3.12
N ILE G 119 9.23 9.14 3.71
CA ILE G 119 9.96 9.16 4.97
C ILE G 119 11.19 10.05 4.86
N LEU G 120 11.94 9.87 3.78
CA LEU G 120 13.13 10.68 3.54
C LEU G 120 12.81 12.15 3.25
N PHE G 121 11.78 12.39 2.44
CA PHE G 121 11.47 13.76 2.05
C PHE G 121 10.90 14.61 3.20
N MET G 122 10.15 14.00 4.11
CA MET G 122 9.62 14.74 5.26
C MET G 122 10.55 14.67 6.48
N LEU G 123 11.82 14.35 6.24
CA LEU G 123 12.85 14.38 7.29
C LEU G 123 13.75 15.57 7.00
N LEU G 124 13.98 15.81 5.71
CA LEU G 124 14.75 16.93 5.24
C LEU G 124 13.94 18.20 5.49
N LYS G 125 12.63 18.12 5.27
CA LYS G 125 11.73 19.24 5.52
C LYS G 125 11.54 19.49 7.01
N GLY G 126 11.91 18.52 7.83
CA GLY G 126 11.82 18.66 9.28
C GLY G 126 12.72 19.76 9.81
N TYR G 127 13.65 20.21 8.97
CA TYR G 127 14.56 21.29 9.31
C TYR G 127 13.85 22.62 9.45
N GLU G 128 12.59 22.67 8.99
CA GLU G 128 11.81 23.89 9.05
C GLU G 128 10.94 23.94 10.31
N SER G 129 11.15 22.97 11.19
CA SER G 129 10.43 22.92 12.47
C SER G 129 11.41 22.68 13.62
N PRO G 130 11.82 23.78 14.29
CA PRO G 130 12.85 23.78 15.35
C PRO G 130 12.57 22.76 16.45
N ASP G 131 11.31 22.37 16.63
CA ASP G 131 10.94 21.42 17.67
C ASP G 131 11.34 19.99 17.30
N ILE G 132 11.62 19.75 16.02
CA ILE G 132 11.94 18.41 15.54
C ILE G 132 13.14 18.36 14.58
N ALA G 133 13.69 19.51 14.25
CA ALA G 133 14.78 19.60 13.26
C ALA G 133 15.98 18.70 13.54
N LEU G 134 16.55 18.77 14.75
CA LEU G 134 17.74 17.98 15.07
C LEU G 134 17.51 16.47 14.98
N ASN G 135 16.33 16.02 15.39
CA ASN G 135 15.99 14.62 15.33
C ASN G 135 15.89 14.11 13.91
N CYS G 136 15.17 14.85 13.08
CA CYS G 136 15.03 14.51 11.67
C CYS G 136 16.40 14.48 11.01
N GLY G 137 17.22 15.47 11.32
CA GLY G 137 18.57 15.53 10.82
C GLY G 137 19.42 14.34 11.22
N ILE G 138 19.25 13.90 12.47
CA ILE G 138 20.00 12.76 12.99
C ILE G 138 19.64 11.48 12.25
N MET G 139 18.35 11.26 12.03
CA MET G 139 17.87 10.09 11.31
C MET G 139 18.26 10.18 9.84
N LEU G 140 18.25 11.41 9.30
CA LEU G 140 18.59 11.64 7.91
C LEU G 140 20.06 11.28 7.61
N ARG G 141 20.95 11.60 8.54
CA ARG G 141 22.36 11.26 8.37
C ARG G 141 22.59 9.75 8.43
N GLU G 142 21.78 9.06 9.23
CA GLU G 142 21.89 7.61 9.28
C GLU G 142 21.33 6.96 8.01
N CYS G 143 20.28 7.55 7.44
CA CYS G 143 19.74 7.05 6.18
C CYS G 143 20.76 7.15 5.06
N ILE G 144 21.35 8.33 4.88
CA ILE G 144 22.23 8.59 3.75
C ILE G 144 23.59 7.89 3.85
N ARG G 145 23.83 7.21 4.97
CA ARG G 145 24.99 6.33 5.06
C ARG G 145 24.87 5.27 3.98
N HIS G 146 23.63 4.91 3.67
CA HIS G 146 23.33 3.95 2.62
C HIS G 146 23.10 4.68 1.31
N GLU G 147 23.73 4.20 0.24
CA GLU G 147 23.69 4.92 -1.05
C GLU G 147 22.30 5.10 -1.67
N PRO G 148 21.45 4.06 -1.67
CA PRO G 148 20.14 4.28 -2.29
C PRO G 148 19.35 5.39 -1.61
N LEU G 149 19.53 5.51 -0.29
CA LEU G 149 18.87 6.56 0.46
C LEU G 149 19.54 7.90 0.17
N ALA G 150 20.85 7.88 -0.05
CA ALA G 150 21.58 9.09 -0.41
C ALA G 150 21.17 9.62 -1.79
N LYS G 151 20.95 8.72 -2.74
CA LYS G 151 20.50 9.13 -4.07
C LYS G 151 19.18 9.88 -4.01
N ILE G 152 18.19 9.25 -3.38
CA ILE G 152 16.85 9.81 -3.25
C ILE G 152 16.90 11.22 -2.66
N THR G 153 17.71 11.38 -1.61
CA THR G 153 17.85 12.66 -0.94
C THR G 153 18.56 13.67 -1.82
N LEU G 154 19.74 13.30 -2.32
CA LEU G 154 20.57 14.19 -3.13
C LEU G 154 19.93 14.62 -4.45
N CYS G 155 19.21 13.72 -5.11
CA CYS G 155 18.74 13.98 -6.46
C CYS G 155 17.34 14.60 -6.49
N SER G 156 16.72 14.72 -5.32
CA SER G 156 15.45 15.41 -5.23
C SER G 156 15.67 16.91 -5.34
N GLU G 157 14.63 17.63 -5.76
CA GLU G 157 14.71 19.09 -5.89
C GLU G 157 14.88 19.77 -4.54
N GLN G 158 14.43 19.08 -3.51
CA GLN G 158 14.40 19.62 -2.15
C GLN G 158 15.75 19.54 -1.48
N PHE G 159 16.72 18.94 -2.16
CA PHE G 159 18.10 18.97 -1.72
C PHE G 159 18.57 20.42 -1.56
N TYR G 160 18.10 21.29 -2.46
CA TYR G 160 18.50 22.68 -2.46
C TYR G 160 17.95 23.48 -1.27
N ASP G 161 17.02 22.87 -0.54
CA ASP G 161 16.53 23.49 0.70
C ASP G 161 17.67 23.59 1.71
N PHE G 162 18.67 22.73 1.56
CA PHE G 162 19.84 22.71 2.44
C PHE G 162 20.55 24.06 2.45
N PHE G 163 20.63 24.69 1.29
CA PHE G 163 21.24 26.00 1.15
C PHE G 163 20.56 27.03 2.04
N ARG G 164 19.25 26.88 2.21
CA ARG G 164 18.49 27.74 3.10
C ARG G 164 18.70 27.32 4.56
N TYR G 165 18.77 26.02 4.78
CA TYR G 165 18.85 25.46 6.13
C TYR G 165 20.18 25.77 6.82
N VAL G 166 21.24 25.90 6.02
CA VAL G 166 22.58 26.12 6.58
C VAL G 166 22.81 27.60 6.90
N GLU G 167 22.00 28.47 6.32
CA GLU G 167 22.13 29.90 6.54
C GLU G 167 21.29 30.36 7.73
N THR G 170 19.44 30.33 13.75
CA THR G 170 19.77 29.25 14.67
C THR G 170 21.02 28.50 14.21
N PHE G 171 22.16 28.84 14.80
CA PHE G 171 23.45 28.36 14.32
C PHE G 171 23.78 26.91 14.70
N ASP G 172 22.90 26.25 15.45
CA ASP G 172 23.10 24.85 15.79
C ASP G 172 22.25 23.89 14.94
N ILE G 173 21.06 24.35 14.53
CA ILE G 173 20.26 23.56 13.60
C ILE G 173 20.99 23.60 12.26
N ALA G 174 21.41 24.80 11.88
CA ALA G 174 22.17 25.01 10.65
C ALA G 174 23.45 24.19 10.65
N SER G 175 24.12 24.12 11.80
CA SER G 175 25.34 23.35 11.92
C SER G 175 25.08 21.87 11.69
N ASP G 176 23.90 21.41 12.07
CA ASP G 176 23.51 20.02 11.86
C ASP G 176 23.13 19.82 10.41
N ALA G 177 22.42 20.78 9.85
CA ALA G 177 22.04 20.72 8.45
C ALA G 177 23.28 20.69 7.56
N PHE G 178 24.33 21.38 7.97
CA PHE G 178 25.55 21.38 7.16
C PHE G 178 26.26 20.04 7.26
N ALA G 179 26.16 19.39 8.43
CA ALA G 179 26.78 18.08 8.60
C ALA G 179 26.19 17.06 7.64
N THR G 180 24.88 17.16 7.44
CA THR G 180 24.16 16.26 6.55
C THR G 180 24.44 16.67 5.10
N PHE G 181 24.33 17.98 4.85
CA PHE G 181 24.73 18.58 3.58
C PHE G 181 26.12 18.15 3.16
N LYS G 182 27.07 18.26 4.10
CA LYS G 182 28.45 17.88 3.84
C LYS G 182 28.60 16.39 3.58
N ASP G 183 27.85 15.59 4.33
CA ASP G 183 27.94 14.13 4.19
C ASP G 183 27.46 13.66 2.83
N LEU G 184 26.32 14.18 2.39
CA LEU G 184 25.77 13.85 1.07
C LEU G 184 26.75 14.10 -0.07
N LEU G 185 27.56 15.15 0.06
CA LEU G 185 28.47 15.54 -0.99
C LEU G 185 29.82 14.82 -0.93
N THR G 186 30.06 14.04 0.12
CA THR G 186 31.38 13.44 0.29
C THR G 186 31.43 11.92 0.51
N ARG G 187 30.41 11.35 1.14
CA ARG G 187 30.48 9.92 1.49
C ARG G 187 30.47 8.99 0.27
N HIS G 188 29.49 9.14 -0.61
CA HIS G 188 29.41 8.32 -1.82
C HIS G 188 29.99 9.08 -3.03
N LYS G 189 31.27 8.85 -3.30
CA LYS G 189 32.01 9.63 -4.29
C LYS G 189 31.43 9.67 -5.71
N VAL G 190 31.15 8.49 -6.26
CA VAL G 190 30.65 8.40 -7.63
C VAL G 190 29.26 9.02 -7.75
N LEU G 191 28.40 8.73 -6.78
CA LEU G 191 27.08 9.34 -6.74
C LEU G 191 27.20 10.86 -6.68
N SER G 192 28.01 11.34 -5.75
CA SER G 192 28.22 12.78 -5.57
C SER G 192 28.86 13.44 -6.79
N ALA G 193 29.77 12.73 -7.44
CA ALA G 193 30.49 13.30 -8.57
C ALA G 193 29.60 13.41 -9.79
N GLU G 194 28.75 12.41 -9.99
CA GLU G 194 27.81 12.42 -11.11
C GLU G 194 26.86 13.59 -10.96
N PHE G 195 26.44 13.82 -9.72
CA PHE G 195 25.53 14.91 -9.41
C PHE G 195 26.14 16.26 -9.79
N LEU G 196 27.40 16.44 -9.41
CA LEU G 196 28.08 17.72 -9.64
C LEU G 196 28.33 17.99 -11.13
N GLU G 197 28.70 16.95 -11.87
CA GLU G 197 28.91 17.10 -13.31
C GLU G 197 27.59 17.45 -13.97
N GLN G 198 26.56 16.74 -13.57
CA GLN G 198 25.24 16.89 -14.16
C GLN G 198 24.63 18.23 -13.76
N HIS G 199 24.96 18.67 -12.56
CA HIS G 199 24.36 19.89 -12.02
C HIS G 199 25.34 20.98 -11.59
N TYR G 200 26.46 21.12 -12.31
CA TYR G 200 27.47 22.13 -11.98
C TYR G 200 26.89 23.53 -11.81
N ASP G 201 26.40 24.10 -12.91
CA ASP G 201 25.97 25.49 -12.94
C ASP G 201 25.02 25.89 -11.83
N ARG G 202 24.07 25.02 -11.50
CA ARG G 202 23.10 25.38 -10.47
C ARG G 202 23.68 25.25 -9.07
N PHE G 203 24.40 24.17 -8.83
CA PHE G 203 24.98 23.90 -7.52
C PHE G 203 25.95 25.01 -7.12
N PHE G 204 26.88 25.33 -8.00
CA PHE G 204 27.92 26.31 -7.67
C PHE G 204 27.41 27.75 -7.73
N SER G 205 26.32 27.99 -8.45
CA SER G 205 25.65 29.29 -8.40
C SER G 205 25.00 29.49 -7.05
N GLU G 206 24.54 28.39 -6.45
CA GLU G 206 23.97 28.42 -5.11
C GLU G 206 25.07 28.35 -4.06
N TYR G 207 26.18 27.71 -4.42
CA TYR G 207 27.28 27.54 -3.49
C TYR G 207 28.05 28.83 -3.29
N GLU G 208 28.14 29.63 -4.34
CA GLU G 208 28.81 30.93 -4.27
C GLU G 208 28.21 31.82 -3.19
N LYS G 209 26.89 31.78 -3.08
CA LYS G 209 26.18 32.57 -2.09
C LYS G 209 26.55 32.15 -0.67
N LEU G 210 26.87 30.87 -0.50
CA LEU G 210 27.26 30.34 0.81
C LEU G 210 28.62 30.89 1.22
N LEU G 211 29.43 31.26 0.23
CA LEU G 211 30.77 31.77 0.49
C LEU G 211 30.73 33.26 0.81
N HIS G 212 29.52 33.82 0.82
CA HIS G 212 29.32 35.22 1.16
C HIS G 212 28.47 35.34 2.41
N SER G 213 28.46 34.27 3.20
CA SER G 213 27.60 34.16 4.38
C SER G 213 27.86 35.26 5.40
N GLU G 214 26.80 35.75 6.03
CA GLU G 214 26.93 36.67 7.14
C GLU G 214 27.47 35.89 8.34
N ASN G 215 27.00 34.66 8.47
CA ASN G 215 27.50 33.75 9.50
C ASN G 215 28.90 33.25 9.14
N TYR G 216 29.85 33.51 10.03
CA TYR G 216 31.25 33.14 9.82
C TYR G 216 31.50 31.64 9.71
N VAL G 217 30.91 30.87 10.61
CA VAL G 217 31.13 29.42 10.66
C VAL G 217 30.77 28.75 9.32
N THR G 218 29.70 29.23 8.71
CA THR G 218 29.23 28.69 7.44
C THR G 218 30.19 29.00 6.31
N LYS G 219 30.80 30.18 6.36
CA LYS G 219 31.76 30.61 5.36
C LYS G 219 32.99 29.69 5.35
N ARG G 220 33.51 29.42 6.53
CA ARG G 220 34.67 28.54 6.69
C ARG G 220 34.39 27.11 6.25
N GLN G 221 33.28 26.56 6.74
CA GLN G 221 32.93 25.16 6.47
C GLN G 221 32.63 24.90 4.99
N SER G 222 32.09 25.90 4.31
CA SER G 222 31.86 25.80 2.88
C SER G 222 33.17 25.81 2.12
N LEU G 223 34.07 26.70 2.55
CA LEU G 223 35.38 26.86 1.95
C LEU G 223 36.21 25.59 2.12
N LYS G 224 36.21 25.06 3.34
CA LYS G 224 36.93 23.84 3.68
C LYS G 224 36.41 22.65 2.89
N LEU G 225 35.09 22.62 2.69
CA LEU G 225 34.46 21.55 1.93
C LEU G 225 34.81 21.65 0.47
N LEU G 226 34.81 22.88 -0.04
CA LEU G 226 35.13 23.14 -1.43
C LEU G 226 36.49 22.59 -1.80
N GLY G 227 37.47 22.83 -0.93
CA GLY G 227 38.82 22.33 -1.13
C GLY G 227 38.85 20.82 -1.19
N GLU G 228 38.18 20.19 -0.22
CA GLU G 228 38.10 18.73 -0.16
C GLU G 228 37.39 18.15 -1.38
N LEU G 229 36.38 18.84 -1.87
CA LEU G 229 35.66 18.40 -3.07
C LEU G 229 36.58 18.43 -4.29
N LEU G 230 37.33 19.51 -4.43
CA LEU G 230 38.24 19.71 -5.56
C LEU G 230 39.40 18.73 -5.55
N LEU G 231 39.65 18.10 -4.41
CA LEU G 231 40.79 17.23 -4.24
C LEU G 231 40.52 15.79 -4.69
N ASP G 232 39.28 15.37 -4.61
CA ASP G 232 38.92 13.99 -4.92
C ASP G 232 38.95 13.73 -6.42
N ARG G 233 39.44 12.56 -6.81
CA ARG G 233 39.55 12.18 -8.22
C ARG G 233 38.21 12.35 -8.92
N HIS G 234 37.29 11.42 -8.70
CA HIS G 234 35.89 11.49 -9.16
C HIS G 234 35.37 12.88 -9.58
N ASN G 235 35.89 13.93 -8.95
CA ASN G 235 35.42 15.29 -9.22
C ASN G 235 36.35 16.06 -10.16
N PHE G 236 37.22 15.35 -10.86
CA PHE G 236 38.24 16.00 -11.70
C PHE G 236 37.60 16.96 -12.70
N THR G 237 36.54 16.50 -13.36
CA THR G 237 35.83 17.31 -14.35
C THR G 237 35.23 18.54 -13.67
N ILE G 238 34.95 18.41 -12.38
CA ILE G 238 34.34 19.50 -11.61
C ILE G 238 35.40 20.51 -11.17
N MET G 239 36.58 20.00 -10.82
CA MET G 239 37.66 20.86 -10.38
C MET G 239 38.24 21.69 -11.53
N THR G 240 38.44 21.05 -12.68
CA THR G 240 38.97 21.71 -13.87
C THR G 240 38.09 22.87 -14.31
N LYS G 241 36.79 22.62 -14.37
CA LYS G 241 35.83 23.65 -14.76
C LYS G 241 35.82 24.80 -13.76
N TYR G 242 35.97 24.46 -12.48
CA TYR G 242 35.93 25.46 -11.42
C TYR G 242 37.09 26.44 -11.50
N ILE G 243 38.31 25.90 -11.57
CA ILE G 243 39.51 26.72 -11.56
C ILE G 243 39.83 27.24 -12.95
N SER G 244 38.80 27.31 -13.80
CA SER G 244 38.93 27.87 -15.12
C SER G 244 38.20 29.21 -15.22
N LYS G 245 37.46 29.57 -14.17
CA LYS G 245 36.70 30.82 -14.15
C LYS G 245 37.39 31.89 -13.33
N PRO G 246 37.63 33.06 -13.95
CA PRO G 246 38.28 34.23 -13.35
C PRO G 246 37.65 34.69 -12.04
N GLU G 247 36.32 34.73 -11.98
CA GLU G 247 35.60 35.25 -10.83
C GLU G 247 35.78 34.41 -9.58
N ASN G 248 35.97 33.11 -9.76
CA ASN G 248 36.19 32.23 -8.64
C ASN G 248 37.58 32.44 -8.07
N LEU G 249 38.55 32.64 -8.96
CA LEU G 249 39.91 32.98 -8.57
C LEU G 249 39.92 34.33 -7.87
N LYS G 250 39.19 35.28 -8.43
CA LYS G 250 39.07 36.63 -7.89
C LYS G 250 38.50 36.58 -6.48
N LEU G 251 37.67 35.58 -6.23
CA LEU G 251 37.04 35.40 -4.94
C LEU G 251 38.01 34.78 -3.92
N MET G 252 38.82 33.83 -4.36
CA MET G 252 39.75 33.17 -3.45
C MET G 252 40.91 34.08 -3.06
N MET G 253 41.36 34.92 -3.98
CA MET G 253 42.42 35.87 -3.68
C MET G 253 41.93 36.95 -2.73
N ASN G 254 40.63 37.22 -2.74
CA ASN G 254 40.06 38.24 -1.89
C ASN G 254 39.87 37.68 -0.48
N LEU G 255 39.62 36.38 -0.41
CA LEU G 255 39.45 35.68 0.85
C LEU G 255 40.80 35.38 1.49
N LEU G 256 41.87 35.53 0.70
CA LEU G 256 43.23 35.41 1.21
C LEU G 256 43.59 36.57 2.12
N ARG G 257 43.03 37.73 1.82
CA ARG G 257 43.31 38.95 2.56
C ARG G 257 42.22 39.22 3.58
N ASP G 258 41.42 38.18 3.85
CA ASP G 258 40.29 38.29 4.76
C ASP G 258 40.75 38.63 6.18
N LYS G 259 39.85 39.24 6.95
CA LYS G 259 40.16 39.61 8.33
C LYS G 259 40.44 38.40 9.20
N SER G 260 39.74 37.30 8.92
CA SER G 260 39.84 36.09 9.74
C SER G 260 41.00 35.21 9.31
N ARG G 261 41.86 34.87 10.25
CA ARG G 261 42.99 33.98 9.99
C ARG G 261 42.52 32.65 9.41
N ASN G 262 41.37 32.17 9.90
CA ASN G 262 40.84 30.88 9.46
C ASN G 262 40.20 30.90 8.09
N ILE G 263 39.57 32.00 7.71
CA ILE G 263 38.99 32.10 6.37
C ILE G 263 40.10 32.14 5.33
N GLN G 264 41.14 32.92 5.60
CA GLN G 264 42.32 32.98 4.77
C GLN G 264 42.90 31.59 4.54
N PHE G 265 42.99 30.83 5.62
CA PHE G 265 43.62 29.52 5.61
C PHE G 265 42.88 28.48 4.77
N GLU G 266 41.55 28.47 4.87
CA GLU G 266 40.76 27.52 4.10
C GLU G 266 40.73 27.96 2.65
N ALA G 267 40.73 29.28 2.43
CA ALA G 267 40.77 29.86 1.11
C ALA G 267 42.06 29.46 0.38
N PHE G 268 43.14 29.35 1.16
CA PHE G 268 44.44 28.93 0.63
C PHE G 268 44.34 27.59 -0.08
N HIS G 269 43.60 26.66 0.53
CA HIS G 269 43.53 25.29 0.02
C HIS G 269 42.61 25.16 -1.18
N VAL G 270 41.85 26.21 -1.47
CA VAL G 270 41.10 26.28 -2.71
C VAL G 270 41.97 27.02 -3.71
N PHE G 271 42.54 28.14 -3.28
CA PHE G 271 43.46 28.93 -4.10
C PHE G 271 44.63 28.13 -4.65
N LYS G 272 45.23 27.29 -3.81
CA LYS G 272 46.38 26.46 -4.20
C LYS G 272 46.09 25.59 -5.42
N VAL G 273 44.82 25.22 -5.58
CA VAL G 273 44.40 24.34 -6.66
C VAL G 273 44.48 25.06 -8.00
N PHE G 274 44.23 26.37 -7.98
CA PHE G 274 44.32 27.20 -9.18
C PHE G 274 45.72 27.19 -9.76
N VAL G 275 46.72 27.19 -8.89
CA VAL G 275 48.12 27.30 -9.30
C VAL G 275 48.69 25.95 -9.74
N ALA G 276 48.35 24.89 -9.01
CA ALA G 276 48.85 23.57 -9.34
C ALA G 276 48.30 23.02 -10.65
N ASN G 277 47.38 23.76 -11.27
CA ASN G 277 46.84 23.39 -12.58
C ASN G 277 47.87 23.58 -13.69
N PRO G 278 48.25 22.48 -14.36
CA PRO G 278 49.21 22.57 -15.46
C PRO G 278 48.65 23.25 -16.71
N ASN G 279 47.41 22.94 -17.05
CA ASN G 279 46.78 23.48 -18.26
C ASN G 279 45.81 24.62 -17.96
N LYS G 280 46.34 25.72 -17.42
CA LYS G 280 45.55 26.90 -17.11
C LYS G 280 44.98 27.56 -18.36
N THR G 281 43.83 28.21 -18.21
CA THR G 281 43.28 28.98 -19.31
C THR G 281 43.97 30.34 -19.30
N PRO G 282 44.11 30.97 -20.48
CA PRO G 282 44.72 32.30 -20.59
C PRO G 282 44.25 33.33 -19.55
N PRO G 283 42.92 33.47 -19.30
CA PRO G 283 42.61 34.52 -18.33
C PRO G 283 43.02 34.18 -16.90
N ILE G 284 43.21 32.90 -16.59
CA ILE G 284 43.68 32.53 -15.26
C ILE G 284 45.18 32.82 -15.16
N LEU G 285 45.92 32.36 -16.17
CA LEU G 285 47.36 32.61 -16.24
C LEU G 285 47.64 34.11 -16.24
N ASP G 286 46.86 34.86 -17.02
CA ASP G 286 47.03 36.29 -17.13
C ASP G 286 46.78 36.98 -15.78
N ILE G 287 45.74 36.54 -15.08
CA ILE G 287 45.40 37.11 -13.78
C ILE G 287 46.48 36.80 -12.75
N LEU G 288 47.04 35.60 -12.82
CA LEU G 288 48.12 35.22 -11.92
C LEU G 288 49.42 35.98 -12.23
N LEU G 289 49.70 36.17 -13.51
CA LEU G 289 50.87 36.94 -13.94
C LEU G 289 50.84 38.38 -13.43
N LYS G 290 49.71 39.06 -13.62
CA LYS G 290 49.56 40.44 -13.17
C LYS G 290 49.74 40.60 -11.66
N ASN G 291 49.53 39.51 -10.92
CA ASN G 291 49.64 39.54 -9.47
C ASN G 291 50.77 38.66 -8.96
N GLN G 292 51.66 38.25 -9.87
CA GLN G 292 52.78 37.38 -9.55
C GLN G 292 53.59 37.89 -8.37
N THR G 293 54.05 39.14 -8.46
CA THR G 293 54.88 39.73 -7.41
C THR G 293 54.05 39.96 -6.15
N LYS G 294 52.80 40.37 -6.32
CA LYS G 294 51.91 40.59 -5.19
C LYS G 294 51.66 39.31 -4.40
N LEU G 295 51.52 38.19 -5.11
CA LEU G 295 51.24 36.90 -4.47
C LEU G 295 52.47 36.31 -3.81
N ILE G 296 53.60 36.38 -4.52
CA ILE G 296 54.87 35.88 -4.02
C ILE G 296 55.22 36.58 -2.72
N GLU G 297 54.89 37.87 -2.67
CA GLU G 297 55.12 38.70 -1.50
C GLU G 297 54.18 38.29 -0.36
N PHE G 298 52.94 38.00 -0.71
CA PHE G 298 51.90 37.68 0.27
C PHE G 298 52.17 36.35 0.95
N LEU G 299 52.43 35.31 0.15
CA LEU G 299 52.56 33.95 0.68
C LEU G 299 53.86 33.75 1.46
N SER G 300 54.77 34.69 1.35
CA SER G 300 56.02 34.64 2.11
C SER G 300 55.78 35.18 3.51
N LYS G 301 54.75 36.01 3.64
CA LYS G 301 54.36 36.55 4.93
C LYS G 301 53.04 35.93 5.39
N PHE G 302 52.55 34.97 4.60
CA PHE G 302 51.26 34.34 4.87
C PHE G 302 51.38 33.24 5.91
N GLN G 303 50.81 33.50 7.08
CA GLN G 303 50.76 32.56 8.19
C GLN G 303 52.03 31.76 8.46
N ASN G 304 53.14 32.46 8.58
CA ASN G 304 54.35 31.87 9.13
C ASN G 304 54.07 31.71 10.61
N ASP G 305 53.04 32.43 11.07
CA ASP G 305 52.57 32.38 12.44
C ASP G 305 52.08 30.99 12.81
N ARG G 306 51.41 30.34 11.87
CA ARG G 306 50.97 28.97 12.06
C ARG G 306 52.16 28.04 12.01
N ALA G 307 52.65 27.81 10.79
CA ALA G 307 53.77 26.91 10.54
C ALA G 307 53.54 25.59 11.26
N GLU G 308 54.63 24.99 11.73
CA GLU G 308 54.58 23.77 12.54
C GLU G 308 53.88 22.57 11.89
N ASP G 309 52.98 22.83 10.94
CA ASP G 309 52.27 21.76 10.25
C ASP G 309 53.25 21.09 9.28
N GLU G 310 54.35 21.79 9.03
CA GLU G 310 55.43 21.36 8.13
C GLU G 310 54.96 20.57 6.91
N PHE G 312 51.84 21.69 5.46
CA PHE G 312 51.42 23.03 5.09
C PHE G 312 52.61 23.89 4.72
N SER G 313 53.63 23.88 5.58
CA SER G 313 54.89 24.59 5.31
C SER G 313 55.64 24.02 4.11
N GLU G 315 53.64 23.20 1.52
CA GLU G 315 52.74 23.61 0.46
C GLU G 315 52.97 25.06 0.03
N LYS G 316 53.20 25.95 1.00
CA LYS G 316 53.46 27.35 0.68
C LYS G 316 54.74 27.47 -0.15
N THR G 317 55.76 26.73 0.24
CA THR G 317 57.03 26.73 -0.48
C THR G 317 56.83 26.27 -1.91
N TYR G 318 55.98 25.26 -2.09
CA TYR G 318 55.75 24.70 -3.41
C TYR G 318 54.96 25.70 -4.27
N LEU G 319 54.00 26.41 -3.69
CA LEU G 319 53.25 27.43 -4.43
C LEU G 319 54.10 28.61 -4.86
N ILE G 320 54.93 29.09 -3.95
CA ILE G 320 55.78 30.25 -4.21
C ILE G 320 56.76 29.91 -5.33
N LYS G 321 57.27 28.69 -5.34
CA LYS G 321 58.07 28.24 -6.47
C LYS G 321 57.24 28.29 -7.76
N GLN G 322 56.02 27.76 -7.68
CA GLN G 322 55.13 27.70 -8.83
C GLN G 322 54.74 29.08 -9.37
N ILE G 323 54.31 29.97 -8.48
CA ILE G 323 53.91 31.32 -8.89
C ILE G 323 55.10 32.08 -9.48
N ARG G 324 56.29 31.85 -8.91
CA ARG G 324 57.52 32.43 -9.47
C ARG G 324 57.77 31.97 -10.89
N ASP G 325 57.49 30.71 -11.18
CA ASP G 325 57.91 30.11 -12.43
C ASP G 325 56.84 30.15 -13.52
N LEU G 326 55.76 30.88 -13.26
CA LEU G 326 54.70 31.07 -14.25
C LEU G 326 55.22 31.98 -15.37
N LYS G 327 54.85 31.69 -16.61
CA LYS G 327 55.30 32.50 -17.74
C LYS G 327 54.21 32.58 -18.81
N ALA H 4 52.56 57.79 36.93
CA ALA H 4 52.61 56.35 36.66
C ALA H 4 51.23 55.72 36.85
N PRO H 5 50.85 54.82 35.93
CA PRO H 5 49.52 54.19 35.90
C PRO H 5 49.18 53.51 37.21
N ALA H 6 50.12 52.72 37.73
CA ALA H 6 49.92 52.01 39.00
C ALA H 6 49.68 53.01 40.13
N ASP H 7 50.42 54.11 40.10
CA ASP H 7 50.30 55.16 41.09
C ASP H 7 49.02 55.96 40.90
N ILE H 8 48.64 56.17 39.64
CA ILE H 8 47.44 56.93 39.31
C ILE H 8 46.17 56.26 39.79
N VAL H 9 46.08 54.95 39.57
CA VAL H 9 44.90 54.17 39.96
C VAL H 9 44.65 54.13 41.47
N LYS H 10 45.70 53.90 42.25
CA LYS H 10 45.54 53.75 43.70
C LYS H 10 45.18 55.03 44.44
N ASN H 11 45.78 56.15 44.07
CA ASN H 11 45.47 57.40 44.74
C ASN H 11 44.02 57.80 44.44
N LEU H 12 43.55 57.41 43.27
CA LEU H 12 42.14 57.60 42.92
C LEU H 12 41.28 56.74 43.82
N LYS H 13 41.69 55.48 43.95
CA LYS H 13 41.04 54.53 44.84
C LYS H 13 41.02 55.03 46.28
N ASP H 14 42.19 55.45 46.77
CA ASP H 14 42.32 55.94 48.14
C ASP H 14 41.45 57.18 48.35
N ASN H 15 41.33 58.00 47.30
CA ASN H 15 40.55 59.22 47.38
C ASN H 15 39.07 58.92 47.26
N MET H 16 38.74 57.90 46.47
CA MET H 16 37.35 57.47 46.34
C MET H 16 36.82 56.91 47.66
N THR H 17 37.66 56.18 48.38
CA THR H 17 37.29 55.68 49.71
C THR H 17 36.92 56.84 50.62
N ILE H 18 37.77 57.86 50.62
CA ILE H 18 37.53 59.06 51.42
C ILE H 18 36.19 59.69 51.09
N LEU H 19 35.82 59.66 49.80
CA LEU H 19 34.57 60.26 49.35
C LEU H 19 33.34 59.48 49.82
N GLU H 20 33.52 58.20 50.13
CA GLU H 20 32.39 57.39 50.58
C GLU H 20 32.04 57.76 52.01
N LYS H 21 33.01 58.36 52.70
CA LYS H 21 32.82 58.87 54.05
C LYS H 21 32.11 60.22 54.03
N LYS H 27 36.52 70.41 54.22
CA LYS H 27 37.49 70.94 53.27
C LYS H 27 38.40 69.83 52.75
N LYS H 28 38.56 68.77 53.53
CA LYS H 28 39.36 67.63 53.11
C LYS H 28 38.58 66.78 52.11
N ALA H 29 37.26 66.96 52.11
CA ALA H 29 36.38 66.26 51.19
C ALA H 29 36.58 66.87 49.81
N GLU H 30 36.76 68.18 49.78
CA GLU H 30 36.98 68.92 48.56
C GLU H 30 38.27 68.48 47.89
N LYS H 31 39.30 68.29 48.71
CA LYS H 31 40.61 67.91 48.20
C LYS H 31 40.58 66.49 47.64
N ALA H 32 39.70 65.66 48.17
CA ALA H 32 39.55 64.29 47.68
C ALA H 32 38.84 64.30 46.32
N SER H 33 37.77 65.08 46.22
CA SER H 33 37.05 65.23 44.96
C SER H 33 37.95 65.82 43.88
N GLU H 34 38.76 66.80 44.27
CA GLU H 34 39.72 67.43 43.38
C GLU H 34 40.78 66.44 42.95
N GLU H 35 41.14 65.52 43.84
CA GLU H 35 42.16 64.53 43.57
C GLU H 35 41.60 63.44 42.67
N VAL H 36 40.28 63.28 42.68
CA VAL H 36 39.63 62.31 41.81
C VAL H 36 39.65 62.72 40.34
N SER H 37 39.22 63.95 40.07
CA SER H 37 39.23 64.48 38.71
C SER H 37 40.64 64.59 38.16
N LYS H 38 41.55 65.05 39.01
CA LYS H 38 42.96 65.13 38.66
C LYS H 38 43.49 63.75 38.29
N SER H 39 42.98 62.73 38.97
CA SER H 39 43.37 61.35 38.70
C SER H 39 42.67 60.82 37.46
N LEU H 40 41.41 61.23 37.28
CA LEU H 40 40.65 60.84 36.10
C LEU H 40 41.19 61.47 34.81
N LEU H 41 41.67 62.70 34.92
CA LEU H 41 42.21 63.42 33.76
C LEU H 41 43.53 62.83 33.25
N SER H 42 44.38 62.38 34.16
CA SER H 42 45.67 61.82 33.77
C SER H 42 45.52 60.44 33.16
N MET H 43 44.45 59.74 33.53
CA MET H 43 44.17 58.44 32.95
C MET H 43 43.82 58.59 31.48
N LYS H 44 43.04 59.62 31.18
CA LYS H 44 42.68 59.92 29.80
C LYS H 44 43.95 60.31 29.03
N GLU H 45 44.79 61.12 29.66
CA GLU H 45 46.08 61.50 29.11
C GLU H 45 46.87 60.23 28.79
N ILE H 46 46.77 59.26 29.69
CA ILE H 46 47.40 57.94 29.50
C ILE H 46 46.77 57.18 28.34
N LEU H 47 45.44 57.24 28.25
CA LEU H 47 44.69 56.48 27.23
C LEU H 47 45.01 56.88 25.80
N TYR H 48 45.32 58.15 25.57
CA TYR H 48 45.53 58.61 24.21
C TYR H 48 46.99 58.97 23.96
N GLY H 49 47.71 58.00 23.41
CA GLY H 49 49.12 58.13 23.10
C GLY H 49 49.89 56.87 23.46
CA GLN H 56 52.70 54.27 24.77
C GLN H 56 51.77 53.08 24.99
N THR H 57 51.89 52.08 24.11
CA THR H 57 50.97 50.95 24.10
C THR H 57 50.99 50.19 25.42
N GLU H 58 52.18 49.93 25.94
CA GLU H 58 52.34 49.12 27.13
C GLU H 58 51.94 49.89 28.38
N ALA H 59 52.14 51.20 28.35
CA ALA H 59 51.71 52.05 29.46
C ALA H 59 50.19 52.06 29.54
N VAL H 60 49.54 52.08 28.37
CA VAL H 60 48.09 52.00 28.30
C VAL H 60 47.59 50.63 28.72
N ALA H 61 48.31 49.59 28.32
CA ALA H 61 47.97 48.21 28.70
C ALA H 61 48.12 48.00 30.19
N GLN H 62 49.04 48.73 30.81
CA GLN H 62 49.30 48.60 32.23
C GLN H 62 48.17 49.22 33.05
N LEU H 63 47.70 50.39 32.62
CA LEU H 63 46.60 51.08 33.28
C LEU H 63 45.35 50.19 33.34
N ALA H 64 45.02 49.56 32.21
CA ALA H 64 43.91 48.63 32.12
C ALA H 64 44.04 47.53 33.16
N GLN H 65 45.23 46.95 33.24
CA GLN H 65 45.50 45.88 34.20
C GLN H 65 45.28 46.38 35.62
N GLU H 66 45.71 47.62 35.87
CA GLU H 66 45.57 48.20 37.20
C GLU H 66 44.09 48.45 37.51
N LEU H 67 43.32 48.79 36.48
CA LEU H 67 41.87 48.96 36.67
C LEU H 67 41.24 47.60 37.00
N TYR H 68 41.74 46.53 36.39
CA TYR H 68 41.28 45.19 36.73
C TYR H 68 41.65 44.81 38.16
N ASN H 69 42.93 44.94 38.48
CA ASN H 69 43.46 44.48 39.77
C ASN H 69 42.84 45.21 40.96
N SER H 70 42.59 46.51 40.78
CA SER H 70 42.09 47.34 41.88
C SER H 70 40.59 47.17 42.12
N GLY H 71 39.91 46.52 41.19
CA GLY H 71 38.45 46.42 41.26
C GLY H 71 37.81 47.78 41.13
N LEU H 72 38.58 48.73 40.61
CA LEU H 72 38.20 50.13 40.57
C LEU H 72 37.06 50.36 39.57
N LEU H 73 36.92 49.45 38.61
CA LEU H 73 35.83 49.52 37.66
C LEU H 73 34.49 49.39 38.38
N SER H 74 34.47 48.61 39.46
CA SER H 74 33.27 48.46 40.26
C SER H 74 33.05 49.62 41.23
N THR H 75 34.14 50.14 41.80
CA THR H 75 34.05 51.25 42.74
C THR H 75 33.54 52.51 42.05
N LEU H 76 34.10 52.81 40.88
CA LEU H 76 33.72 54.00 40.12
C LEU H 76 32.27 53.97 39.67
N VAL H 77 31.72 52.77 39.47
CA VAL H 77 30.32 52.64 39.12
C VAL H 77 29.47 52.72 40.38
N ALA H 78 29.98 52.13 41.46
CA ALA H 78 29.25 52.11 42.73
C ALA H 78 29.22 53.48 43.42
N ASP H 79 30.31 54.23 43.29
CA ASP H 79 30.41 55.54 43.93
C ASP H 79 30.36 56.66 42.92
N LEU H 80 29.68 56.43 41.81
CA LEU H 80 29.65 57.37 40.70
C LEU H 80 29.02 58.73 41.06
N GLN H 81 28.02 58.73 41.93
CA GLN H 81 27.34 59.96 42.34
C GLN H 81 28.22 60.87 43.20
N LEU H 82 29.40 60.38 43.59
CA LEU H 82 30.27 61.11 44.48
C LEU H 82 31.21 62.02 43.69
N ILE H 83 31.20 61.83 42.38
CA ILE H 83 32.11 62.51 41.47
C ILE H 83 31.47 63.76 40.87
N ASP H 84 32.29 64.75 40.49
CA ASP H 84 31.75 65.97 39.93
C ASP H 84 31.15 65.70 38.55
N PHE H 85 30.49 66.69 38.00
CA PHE H 85 29.75 66.54 36.74
C PHE H 85 30.61 66.01 35.59
N GLU H 86 31.69 66.73 35.30
CA GLU H 86 32.59 66.36 34.21
C GLU H 86 33.36 65.07 34.54
N GLY H 87 33.51 64.79 35.83
CA GLY H 87 34.21 63.59 36.27
C GLY H 87 33.42 62.32 35.99
N LYS H 88 32.11 62.37 36.22
CA LYS H 88 31.22 61.26 35.91
C LYS H 88 31.33 60.85 34.44
N LYS H 89 31.44 61.86 33.57
CA LYS H 89 31.56 61.61 32.14
C LYS H 89 32.94 61.06 31.83
N ASP H 90 33.93 61.44 32.65
CA ASP H 90 35.29 60.92 32.49
C ASP H 90 35.35 59.44 32.84
N VAL H 91 34.60 59.05 33.87
CA VAL H 91 34.54 57.65 34.25
C VAL H 91 33.90 56.80 33.17
N ALA H 92 32.80 57.30 32.61
CA ALA H 92 32.09 56.60 31.54
C ALA H 92 32.96 56.41 30.31
N GLN H 93 33.65 57.48 29.91
CA GLN H 93 34.53 57.45 28.74
C GLN H 93 35.71 56.50 28.94
N ILE H 94 36.35 56.59 30.10
CA ILE H 94 37.47 55.70 30.41
C ILE H 94 37.00 54.26 30.43
N PHE H 95 35.90 54.01 31.13
CA PHE H 95 35.25 52.71 31.14
C PHE H 95 35.06 52.18 29.72
N ASN H 96 34.46 53.00 28.86
CA ASN H 96 34.12 52.59 27.51
C ASN H 96 35.36 52.38 26.65
N ASP H 97 36.45 53.07 26.98
CA ASP H 97 37.72 52.87 26.29
C ASP H 97 38.28 51.50 26.64
N ILE H 98 38.40 51.26 27.94
CA ILE H 98 38.94 50.00 28.45
C ILE H 98 38.10 48.80 28.01
N LEU H 99 36.79 49.03 27.90
CA LEU H 99 35.85 47.98 27.50
C LEU H 99 36.07 47.46 26.07
N ARG H 100 36.46 48.34 25.16
CA ARG H 100 36.59 47.96 23.75
C ARG H 100 37.97 47.41 23.42
N ARG H 101 38.86 47.39 24.42
CA ARG H 101 40.23 46.94 24.24
C ARG H 101 40.28 45.49 23.75
N GLN H 102 41.17 45.24 22.78
CA GLN H 102 41.31 43.90 22.22
C GLN H 102 42.75 43.44 22.36
N ILE H 103 42.95 42.15 22.65
CA ILE H 103 44.27 41.53 22.62
C ILE H 103 44.24 40.29 21.75
N GLY H 104 44.48 40.46 20.46
CA GLY H 104 44.31 39.39 19.50
C GLY H 104 42.82 39.19 19.29
N THR H 105 42.36 37.94 19.33
CA THR H 105 40.94 37.67 19.19
C THR H 105 40.25 37.74 20.55
N ARG H 106 40.92 38.37 21.52
CA ARG H 106 40.40 38.47 22.87
C ARG H 106 39.91 39.86 23.22
N THR H 107 38.88 39.90 24.05
CA THR H 107 38.39 41.16 24.62
C THR H 107 38.45 41.02 26.13
N PRO H 108 39.62 41.31 26.71
CA PRO H 108 39.94 41.10 28.13
C PRO H 108 38.92 41.67 29.11
N THR H 109 38.44 42.89 28.87
CA THR H 109 37.52 43.55 29.79
C THR H 109 36.17 42.84 29.85
N VAL H 110 35.73 42.31 28.73
CA VAL H 110 34.47 41.56 28.69
C VAL H 110 34.59 40.30 29.52
N GLU H 111 35.71 39.61 29.34
CA GLU H 111 36.02 38.40 30.11
C GLU H 111 36.07 38.72 31.59
N TYR H 112 36.61 39.89 31.91
CA TYR H 112 36.70 40.37 33.27
C TYR H 112 35.33 40.67 33.87
N LEU H 113 34.48 41.37 33.11
CA LEU H 113 33.17 41.76 33.60
C LEU H 113 32.26 40.56 33.89
N CYS H 114 32.58 39.42 33.27
CA CYS H 114 31.80 38.20 33.47
C CYS H 114 32.05 37.59 34.84
N THR H 115 33.19 37.91 35.44
CA THR H 115 33.51 37.46 36.79
C THR H 115 33.19 38.59 37.76
N GLN H 116 32.77 39.72 37.21
CA GLN H 116 32.52 40.92 37.97
C GLN H 116 31.18 41.51 37.54
N GLN H 117 30.12 40.71 37.65
CA GLN H 117 28.84 41.02 37.02
C GLN H 117 28.02 42.09 37.73
N ASN H 118 28.35 42.41 38.97
CA ASN H 118 27.58 43.41 39.70
C ASN H 118 27.72 44.79 39.06
N ILE H 119 28.81 44.98 38.31
CA ILE H 119 29.02 46.21 37.57
C ILE H 119 27.86 46.48 36.60
N LEU H 120 27.44 45.47 35.86
CA LEU H 120 26.30 45.63 34.95
C LEU H 120 25.01 45.89 35.75
N PHE H 121 24.84 45.16 36.85
CA PHE H 121 23.66 45.32 37.68
C PHE H 121 23.65 46.67 38.40
N MET H 122 24.82 47.22 38.70
CA MET H 122 24.88 48.55 39.32
C MET H 122 24.90 49.63 38.24
N LEU H 123 24.58 49.23 37.01
CA LEU H 123 24.50 50.18 35.91
C LEU H 123 23.07 50.28 35.43
N LEU H 124 22.38 49.14 35.46
CA LEU H 124 20.95 49.10 35.14
C LEU H 124 20.11 49.73 36.23
N LYS H 125 20.49 49.47 37.48
CA LYS H 125 19.79 50.03 38.63
C LYS H 125 20.10 51.53 38.74
N GLY H 126 21.16 51.94 38.05
CA GLY H 126 21.57 53.34 38.01
C GLY H 126 20.58 54.29 37.37
N TYR H 127 19.59 53.75 36.67
CA TYR H 127 18.57 54.56 36.03
C TYR H 127 17.66 55.23 37.07
N GLU H 128 17.75 54.77 38.31
CA GLU H 128 16.93 55.32 39.39
C GLU H 128 17.65 56.43 40.14
N SER H 129 18.79 56.86 39.62
CA SER H 129 19.54 57.96 40.20
C SER H 129 19.83 58.98 39.12
N PRO H 130 18.96 59.99 39.02
CA PRO H 130 18.93 61.01 37.96
C PRO H 130 20.26 61.71 37.71
N ASP H 131 21.11 61.76 38.74
CA ASP H 131 22.39 62.44 38.63
C ASP H 131 23.43 61.62 37.85
N ILE H 132 23.17 60.32 37.71
CA ILE H 132 24.12 59.42 37.06
C ILE H 132 23.53 58.45 36.04
N ALA H 133 22.20 58.48 35.90
CA ALA H 133 21.50 57.53 35.02
C ALA H 133 22.06 57.53 33.60
N LEU H 134 22.16 58.71 33.00
CA LEU H 134 22.66 58.84 31.64
C LEU H 134 24.09 58.35 31.50
N ASN H 135 24.90 58.57 32.54
CA ASN H 135 26.27 58.07 32.53
C ASN H 135 26.28 56.56 32.50
N CYS H 136 25.49 55.96 33.39
CA CYS H 136 25.36 54.52 33.48
C CYS H 136 24.83 53.90 32.19
N GLY H 137 23.82 54.55 31.61
CA GLY H 137 23.24 54.10 30.36
C GLY H 137 24.22 54.02 29.21
N ILE H 138 25.11 55.00 29.13
CA ILE H 138 26.12 55.03 28.07
C ILE H 138 27.07 53.86 28.21
N MET H 139 27.51 53.61 29.44
CA MET H 139 28.40 52.50 29.72
C MET H 139 27.69 51.17 29.55
N LEU H 140 26.41 51.14 29.92
CA LEU H 140 25.62 49.92 29.81
C LEU H 140 25.42 49.49 28.36
N ARG H 141 25.19 50.46 27.48
CA ARG H 141 25.04 50.16 26.06
C ARG H 141 26.33 49.69 25.43
N GLU H 142 27.45 50.20 25.94
CA GLU H 142 28.75 49.77 25.44
C GLU H 142 29.06 48.35 25.89
N CYS H 143 28.62 48.00 27.09
CA CYS H 143 28.75 46.63 27.58
C CYS H 143 27.97 45.64 26.73
N ILE H 144 26.69 45.94 26.50
CA ILE H 144 25.80 45.00 25.82
C ILE H 144 26.10 44.85 24.34
N ARG H 145 27.04 45.63 23.84
CA ARG H 145 27.58 45.43 22.49
C ARG H 145 28.20 44.05 22.39
N HIS H 146 28.73 43.56 23.51
CA HIS H 146 29.30 42.22 23.57
C HIS H 146 28.24 41.23 24.04
N GLU H 147 28.14 40.09 23.35
CA GLU H 147 27.07 39.13 23.60
C GLU H 147 27.04 38.57 25.04
N PRO H 148 28.22 38.21 25.61
CA PRO H 148 28.14 37.72 26.98
C PRO H 148 27.59 38.75 27.95
N LEU H 149 27.91 40.02 27.73
CA LEU H 149 27.42 41.10 28.58
C LEU H 149 25.94 41.36 28.31
N ALA H 150 25.52 41.21 27.05
CA ALA H 150 24.11 41.34 26.72
C ALA H 150 23.31 40.20 27.32
N LYS H 151 23.87 38.99 27.26
CA LYS H 151 23.21 37.81 27.80
C LYS H 151 22.93 37.94 29.30
N ILE H 152 23.96 38.29 30.07
CA ILE H 152 23.81 38.48 31.52
C ILE H 152 22.69 39.47 31.82
N THR H 153 22.66 40.56 31.06
CA THR H 153 21.67 41.61 31.24
C THR H 153 20.26 41.18 30.85
N LEU H 154 20.11 40.68 29.63
CA LEU H 154 18.81 40.29 29.10
C LEU H 154 18.12 39.19 29.91
N CYS H 155 18.88 38.23 30.41
CA CYS H 155 18.30 37.05 31.03
C CYS H 155 18.15 37.19 32.54
N SER H 156 18.63 38.31 33.08
CA SER H 156 18.42 38.58 34.50
C SER H 156 16.97 39.00 34.73
N GLU H 157 16.49 38.80 35.95
CA GLU H 157 15.12 39.16 36.32
C GLU H 157 14.98 40.69 36.27
N GLN H 158 16.12 41.37 36.37
CA GLN H 158 16.15 42.83 36.43
C GLN H 158 15.98 43.47 35.07
N PHE H 159 15.94 42.65 34.02
CA PHE H 159 15.67 43.13 32.68
C PHE H 159 14.33 43.86 32.61
N TYR H 160 13.36 43.37 33.37
CA TYR H 160 12.01 43.92 33.38
C TYR H 160 11.94 45.31 34.02
N ASP H 161 13.01 45.74 34.67
CA ASP H 161 13.08 47.09 35.22
C ASP H 161 12.97 48.11 34.09
N PHE H 162 13.37 47.69 32.90
CA PHE H 162 13.30 48.53 31.71
C PHE H 162 11.87 48.99 31.42
N PHE H 163 10.92 48.08 31.59
CA PHE H 163 9.52 48.38 31.37
C PHE H 163 9.06 49.53 32.26
N ARG H 164 9.64 49.61 33.46
CA ARG H 164 9.36 50.73 34.35
C ARG H 164 10.16 51.94 33.87
N TYR H 165 11.39 51.69 33.44
CA TYR H 165 12.32 52.75 33.04
C TYR H 165 11.89 53.49 31.77
N VAL H 166 11.17 52.82 30.88
CA VAL H 166 10.82 53.43 29.61
C VAL H 166 9.59 54.32 29.70
N GLU H 167 8.77 54.12 30.72
CA GLU H 167 7.56 54.92 30.91
C GLU H 167 7.82 56.13 31.81
N THR H 170 10.94 62.05 33.13
CA THR H 170 12.13 62.59 32.47
C THR H 170 12.36 61.95 31.11
N PHE H 171 11.92 62.64 30.05
CA PHE H 171 11.94 62.05 28.71
C PHE H 171 13.33 62.04 28.08
N ASP H 172 14.36 62.27 28.91
CA ASP H 172 15.74 62.14 28.48
C ASP H 172 16.30 60.82 28.99
N ILE H 173 15.83 60.43 30.18
CA ILE H 173 16.17 59.16 30.78
C ILE H 173 15.48 58.01 30.06
N ALA H 174 14.17 58.16 29.86
CA ALA H 174 13.38 57.16 29.15
C ALA H 174 13.92 56.95 27.74
N SER H 175 14.30 58.05 27.08
CA SER H 175 14.86 57.98 25.74
C SER H 175 16.17 57.19 25.71
N ASP H 176 16.96 57.31 26.78
CA ASP H 176 18.21 56.58 26.85
C ASP H 176 17.95 55.13 27.24
N ALA H 177 17.05 54.93 28.19
CA ALA H 177 16.66 53.59 28.62
C ALA H 177 16.03 52.79 27.49
N PHE H 178 15.26 53.45 26.63
CA PHE H 178 14.64 52.74 25.52
C PHE H 178 15.68 52.40 24.47
N ALA H 179 16.70 53.26 24.34
CA ALA H 179 17.78 52.99 23.40
C ALA H 179 18.51 51.70 23.76
N THR H 180 18.68 51.47 25.06
CA THR H 180 19.35 50.27 25.56
C THR H 180 18.43 49.06 25.49
N PHE H 181 17.20 49.24 25.96
CA PHE H 181 16.13 48.25 25.84
C PHE H 181 16.02 47.73 24.41
N LYS H 182 15.97 48.68 23.49
CA LYS H 182 15.87 48.41 22.06
C LYS H 182 17.11 47.71 21.52
N ASP H 183 18.28 48.12 22.01
CA ASP H 183 19.54 47.55 21.56
C ASP H 183 19.63 46.07 21.94
N LEU H 184 19.30 45.78 23.20
CA LEU H 184 19.29 44.42 23.71
C LEU H 184 18.40 43.46 22.91
N LEU H 185 17.29 43.98 22.40
CA LEU H 185 16.33 43.15 21.68
C LEU H 185 16.63 43.01 20.19
N THR H 186 17.62 43.75 19.68
CA THR H 186 17.86 43.78 18.24
C THR H 186 19.30 43.50 17.82
N ARG H 187 20.28 43.85 18.64
CA ARG H 187 21.68 43.72 18.25
C ARG H 187 22.16 42.28 18.10
N HIS H 188 21.99 41.49 19.15
CA HIS H 188 22.39 40.08 19.11
C HIS H 188 21.19 39.21 18.79
N LYS H 189 21.04 38.92 17.50
CA LYS H 189 19.85 38.29 16.96
C LYS H 189 19.50 36.95 17.59
N VAL H 190 20.48 36.06 17.66
CA VAL H 190 20.22 34.71 18.15
C VAL H 190 19.83 34.75 19.61
N LEU H 191 20.59 35.49 20.41
CA LEU H 191 20.31 35.66 21.84
C LEU H 191 18.92 36.25 22.08
N SER H 192 18.60 37.33 21.37
CA SER H 192 17.30 37.98 21.51
C SER H 192 16.16 37.05 21.12
N ALA H 193 16.40 36.23 20.11
CA ALA H 193 15.39 35.31 19.62
C ALA H 193 15.19 34.18 20.62
N GLU H 194 16.28 33.74 21.22
CA GLU H 194 16.25 32.70 22.23
C GLU H 194 15.42 33.15 23.42
N PHE H 195 15.64 34.40 23.83
CA PHE H 195 14.95 34.98 24.98
C PHE H 195 13.44 35.08 24.79
N LEU H 196 13.02 35.58 23.62
CA LEU H 196 11.61 35.84 23.36
C LEU H 196 10.76 34.59 23.31
N GLU H 197 11.28 33.53 22.68
CA GLU H 197 10.53 32.27 22.59
C GLU H 197 10.32 31.67 23.97
N GLN H 198 11.37 31.62 24.77
CA GLN H 198 11.28 31.03 26.09
C GLN H 198 10.46 31.91 27.03
N HIS H 199 10.51 33.23 26.79
CA HIS H 199 9.83 34.18 27.69
C HIS H 199 8.74 34.98 27.00
N TYR H 200 8.05 34.38 26.02
CA TYR H 200 7.00 35.08 25.28
C TYR H 200 5.95 35.72 26.18
N ASP H 201 5.14 34.88 26.83
CA ASP H 201 3.99 35.35 27.59
C ASP H 201 4.30 36.47 28.58
N ARG H 202 5.43 36.39 29.27
CA ARG H 202 5.73 37.45 30.24
C ARG H 202 6.23 38.71 29.55
N PHE H 203 7.12 38.54 28.57
CA PHE H 203 7.67 39.70 27.87
C PHE H 203 6.59 40.51 27.18
N PHE H 204 5.73 39.84 26.40
CA PHE H 204 4.70 40.56 25.65
C PHE H 204 3.51 41.00 26.50
N SER H 205 3.29 40.37 27.65
CA SER H 205 2.28 40.85 28.59
C SER H 205 2.74 42.17 29.19
N GLU H 206 4.06 42.33 29.30
CA GLU H 206 4.61 43.58 29.79
C GLU H 206 4.71 44.58 28.64
N TYR H 207 4.86 44.05 27.43
CA TYR H 207 5.00 44.89 26.25
C TYR H 207 3.68 45.50 25.80
N GLU H 208 2.57 44.77 25.97
CA GLU H 208 1.26 45.29 25.62
C GLU H 208 0.94 46.56 26.40
N LYS H 209 1.36 46.59 27.66
CA LYS H 209 1.16 47.78 28.49
C LYS H 209 1.93 48.96 27.94
N LEU H 210 3.05 48.68 27.26
CA LEU H 210 3.84 49.74 26.62
C LEU H 210 3.05 50.31 25.45
N LEU H 211 2.17 49.48 24.90
CA LEU H 211 1.34 49.87 23.77
C LEU H 211 0.09 50.61 24.24
N HIS H 212 -0.02 50.80 25.56
CA HIS H 212 -1.12 51.55 26.14
C HIS H 212 -0.57 52.79 26.86
N SER H 213 0.63 53.19 26.46
CA SER H 213 1.35 54.27 27.12
C SER H 213 0.62 55.61 27.09
N GLU H 214 0.69 56.34 28.19
CA GLU H 214 0.21 57.71 28.24
C GLU H 214 1.17 58.62 27.48
N ASN H 215 2.46 58.33 27.61
CA ASN H 215 3.48 59.04 26.86
C ASN H 215 3.43 58.67 25.40
N TYR H 216 3.21 59.68 24.56
CA TYR H 216 3.10 59.47 23.12
C TYR H 216 4.43 58.94 22.57
N VAL H 217 5.52 59.52 23.03
CA VAL H 217 6.86 59.14 22.58
C VAL H 217 7.11 57.65 22.82
N THR H 218 6.66 57.14 23.95
CA THR H 218 6.83 55.74 24.30
C THR H 218 5.96 54.83 23.42
N LYS H 219 4.75 55.29 23.13
CA LYS H 219 3.81 54.53 22.31
C LYS H 219 4.33 54.33 20.88
N ARG H 220 4.80 55.41 20.28
CA ARG H 220 5.35 55.36 18.92
C ARG H 220 6.60 54.50 18.83
N GLN H 221 7.52 54.72 19.76
CA GLN H 221 8.81 54.02 19.74
C GLN H 221 8.67 52.52 20.02
N SER H 222 7.71 52.15 20.86
CA SER H 222 7.43 50.75 21.13
C SER H 222 6.81 50.05 19.94
N LEU H 223 5.86 50.73 19.29
CA LEU H 223 5.18 50.20 18.12
C LEU H 223 6.15 49.97 16.97
N LYS H 224 7.01 50.96 16.74
CA LYS H 224 8.00 50.89 15.68
C LYS H 224 8.97 49.74 15.95
N LEU H 225 9.28 49.52 17.23
CA LEU H 225 10.17 48.43 17.62
C LEU H 225 9.52 47.08 17.43
N LEU H 226 8.24 46.98 17.78
CA LEU H 226 7.48 45.74 17.61
C LEU H 226 7.47 45.25 16.17
N GLY H 227 7.26 46.18 15.24
CA GLY H 227 7.26 45.86 13.82
C GLY H 227 8.57 45.29 13.35
N GLU H 228 9.66 45.92 13.75
CA GLU H 228 11.00 45.47 13.38
C GLU H 228 11.24 44.06 13.93
N LEU H 229 10.72 43.80 15.12
CA LEU H 229 10.84 42.49 15.73
C LEU H 229 10.12 41.41 14.93
N LEU H 230 8.89 41.70 14.51
CA LEU H 230 8.10 40.73 13.76
C LEU H 230 8.61 40.44 12.35
N LEU H 231 9.39 41.36 11.79
CA LEU H 231 9.87 41.19 10.43
C LEU H 231 11.23 40.51 10.40
N ASP H 232 11.98 40.67 11.48
CA ASP H 232 13.34 40.15 11.52
C ASP H 232 13.28 38.64 11.63
N ARG H 233 14.14 37.97 10.87
CA ARG H 233 14.27 36.52 10.93
C ARG H 233 14.69 36.20 12.38
N HIS H 234 14.88 34.91 12.70
CA HIS H 234 15.32 34.44 14.02
C HIS H 234 14.12 34.45 14.96
N ASN H 235 13.21 35.39 14.74
CA ASN H 235 12.05 35.60 15.59
C ASN H 235 10.77 35.00 15.01
N PHE H 236 10.93 34.14 14.00
CA PHE H 236 9.79 33.59 13.26
C PHE H 236 8.76 32.94 14.17
N THR H 237 9.22 32.13 15.10
CA THR H 237 8.34 31.41 16.02
C THR H 237 7.55 32.39 16.89
N ILE H 238 8.12 33.57 17.12
CA ILE H 238 7.50 34.59 17.94
C ILE H 238 6.51 35.39 17.10
N MET H 239 6.85 35.58 15.82
CA MET H 239 5.99 36.28 14.89
C MET H 239 4.73 35.47 14.61
N THR H 240 4.91 34.17 14.41
CA THR H 240 3.79 33.27 14.18
C THR H 240 2.81 33.31 15.35
N LYS H 241 3.35 33.23 16.56
CA LYS H 241 2.52 33.30 17.76
C LYS H 241 1.83 34.65 17.93
N TYR H 242 2.52 35.74 17.58
CA TYR H 242 1.98 37.06 17.78
C TYR H 242 0.76 37.31 16.91
N ILE H 243 0.91 37.06 15.61
CA ILE H 243 -0.14 37.32 14.64
C ILE H 243 -1.13 36.17 14.55
N SER H 244 -1.20 35.37 15.61
CA SER H 244 -2.17 34.29 15.71
C SER H 244 -3.23 34.57 16.77
N LYS H 245 -3.03 35.65 17.53
CA LYS H 245 -3.94 36.00 18.62
C LYS H 245 -4.89 37.11 18.19
N PRO H 246 -6.20 36.86 18.32
CA PRO H 246 -7.26 37.80 17.95
C PRO H 246 -7.14 39.20 18.58
N GLU H 247 -6.84 39.27 19.88
CA GLU H 247 -6.75 40.55 20.57
C GLU H 247 -5.56 41.42 20.13
N ASN H 248 -4.49 40.79 19.68
CA ASN H 248 -3.36 41.56 19.19
C ASN H 248 -3.70 42.22 17.85
N LEU H 249 -4.43 41.49 17.01
CA LEU H 249 -4.92 42.04 15.74
C LEU H 249 -5.88 43.20 15.93
N LYS H 250 -6.84 43.02 16.82
CA LYS H 250 -7.85 44.04 17.10
C LYS H 250 -7.23 45.33 17.61
N LEU H 251 -6.08 45.23 18.28
CA LEU H 251 -5.41 46.39 18.81
C LEU H 251 -4.68 47.18 17.73
N MET H 252 -4.06 46.47 16.78
CA MET H 252 -3.34 47.15 15.70
C MET H 252 -4.31 47.82 14.75
N MET H 253 -5.45 47.17 14.52
CA MET H 253 -6.51 47.76 13.71
C MET H 253 -7.13 48.94 14.44
N ASN H 254 -7.05 48.91 15.77
CA ASN H 254 -7.58 49.97 16.60
C ASN H 254 -6.61 51.14 16.67
N LEU H 255 -5.32 50.84 16.57
CA LEU H 255 -4.29 51.87 16.58
C LEU H 255 -4.23 52.52 15.20
N LEU H 256 -4.90 51.89 14.24
CA LEU H 256 -5.05 52.46 12.91
C LEU H 256 -5.94 53.69 12.98
N ARG H 257 -6.87 53.70 13.92
CA ARG H 257 -7.82 54.79 14.07
C ARG H 257 -7.44 55.80 15.16
N ASP H 258 -6.20 55.72 15.64
CA ASP H 258 -5.73 56.62 16.68
C ASP H 258 -5.73 58.07 16.18
N LYS H 259 -5.78 59.02 17.11
CA LYS H 259 -5.76 60.43 16.75
C LYS H 259 -4.47 60.85 16.05
N SER H 260 -3.35 60.25 16.43
CA SER H 260 -2.04 60.65 15.91
C SER H 260 -1.69 59.96 14.60
N ARG H 261 -1.35 60.75 13.58
CA ARG H 261 -0.96 60.24 12.28
C ARG H 261 0.23 59.27 12.34
N ASN H 262 1.18 59.55 13.22
CA ASN H 262 2.39 58.73 13.32
C ASN H 262 2.18 57.40 14.06
N ILE H 263 1.26 57.39 15.02
CA ILE H 263 0.92 56.16 15.73
C ILE H 263 0.24 55.18 14.78
N GLN H 264 -0.68 55.70 13.98
CA GLN H 264 -1.36 54.92 12.95
C GLN H 264 -0.34 54.26 12.03
N PHE H 265 0.65 55.04 11.63
CA PHE H 265 1.66 54.60 10.67
C PHE H 265 2.56 53.49 11.20
N GLU H 266 2.96 53.59 12.47
CA GLU H 266 3.80 52.54 13.05
C GLU H 266 2.96 51.29 13.28
N ALA H 267 1.70 51.50 13.62
CA ALA H 267 0.75 50.40 13.77
C ALA H 267 0.58 49.67 12.45
N PHE H 268 0.66 50.43 11.36
CA PHE H 268 0.57 49.87 10.00
C PHE H 268 1.61 48.80 9.75
N HIS H 269 2.83 49.04 10.22
CA HIS H 269 3.94 48.14 9.93
C HIS H 269 3.85 46.88 10.79
N VAL H 270 2.94 46.93 11.75
CA VAL H 270 2.61 45.76 12.54
C VAL H 270 1.43 45.03 11.91
N PHE H 271 0.39 45.80 11.55
CA PHE H 271 -0.79 45.29 10.88
C PHE H 271 -0.47 44.50 9.61
N LYS H 272 0.44 45.04 8.81
CA LYS H 272 0.83 44.43 7.53
C LYS H 272 1.32 42.99 7.68
N VAL H 273 1.91 42.69 8.83
CA VAL H 273 2.48 41.38 9.10
C VAL H 273 1.38 40.36 9.31
N PHE H 274 0.28 40.79 9.91
CA PHE H 274 -0.87 39.94 10.14
C PHE H 274 -1.45 39.43 8.82
N VAL H 275 -1.48 40.32 7.83
CA VAL H 275 -2.14 40.04 6.56
C VAL H 275 -1.26 39.26 5.59
N ALA H 276 0.01 39.63 5.51
CA ALA H 276 0.95 38.96 4.60
C ALA H 276 1.26 37.53 5.05
N ASN H 277 0.70 37.14 6.19
CA ASN H 277 0.84 35.79 6.72
C ASN H 277 0.12 34.76 5.87
N PRO H 278 0.87 33.79 5.32
CA PRO H 278 0.25 32.75 4.49
C PRO H 278 -0.61 31.78 5.31
N ASN H 279 -0.14 31.38 6.48
CA ASN H 279 -0.87 30.43 7.31
C ASN H 279 -1.60 31.09 8.47
N LYS H 280 -2.59 31.94 8.14
CA LYS H 280 -3.41 32.59 9.16
C LYS H 280 -4.22 31.59 9.95
N THR H 281 -4.50 31.91 11.21
CA THR H 281 -5.38 31.07 12.01
C THR H 281 -6.83 31.45 11.74
N PRO H 282 -7.75 30.48 11.88
CA PRO H 282 -9.18 30.71 11.75
C PRO H 282 -9.69 31.96 12.49
N PRO H 283 -9.31 32.17 13.77
CA PRO H 283 -9.87 33.37 14.41
C PRO H 283 -9.30 34.69 13.89
N ILE H 284 -8.12 34.63 13.27
CA ILE H 284 -7.51 35.82 12.67
C ILE H 284 -8.17 36.14 11.32
N LEU H 285 -8.35 35.11 10.51
CA LEU H 285 -8.99 35.23 9.20
C LEU H 285 -10.39 35.84 9.31
N ASP H 286 -11.13 35.43 10.34
CA ASP H 286 -12.50 35.87 10.55
C ASP H 286 -12.62 37.38 10.74
N ILE H 287 -11.71 37.95 11.52
CA ILE H 287 -11.74 39.39 11.79
C ILE H 287 -11.45 40.16 10.50
N LEU H 288 -10.56 39.60 9.69
CA LEU H 288 -10.21 40.21 8.41
C LEU H 288 -11.39 40.17 7.44
N LEU H 289 -12.07 39.03 7.38
CA LEU H 289 -13.27 38.89 6.54
C LEU H 289 -14.41 39.81 6.98
N LYS H 290 -14.71 39.81 8.29
CA LYS H 290 -15.78 40.65 8.83
C LYS H 290 -15.51 42.13 8.57
N ASN H 291 -14.25 42.47 8.39
CA ASN H 291 -13.82 43.84 8.15
C ASN H 291 -13.22 44.02 6.76
N GLN H 292 -13.42 43.03 5.89
CA GLN H 292 -12.83 43.03 4.54
C GLN H 292 -13.11 44.30 3.74
N THR H 293 -14.38 44.65 3.56
CA THR H 293 -14.72 45.82 2.77
C THR H 293 -14.32 47.08 3.55
N LYS H 294 -14.50 47.04 4.87
CA LYS H 294 -14.10 48.16 5.70
C LYS H 294 -12.59 48.40 5.63
N LEU H 295 -11.81 47.32 5.55
CA LEU H 295 -10.36 47.43 5.49
C LEU H 295 -9.90 47.88 4.11
N ILE H 296 -10.48 47.28 3.07
CA ILE H 296 -10.15 47.62 1.69
C ILE H 296 -10.44 49.10 1.43
N GLU H 297 -11.55 49.56 1.99
CA GLU H 297 -11.95 50.94 1.82
C GLU H 297 -11.00 51.87 2.57
N PHE H 298 -10.59 51.44 3.76
CA PHE H 298 -9.75 52.25 4.63
C PHE H 298 -8.34 52.46 4.08
N LEU H 299 -7.69 51.37 3.67
CA LEU H 299 -6.30 51.43 3.24
C LEU H 299 -6.13 52.10 1.87
N SER H 300 -7.24 52.30 1.16
CA SER H 300 -7.21 52.97 -0.14
C SER H 300 -7.16 54.48 0.06
N LYS H 301 -7.63 54.92 1.23
CA LYS H 301 -7.63 56.33 1.58
C LYS H 301 -6.62 56.62 2.69
N PHE H 302 -5.84 55.61 3.06
CA PHE H 302 -4.93 55.75 4.19
C PHE H 302 -3.62 56.44 3.84
N GLN H 303 -3.45 57.65 4.37
CA GLN H 303 -2.22 58.42 4.22
C GLN H 303 -1.64 58.42 2.81
N ASN H 304 -2.46 58.77 1.83
CA ASN H 304 -2.00 58.95 0.47
C ASN H 304 -1.15 60.22 0.41
N ASP H 305 -1.32 61.06 1.42
CA ASP H 305 -0.54 62.28 1.59
C ASP H 305 0.95 62.00 1.81
N ASP H 309 7.91 57.90 -0.05
CA ASP H 309 8.34 56.63 0.50
C ASP H 309 8.38 55.55 -0.59
N GLU H 310 7.30 55.47 -1.36
CA GLU H 310 7.10 54.48 -2.42
C GLU H 310 7.02 53.05 -1.90
N GLN H 311 7.87 52.70 -0.94
CA GLN H 311 7.77 51.40 -0.28
C GLN H 311 6.47 51.32 0.51
N PHE H 312 6.03 52.48 1.01
CA PHE H 312 4.78 52.59 1.74
C PHE H 312 3.60 52.47 0.78
N SER H 313 3.69 53.20 -0.33
CA SER H 313 2.66 53.14 -1.36
C SER H 313 2.55 51.74 -1.93
N ASP H 314 3.70 51.11 -2.18
CA ASP H 314 3.75 49.76 -2.72
C ASP H 314 3.25 48.72 -1.71
N GLU H 315 3.48 48.97 -0.42
CA GLU H 315 2.99 48.08 0.62
C GLU H 315 1.46 48.11 0.70
N LYS H 316 0.89 49.30 0.61
CA LYS H 316 -0.56 49.48 0.65
C LYS H 316 -1.26 48.76 -0.50
N THR H 317 -0.70 48.86 -1.70
CA THR H 317 -1.26 48.19 -2.88
C THR H 317 -1.30 46.68 -2.68
N TYR H 318 -0.25 46.13 -2.09
CA TYR H 318 -0.13 44.69 -1.85
C TYR H 318 -1.13 44.19 -0.81
N LEU H 319 -1.34 44.98 0.25
CA LEU H 319 -2.26 44.62 1.32
C LEU H 319 -3.71 44.59 0.84
N ILE H 320 -4.09 45.57 0.02
CA ILE H 320 -5.43 45.64 -0.53
C ILE H 320 -5.72 44.42 -1.39
N LYS H 321 -4.72 44.01 -2.18
CA LYS H 321 -4.77 42.78 -2.94
C LYS H 321 -4.97 41.60 -1.99
N GLN H 322 -4.22 41.61 -0.90
CA GLN H 322 -4.26 40.53 0.09
C GLN H 322 -5.63 40.36 0.74
N ILE H 323 -6.20 41.45 1.23
CA ILE H 323 -7.51 41.40 1.88
C ILE H 323 -8.59 40.98 0.89
N ARG H 324 -8.46 41.44 -0.36
CA ARG H 324 -9.37 41.07 -1.44
C ARG H 324 -9.37 39.57 -1.74
N ASP H 325 -8.20 38.95 -1.64
CA ASP H 325 -8.01 37.57 -2.08
C ASP H 325 -8.17 36.55 -0.95
N LEU H 326 -8.78 36.98 0.15
CA LEU H 326 -8.98 36.11 1.30
C LEU H 326 -9.91 34.95 0.95
#